data_6L0Y
# 
_entry.id   6L0Y 
# 
_audit_conform.dict_name       mmcif_pdbx.dic 
_audit_conform.dict_version    5.380 
_audit_conform.dict_location   http://mmcif.pdb.org/dictionaries/ascii/mmcif_pdbx.dic 
# 
loop_
_database_2.database_id 
_database_2.database_code 
_database_2.pdbx_database_accession 
_database_2.pdbx_DOI 
PDB   6L0Y         pdb_00006l0y 10.2210/pdb6l0y/pdb 
WWPDB D_1300013974 ?            ?                   
# 
_pdbx_database_related.db_name        PDB 
_pdbx_database_related.details        '6KYV contains the same RNA sequence complexed with RIG-I dCARD' 
_pdbx_database_related.db_id          6KYV 
_pdbx_database_related.content_type   unspecified 
# 
_pdbx_database_status.status_code                     REL 
_pdbx_database_status.status_code_sf                  REL 
_pdbx_database_status.status_code_mr                  ? 
_pdbx_database_status.entry_id                        6L0Y 
_pdbx_database_status.recvd_initial_deposition_date   2019-09-27 
_pdbx_database_status.SG_entry                        N 
_pdbx_database_status.deposit_site                    PDBJ 
_pdbx_database_status.process_site                    PDBJ 
_pdbx_database_status.status_code_cs                  ? 
_pdbx_database_status.methods_development_category    ? 
_pdbx_database_status.pdb_format_compatible           Y 
_pdbx_database_status.status_code_nmr_data            ? 
# 
loop_
_audit_author.name 
_audit_author.pdbx_ordinal 
_audit_author.identifier_ORCID 
'Kim, K.-H.'  1 0000-0002-2379-4654 
'Hwang, J.'   2 0000-0003-4707-4392 
'Kim, J.H.'   3 ?                   
'Son, K.-P.'  4 ?                   
'Jang, Y.'    5 ?                   
'Kim, M.'     6 ?                   
'Kang, S.-J.' 7 ?                   
'Lee, J.-O.'  8 ?                   
'Choi, B.-S.' 9 0000-0002-6875-5915 
# 
_citation.abstract                  ? 
_citation.abstract_id_CAS           ? 
_citation.book_id_ISBN              ? 
_citation.book_publisher            ? 
_citation.book_publisher_city       ? 
_citation.book_title                ? 
_citation.coordinate_linkage        ? 
_citation.country                   ? 
_citation.database_id_Medline       ? 
_citation.details                   ? 
_citation.id                        primary 
_citation.journal_abbrev            'To Be Published' 
_citation.journal_id_ASTM           ? 
_citation.journal_id_CSD            0353 
_citation.journal_id_ISSN           ? 
_citation.journal_full              ? 
_citation.journal_issue             ? 
_citation.journal_volume            ? 
_citation.language                  ? 
_citation.page_first                ? 
_citation.page_last                 ? 
_citation.title                     'Structure of dsRNA with G-U wobble base pairs' 
_citation.year                      ? 
_citation.database_id_CSD           ? 
_citation.pdbx_database_id_DOI      ? 
_citation.pdbx_database_id_PubMed   ? 
_citation.unpublished_flag          ? 
# 
loop_
_citation_author.citation_id 
_citation_author.name 
_citation_author.ordinal 
_citation_author.identifier_ORCID 
primary 'Kim, K.-H.'  1 0000-0002-2379-4654 
primary 'Hwang, J.'   2 0000-0003-4707-4392 
primary 'Kim, J.H.'   3 ?                   
primary 'Son, K.-P.'  4 ?                   
primary 'Jang, Y.'    5 ?                   
primary 'Kim, M.'     6 ?                   
primary 'Kang, S.-J.' 7 ?                   
primary 'Lee, J.-O.'  8 ?                   
primary 'Choi, B.-S.' 9 ?                   
# 
_cell.angle_alpha                  90.000 
_cell.angle_alpha_esd              ? 
_cell.angle_beta                   90.000 
_cell.angle_beta_esd               ? 
_cell.angle_gamma                  120.000 
_cell.angle_gamma_esd              ? 
_cell.entry_id                     6L0Y 
_cell.details                      ? 
_cell.formula_units_Z              ? 
_cell.length_a                     45.080 
_cell.length_a_esd                 ? 
_cell.length_b                     45.080 
_cell.length_b_esd                 ? 
_cell.length_c                     354.130 
_cell.length_c_esd                 ? 
_cell.volume                       623248.391 
_cell.volume_esd                   ? 
_cell.Z_PDB                        36 
_cell.reciprocal_angle_alpha       ? 
_cell.reciprocal_angle_beta        ? 
_cell.reciprocal_angle_gamma       ? 
_cell.reciprocal_angle_alpha_esd   ? 
_cell.reciprocal_angle_beta_esd    ? 
_cell.reciprocal_angle_gamma_esd   ? 
_cell.reciprocal_length_a          ? 
_cell.reciprocal_length_b          ? 
_cell.reciprocal_length_c          ? 
_cell.reciprocal_length_a_esd      ? 
_cell.reciprocal_length_b_esd      ? 
_cell.reciprocal_length_c_esd      ? 
_cell.pdbx_unique_axis             ? 
# 
_symmetry.entry_id                         6L0Y 
_symmetry.cell_setting                     ? 
_symmetry.Int_Tables_number                155 
_symmetry.space_group_name_Hall            
;R 3 2"
;
_symmetry.space_group_name_H-M             'H 3 2' 
_symmetry.pdbx_full_space_group_name_H-M   ? 
# 
_entity.id                         1 
_entity.type                       polymer 
_entity.src_method                 syn 
_entity.pdbx_description           
;RNA (5'-R(*GP*GP*UP*AP*GP*AP*CP*GP*CP*UP*UP*CP*GP*GP*CP*GP*UP*UP*UP*GP*CP*C)-3')
;
_entity.formula_weight             7043.186 
_entity.pdbx_number_of_molecules   2 
_entity.pdbx_ec                    ? 
_entity.pdbx_mutation              ? 
_entity.pdbx_fragment              ? 
_entity.details                    ? 
# 
_entity_poly.entity_id                      1 
_entity_poly.type                           polyribonucleotide 
_entity_poly.nstd_linkage                   no 
_entity_poly.nstd_monomer                   no 
_entity_poly.pdbx_seq_one_letter_code       GGUAGACGCUUCGGCGUUUGCC 
_entity_poly.pdbx_seq_one_letter_code_can   GGUAGACGCUUCGGCGUUUGCC 
_entity_poly.pdbx_strand_id                 A,B 
_entity_poly.pdbx_target_identifier         ? 
# 
loop_
_entity_poly_seq.entity_id 
_entity_poly_seq.num 
_entity_poly_seq.mon_id 
_entity_poly_seq.hetero 
1 1  G n 
1 2  G n 
1 3  U n 
1 4  A n 
1 5  G n 
1 6  A n 
1 7  C n 
1 8  G n 
1 9  C n 
1 10 U n 
1 11 U n 
1 12 C n 
1 13 G n 
1 14 G n 
1 15 C n 
1 16 G n 
1 17 U n 
1 18 U n 
1 19 U n 
1 20 G n 
1 21 C n 
1 22 C n 
# 
_pdbx_entity_src_syn.entity_id              1 
_pdbx_entity_src_syn.pdbx_src_id            1 
_pdbx_entity_src_syn.pdbx_alt_source_flag   sample 
_pdbx_entity_src_syn.pdbx_beg_seq_num       1 
_pdbx_entity_src_syn.pdbx_end_seq_num       22 
_pdbx_entity_src_syn.organism_scientific    'synthetic construct' 
_pdbx_entity_src_syn.organism_common_name   ? 
_pdbx_entity_src_syn.ncbi_taxonomy_id       32630 
_pdbx_entity_src_syn.details                ? 
# 
_struct_ref.id                         1 
_struct_ref.db_name                    PDB 
_struct_ref.db_code                    6L0Y 
_struct_ref.pdbx_db_accession          6L0Y 
_struct_ref.pdbx_db_isoform            ? 
_struct_ref.entity_id                  1 
_struct_ref.pdbx_seq_one_letter_code   ? 
_struct_ref.pdbx_align_begin           1 
# 
loop_
_struct_ref_seq.align_id 
_struct_ref_seq.ref_id 
_struct_ref_seq.pdbx_PDB_id_code 
_struct_ref_seq.pdbx_strand_id 
_struct_ref_seq.seq_align_beg 
_struct_ref_seq.pdbx_seq_align_beg_ins_code 
_struct_ref_seq.seq_align_end 
_struct_ref_seq.pdbx_seq_align_end_ins_code 
_struct_ref_seq.pdbx_db_accession 
_struct_ref_seq.db_align_beg 
_struct_ref_seq.pdbx_db_align_beg_ins_code 
_struct_ref_seq.db_align_end 
_struct_ref_seq.pdbx_db_align_end_ins_code 
_struct_ref_seq.pdbx_auth_seq_align_beg 
_struct_ref_seq.pdbx_auth_seq_align_end 
1 1 6L0Y A 1 ? 22 ? 6L0Y 1 ? 22 ? 1 22 
2 1 6L0Y B 1 ? 22 ? 6L0Y 1 ? 22 ? 1 22 
# 
loop_
_chem_comp.id 
_chem_comp.type 
_chem_comp.mon_nstd_flag 
_chem_comp.name 
_chem_comp.pdbx_synonyms 
_chem_comp.formula 
_chem_comp.formula_weight 
A 'RNA linking' y "ADENOSINE-5'-MONOPHOSPHATE" ? 'C10 H14 N5 O7 P' 347.221 
C 'RNA linking' y "CYTIDINE-5'-MONOPHOSPHATE"  ? 'C9 H14 N3 O8 P'  323.197 
G 'RNA linking' y "GUANOSINE-5'-MONOPHOSPHATE" ? 'C10 H14 N5 O8 P' 363.221 
U 'RNA linking' y "URIDINE-5'-MONOPHOSPHATE"   ? 'C9 H13 N2 O9 P'  324.181 
# 
_exptl.absorpt_coefficient_mu     ? 
_exptl.absorpt_correction_T_max   ? 
_exptl.absorpt_correction_T_min   ? 
_exptl.absorpt_correction_type    ? 
_exptl.absorpt_process_details    ? 
_exptl.entry_id                   6L0Y 
_exptl.crystals_number            1 
_exptl.details                    ? 
_exptl.method                     'X-RAY DIFFRACTION' 
_exptl.method_details             ? 
# 
_exptl_crystal.colour                      ? 
_exptl_crystal.density_diffrn              ? 
_exptl_crystal.density_Matthews            2.46 
_exptl_crystal.density_method              ? 
_exptl_crystal.density_percent_sol         49.96 
_exptl_crystal.description                 ? 
_exptl_crystal.F_000                       ? 
_exptl_crystal.id                          1 
_exptl_crystal.preparation                 ? 
_exptl_crystal.size_max                    ? 
_exptl_crystal.size_mid                    ? 
_exptl_crystal.size_min                    ? 
_exptl_crystal.size_rad                    ? 
_exptl_crystal.colour_lustre               ? 
_exptl_crystal.colour_modifier             ? 
_exptl_crystal.colour_primary              ? 
_exptl_crystal.density_meas                ? 
_exptl_crystal.density_meas_esd            ? 
_exptl_crystal.density_meas_gt             ? 
_exptl_crystal.density_meas_lt             ? 
_exptl_crystal.density_meas_temp           ? 
_exptl_crystal.density_meas_temp_esd       ? 
_exptl_crystal.density_meas_temp_gt        ? 
_exptl_crystal.density_meas_temp_lt        ? 
_exptl_crystal.pdbx_crystal_image_url      ? 
_exptl_crystal.pdbx_crystal_image_format   ? 
_exptl_crystal.pdbx_mosaicity              ? 
_exptl_crystal.pdbx_mosaicity_esd          ? 
# 
_exptl_crystal_grow.apparatus       ? 
_exptl_crystal_grow.atmosphere      ? 
_exptl_crystal_grow.crystal_id      1 
_exptl_crystal_grow.details         ? 
_exptl_crystal_grow.method          'VAPOR DIFFUSION, SITTING DROP' 
_exptl_crystal_grow.method_ref      ? 
_exptl_crystal_grow.pH              ? 
_exptl_crystal_grow.pressure        ? 
_exptl_crystal_grow.pressure_esd    ? 
_exptl_crystal_grow.seeding         ? 
_exptl_crystal_grow.seeding_ref     ? 
_exptl_crystal_grow.temp            293 
_exptl_crystal_grow.temp_details    ? 
_exptl_crystal_grow.temp_esd        ? 
_exptl_crystal_grow.time            ? 
_exptl_crystal_grow.pdbx_details    '30% PEG 4000, 0.2M Ammonium Sulfate' 
_exptl_crystal_grow.pdbx_pH_range   ? 
# 
_diffrn.ambient_environment              ? 
_diffrn.ambient_temp                     100 
_diffrn.ambient_temp_details             ? 
_diffrn.ambient_temp_esd                 ? 
_diffrn.crystal_id                       1 
_diffrn.crystal_support                  ? 
_diffrn.crystal_treatment                ? 
_diffrn.details                          ? 
_diffrn.id                               1 
_diffrn.ambient_pressure                 ? 
_diffrn.ambient_pressure_esd             ? 
_diffrn.ambient_pressure_gt              ? 
_diffrn.ambient_pressure_lt              ? 
_diffrn.ambient_temp_gt                  ? 
_diffrn.ambient_temp_lt                  ? 
_diffrn.pdbx_serial_crystal_experiment   N 
# 
_diffrn_detector.details                      ? 
_diffrn_detector.detector                     CCD 
_diffrn_detector.diffrn_id                    1 
_diffrn_detector.type                         'ADSC QUANTUM 270' 
_diffrn_detector.area_resol_mean              ? 
_diffrn_detector.dtime                        ? 
_diffrn_detector.pdbx_frames_total            ? 
_diffrn_detector.pdbx_collection_time_total   ? 
_diffrn_detector.pdbx_collection_date         2018-05-19 
_diffrn_detector.pdbx_frequency               ? 
# 
_diffrn_radiation.collimation                      ? 
_diffrn_radiation.diffrn_id                        1 
_diffrn_radiation.filter_edge                      ? 
_diffrn_radiation.inhomogeneity                    ? 
_diffrn_radiation.monochromator                    ? 
_diffrn_radiation.polarisn_norm                    ? 
_diffrn_radiation.polarisn_ratio                   ? 
_diffrn_radiation.probe                            ? 
_diffrn_radiation.type                             ? 
_diffrn_radiation.xray_symbol                      ? 
_diffrn_radiation.wavelength_id                    1 
_diffrn_radiation.pdbx_monochromatic_or_laue_m_l   M 
_diffrn_radiation.pdbx_wavelength_list             ? 
_diffrn_radiation.pdbx_wavelength                  ? 
_diffrn_radiation.pdbx_diffrn_protocol             'SINGLE WAVELENGTH' 
_diffrn_radiation.pdbx_analyzer                    ? 
_diffrn_radiation.pdbx_scattering_type             x-ray 
# 
_diffrn_radiation_wavelength.id           1 
_diffrn_radiation_wavelength.wavelength   0.97934 
_diffrn_radiation_wavelength.wt           1.0 
# 
_diffrn_source.current                     ? 
_diffrn_source.details                     ? 
_diffrn_source.diffrn_id                   1 
_diffrn_source.power                       ? 
_diffrn_source.size                        ? 
_diffrn_source.source                      SYNCHROTRON 
_diffrn_source.target                      ? 
_diffrn_source.type                        'PAL/PLS BEAMLINE 7A (6B, 6C1)' 
_diffrn_source.voltage                     ? 
_diffrn_source.take-off_angle              ? 
_diffrn_source.pdbx_wavelength_list        0.97934 
_diffrn_source.pdbx_wavelength             ? 
_diffrn_source.pdbx_synchrotron_beamline   '7A (6B, 6C1)' 
_diffrn_source.pdbx_synchrotron_site       PAL/PLS 
# 
_reflns.B_iso_Wilson_estimate            17.41 
_reflns.entry_id                         6L0Y 
_reflns.data_reduction_details           ? 
_reflns.data_reduction_method            ? 
_reflns.d_resolution_high                3.0 
_reflns.d_resolution_low                 23.61 
_reflns.details                          ? 
_reflns.limit_h_max                      ? 
_reflns.limit_h_min                      ? 
_reflns.limit_k_max                      ? 
_reflns.limit_k_min                      ? 
_reflns.limit_l_max                      ? 
_reflns.limit_l_min                      ? 
_reflns.number_all                       ? 
_reflns.number_obs                       3067 
_reflns.observed_criterion               ? 
_reflns.observed_criterion_F_max         ? 
_reflns.observed_criterion_F_min         ? 
_reflns.observed_criterion_I_max         ? 
_reflns.observed_criterion_I_min         ? 
_reflns.observed_criterion_sigma_F       ? 
_reflns.observed_criterion_sigma_I       ? 
_reflns.percent_possible_obs             98.74 
_reflns.R_free_details                   ? 
_reflns.Rmerge_F_all                     ? 
_reflns.Rmerge_F_obs                     ? 
_reflns.Friedel_coverage                 ? 
_reflns.number_gt                        ? 
_reflns.threshold_expression             ? 
_reflns.pdbx_redundancy                  6.4 
_reflns.pdbx_Rmerge_I_obs                0.0434 
_reflns.pdbx_Rmerge_I_all                ? 
_reflns.pdbx_Rsym_value                  ? 
_reflns.pdbx_netI_over_av_sigmaI         ? 
_reflns.pdbx_netI_over_sigmaI            30.62 
_reflns.pdbx_res_netI_over_av_sigmaI_2   ? 
_reflns.pdbx_res_netI_over_sigmaI_2      ? 
_reflns.pdbx_chi_squared                 ? 
_reflns.pdbx_scaling_rejects             ? 
_reflns.pdbx_d_res_high_opt              ? 
_reflns.pdbx_d_res_low_opt               ? 
_reflns.pdbx_d_res_opt_method            ? 
_reflns.phase_calculation_details        ? 
_reflns.pdbx_Rrim_I_all                  0.04727 
_reflns.pdbx_Rpim_I_all                  0.0184 
_reflns.pdbx_d_opt                       ? 
_reflns.pdbx_number_measured_all         ? 
_reflns.pdbx_diffrn_id                   1 
_reflns.pdbx_ordinal                     1 
_reflns.pdbx_CC_half                     1 
_reflns.pdbx_R_split                     ? 
_reflns.pdbx_CC_star                     ? 
# 
_reflns_shell.d_res_high                  3.0 
_reflns_shell.d_res_low                   3.107 
_reflns_shell.meanI_over_sigI_all         ? 
_reflns_shell.meanI_over_sigI_obs         12.26 
_reflns_shell.number_measured_all         ? 
_reflns_shell.number_measured_obs         ? 
_reflns_shell.number_possible             ? 
_reflns_shell.number_unique_all           ? 
_reflns_shell.number_unique_obs           280 
_reflns_shell.percent_possible_all        99.29 
_reflns_shell.percent_possible_obs        ? 
_reflns_shell.Rmerge_F_all                ? 
_reflns_shell.Rmerge_F_obs                ? 
_reflns_shell.Rmerge_I_all                ? 
_reflns_shell.Rmerge_I_obs                0.09942 
_reflns_shell.meanI_over_sigI_gt          ? 
_reflns_shell.meanI_over_uI_all           ? 
_reflns_shell.meanI_over_uI_gt            ? 
_reflns_shell.number_measured_gt          ? 
_reflns_shell.number_unique_gt            ? 
_reflns_shell.percent_possible_gt         ? 
_reflns_shell.Rmerge_F_gt                 ? 
_reflns_shell.Rmerge_I_gt                 ? 
_reflns_shell.pdbx_redundancy             6.7 
_reflns_shell.pdbx_Rsym_value             ? 
_reflns_shell.pdbx_chi_squared            ? 
_reflns_shell.pdbx_netI_over_sigmaI_all   ? 
_reflns_shell.pdbx_netI_over_sigmaI_obs   ? 
_reflns_shell.pdbx_Rrim_I_all             0.1081 
_reflns_shell.pdbx_Rpim_I_all             0.04166 
_reflns_shell.pdbx_rejects                ? 
_reflns_shell.pdbx_ordinal                1 
_reflns_shell.pdbx_diffrn_id              1 
_reflns_shell.pdbx_CC_half                1 
_reflns_shell.pdbx_R_split                ? 
_reflns_shell.pdbx_CC_star                ? 
# 
_refine.aniso_B[1][1]                            ? 
_refine.aniso_B[1][2]                            ? 
_refine.aniso_B[1][3]                            ? 
_refine.aniso_B[2][2]                            ? 
_refine.aniso_B[2][3]                            ? 
_refine.aniso_B[3][3]                            ? 
_refine.B_iso_max                                ? 
_refine.B_iso_mean                               31.13 
_refine.B_iso_min                                ? 
_refine.correlation_coeff_Fo_to_Fc               ? 
_refine.correlation_coeff_Fo_to_Fc_free          ? 
_refine.details                                  ? 
_refine.diff_density_max                         ? 
_refine.diff_density_max_esd                     ? 
_refine.diff_density_min                         ? 
_refine.diff_density_min_esd                     ? 
_refine.diff_density_rms                         ? 
_refine.diff_density_rms_esd                     ? 
_refine.entry_id                                 6L0Y 
_refine.pdbx_refine_id                           'X-RAY DIFFRACTION' 
_refine.ls_abs_structure_details                 ? 
_refine.ls_abs_structure_Flack                   ? 
_refine.ls_abs_structure_Flack_esd               ? 
_refine.ls_abs_structure_Rogers                  ? 
_refine.ls_abs_structure_Rogers_esd              ? 
_refine.ls_d_res_high                            3.00 
_refine.ls_d_res_low                             23.61 
_refine.ls_extinction_coef                       ? 
_refine.ls_extinction_coef_esd                   ? 
_refine.ls_extinction_expression                 ? 
_refine.ls_extinction_method                     ? 
_refine.ls_goodness_of_fit_all                   ? 
_refine.ls_goodness_of_fit_all_esd               ? 
_refine.ls_goodness_of_fit_obs                   ? 
_refine.ls_goodness_of_fit_obs_esd               ? 
_refine.ls_hydrogen_treatment                    ? 
_refine.ls_matrix_type                           ? 
_refine.ls_number_constraints                    ? 
_refine.ls_number_parameters                     ? 
_refine.ls_number_reflns_all                     ? 
_refine.ls_number_reflns_obs                     3058 
_refine.ls_number_reflns_R_free                  305 
_refine.ls_number_reflns_R_work                  ? 
_refine.ls_number_restraints                     ? 
_refine.ls_percent_reflns_obs                    99.12 
_refine.ls_percent_reflns_R_free                 9.97 
_refine.ls_R_factor_all                          ? 
_refine.ls_R_factor_obs                          0.2374 
_refine.ls_R_factor_R_free                       0.2791 
_refine.ls_R_factor_R_free_error                 ? 
_refine.ls_R_factor_R_free_error_details         ? 
_refine.ls_R_factor_R_work                       0.2324 
_refine.ls_R_Fsqd_factor_obs                     ? 
_refine.ls_R_I_factor_obs                        ? 
_refine.ls_redundancy_reflns_all                 ? 
_refine.ls_redundancy_reflns_obs                 ? 
_refine.ls_restrained_S_all                      ? 
_refine.ls_restrained_S_obs                      ? 
_refine.ls_shift_over_esd_max                    ? 
_refine.ls_shift_over_esd_mean                   ? 
_refine.ls_structure_factor_coef                 ? 
_refine.ls_weighting_details                     ? 
_refine.ls_weighting_scheme                      ? 
_refine.ls_wR_factor_all                         ? 
_refine.ls_wR_factor_obs                         ? 
_refine.ls_wR_factor_R_free                      ? 
_refine.ls_wR_factor_R_work                      ? 
_refine.occupancy_max                            ? 
_refine.occupancy_min                            ? 
_refine.solvent_model_details                    ? 
_refine.solvent_model_param_bsol                 ? 
_refine.solvent_model_param_ksol                 ? 
_refine.ls_R_factor_gt                           ? 
_refine.ls_goodness_of_fit_gt                    ? 
_refine.ls_goodness_of_fit_ref                   ? 
_refine.ls_shift_over_su_max                     ? 
_refine.ls_shift_over_su_max_lt                  ? 
_refine.ls_shift_over_su_mean                    ? 
_refine.ls_shift_over_su_mean_lt                 ? 
_refine.pdbx_ls_sigma_I                          ? 
_refine.pdbx_ls_sigma_F                          1.37 
_refine.pdbx_ls_sigma_Fsqd                       ? 
_refine.pdbx_data_cutoff_high_absF               ? 
_refine.pdbx_data_cutoff_high_rms_absF           ? 
_refine.pdbx_data_cutoff_low_absF                ? 
_refine.pdbx_isotropic_thermal_model             ? 
_refine.pdbx_ls_cross_valid_method               'FREE R-VALUE' 
_refine.pdbx_method_to_determine_struct          'MOLECULAR REPLACEMENT' 
_refine.pdbx_starting_model                      455D 
_refine.pdbx_stereochemistry_target_values       ? 
_refine.pdbx_R_Free_selection_details            ? 
_refine.pdbx_stereochem_target_val_spec_case     ? 
_refine.pdbx_overall_ESU_R                       ? 
_refine.pdbx_overall_ESU_R_Free                  ? 
_refine.pdbx_solvent_vdw_probe_radii             1.1100 
_refine.pdbx_solvent_ion_probe_radii             ? 
_refine.pdbx_solvent_shrinkage_radii             0.9000 
_refine.pdbx_real_space_R                        ? 
_refine.pdbx_density_correlation                 ? 
_refine.pdbx_pd_number_of_powder_patterns        ? 
_refine.pdbx_pd_number_of_points                 ? 
_refine.pdbx_pd_meas_number_of_points            ? 
_refine.pdbx_pd_proc_ls_prof_R_factor            ? 
_refine.pdbx_pd_proc_ls_prof_wR_factor           ? 
_refine.pdbx_pd_Marquardt_correlation_coeff      ? 
_refine.pdbx_pd_Fsqrd_R_factor                   ? 
_refine.pdbx_pd_ls_matrix_band_width             ? 
_refine.pdbx_overall_phase_error                 29.8080 
_refine.pdbx_overall_SU_R_free_Cruickshank_DPI   ? 
_refine.pdbx_overall_SU_R_free_Blow_DPI          ? 
_refine.pdbx_overall_SU_R_Blow_DPI               ? 
_refine.pdbx_TLS_residual_ADP_flag               ? 
_refine.pdbx_diffrn_id                           1 
_refine.overall_SU_B                             ? 
_refine.overall_SU_ML                            0.3920 
_refine.overall_SU_R_Cruickshank_DPI             ? 
_refine.overall_SU_R_free                        ? 
_refine.overall_FOM_free_R_set                   ? 
_refine.overall_FOM_work_R_set                   ? 
_refine.pdbx_average_fsc_overall                 ? 
_refine.pdbx_average_fsc_work                    ? 
_refine.pdbx_average_fsc_free                    ? 
# 
_refine_hist.pdbx_refine_id                   'X-RAY DIFFRACTION' 
_refine_hist.cycle_id                         LAST 
_refine_hist.details                          ? 
_refine_hist.d_res_high                       3.00 
_refine_hist.d_res_low                        23.61 
_refine_hist.number_atoms_solvent             0 
_refine_hist.number_atoms_total               930 
_refine_hist.number_reflns_all                ? 
_refine_hist.number_reflns_obs                ? 
_refine_hist.number_reflns_R_free             ? 
_refine_hist.number_reflns_R_work             ? 
_refine_hist.R_factor_all                     ? 
_refine_hist.R_factor_obs                     ? 
_refine_hist.R_factor_R_free                  ? 
_refine_hist.R_factor_R_work                  ? 
_refine_hist.pdbx_number_residues_total       ? 
_refine_hist.pdbx_B_iso_mean_ligand           ? 
_refine_hist.pdbx_B_iso_mean_solvent          ? 
_refine_hist.pdbx_number_atoms_protein        0 
_refine_hist.pdbx_number_atoms_nucleic_acid   930 
_refine_hist.pdbx_number_atoms_ligand         0 
_refine_hist.pdbx_number_atoms_lipid          ? 
_refine_hist.pdbx_number_atoms_carb           ? 
_refine_hist.pdbx_pseudo_atom_details         ? 
# 
loop_
_refine_ls_restr.pdbx_refine_id 
_refine_ls_restr.criterion 
_refine_ls_restr.dev_ideal 
_refine_ls_restr.dev_ideal_target 
_refine_ls_restr.number 
_refine_ls_restr.rejects 
_refine_ls_restr.type 
_refine_ls_restr.weight 
_refine_ls_restr.pdbx_restraint_function 
'X-RAY DIFFRACTION' ? 0.0019 ? 1036 ? f_bond_d           ? ? 
'X-RAY DIFFRACTION' ? 0.4125 ? 1612 ? f_angle_d          ? ? 
'X-RAY DIFFRACTION' ? 0.0173 ? 218  ? f_chiral_restr     ? ? 
'X-RAY DIFFRACTION' ? 0.0018 ? 44   ? f_plane_restr      ? ? 
'X-RAY DIFFRACTION' ? 7.9269 ? 520  ? f_dihedral_angle_d ? ? 
# 
loop_
_refine_ls_shell.pdbx_refine_id 
_refine_ls_shell.d_res_high 
_refine_ls_shell.d_res_low 
_refine_ls_shell.number_reflns_all 
_refine_ls_shell.number_reflns_obs 
_refine_ls_shell.number_reflns_R_free 
_refine_ls_shell.number_reflns_R_work 
_refine_ls_shell.percent_reflns_obs 
_refine_ls_shell.percent_reflns_R_free 
_refine_ls_shell.R_factor_all 
_refine_ls_shell.R_factor_obs 
_refine_ls_shell.R_factor_R_free 
_refine_ls_shell.R_factor_R_free_error 
_refine_ls_shell.R_factor_R_work 
_refine_ls_shell.redundancy_reflns_all 
_refine_ls_shell.redundancy_reflns_obs 
_refine_ls_shell.wR_factor_all 
_refine_ls_shell.wR_factor_obs 
_refine_ls_shell.wR_factor_R_free 
_refine_ls_shell.wR_factor_R_work 
_refine_ls_shell.pdbx_total_number_of_bins_used 
_refine_ls_shell.pdbx_phase_error 
_refine_ls_shell.pdbx_fsc_work 
_refine_ls_shell.pdbx_fsc_free 
'X-RAY DIFFRACTION' 3.00 3.10  . . 28 253 99  . . . 0.4766 . 0.3204 . . . . . . . . . . 
'X-RAY DIFFRACTION' 3.10 3.23  . . 31 278 100 . . . 0.3355 . 0.3039 . . . . . . . . . . 
'X-RAY DIFFRACTION' 3.23 3.38  . . 29 251 99  . . . 0.3207 . 0.2801 . . . . . . . . . . 
'X-RAY DIFFRACTION' 3.38 3.56  . . 30 279 100 . . . 0.3148 . 0.2810 . . . . . . . . . . 
'X-RAY DIFFRACTION' 3.56 3.78  . . 30 266 99  . . . 0.3866 . 0.2395 . . . . . . . . . . 
'X-RAY DIFFRACTION' 3.78 4.07  . . 29 273 99  . . . 0.2925 . 0.2085 . . . . . . . . . . 
'X-RAY DIFFRACTION' 4.07 4.47  . . 31 275 100 . . . 0.1862 . 0.2148 . . . . . . . . . . 
'X-RAY DIFFRACTION' 4.47 5.12  . . 31 280 100 . . . 0.2373 . 0.1744 . . . . . . . . . . 
'X-RAY DIFFRACTION' 5.12 6.42  . . 32 292 100 . . . 0.1657 . 0.1835 . . . . . . . . . . 
'X-RAY DIFFRACTION' 6.42 23.60 . . 34 306 96  . . . 0.2178 . 0.1627 . . . . . . . . . . 
# 
_struct.entry_id                     6L0Y 
_struct.title                        'Structure of dsRNA with G-U wobble base pairs' 
_struct.pdbx_model_details           ? 
_struct.pdbx_formula_weight          ? 
_struct.pdbx_formula_weight_method   ? 
_struct.pdbx_model_type_details      ? 
_struct.pdbx_CASP_flag               N 
# 
_struct_keywords.entry_id        6L0Y 
_struct_keywords.text            'G-U wobble base pair, RNA' 
_struct_keywords.pdbx_keywords   RNA 
# 
loop_
_struct_asym.id 
_struct_asym.pdbx_blank_PDB_chainid_flag 
_struct_asym.pdbx_modified 
_struct_asym.entity_id 
_struct_asym.details 
A N N 1 ? 
B N N 1 ? 
# 
loop_
_struct_conn.id 
_struct_conn.conn_type_id 
_struct_conn.pdbx_leaving_atom_flag 
_struct_conn.pdbx_PDB_id 
_struct_conn.ptnr1_label_asym_id 
_struct_conn.ptnr1_label_comp_id 
_struct_conn.ptnr1_label_seq_id 
_struct_conn.ptnr1_label_atom_id 
_struct_conn.pdbx_ptnr1_label_alt_id 
_struct_conn.pdbx_ptnr1_PDB_ins_code 
_struct_conn.pdbx_ptnr1_standard_comp_id 
_struct_conn.ptnr1_symmetry 
_struct_conn.ptnr2_label_asym_id 
_struct_conn.ptnr2_label_comp_id 
_struct_conn.ptnr2_label_seq_id 
_struct_conn.ptnr2_label_atom_id 
_struct_conn.pdbx_ptnr2_label_alt_id 
_struct_conn.pdbx_ptnr2_PDB_ins_code 
_struct_conn.ptnr1_auth_asym_id 
_struct_conn.ptnr1_auth_comp_id 
_struct_conn.ptnr1_auth_seq_id 
_struct_conn.ptnr2_auth_asym_id 
_struct_conn.ptnr2_auth_comp_id 
_struct_conn.ptnr2_auth_seq_id 
_struct_conn.ptnr2_symmetry 
_struct_conn.pdbx_ptnr3_label_atom_id 
_struct_conn.pdbx_ptnr3_label_seq_id 
_struct_conn.pdbx_ptnr3_label_comp_id 
_struct_conn.pdbx_ptnr3_label_asym_id 
_struct_conn.pdbx_ptnr3_label_alt_id 
_struct_conn.pdbx_ptnr3_PDB_ins_code 
_struct_conn.details 
_struct_conn.pdbx_dist_value 
_struct_conn.pdbx_value_order 
_struct_conn.pdbx_role 
hydrog1   hydrog ? ? A G 1  N1 ? ? ? 1_555 A C 22 N3 ? ? A G 1  A C 22 5_555  ? ? ? ? ? ? WATSON-CRICK  ? ? ? 
hydrog2   hydrog ? ? A G 1  N2 ? ? ? 1_555 A C 22 O2 ? ? A G 1  A C 22 5_555  ? ? ? ? ? ? WATSON-CRICK  ? ? ? 
hydrog3   hydrog ? ? A G 1  O6 ? ? ? 1_555 A C 22 N4 ? ? A G 1  A C 22 5_555  ? ? ? ? ? ? WATSON-CRICK  ? ? ? 
hydrog4   hydrog ? ? A G 2  N1 ? ? ? 1_555 A C 21 N3 ? ? A G 2  A C 21 5_555  ? ? ? ? ? ? WATSON-CRICK  ? ? ? 
hydrog5   hydrog ? ? A G 2  N2 ? ? ? 1_555 A C 21 O2 ? ? A G 2  A C 21 5_555  ? ? ? ? ? ? WATSON-CRICK  ? ? ? 
hydrog6   hydrog ? ? A G 2  O6 ? ? ? 1_555 A C 21 N4 ? ? A G 2  A C 21 5_555  ? ? ? ? ? ? WATSON-CRICK  ? ? ? 
hydrog7   hydrog ? ? A U 3  N3 ? ? ? 1_555 A G 20 O6 ? ? A U 3  A G 20 5_555  ? ? ? ? ? ? TYPE_28_PAIR  ? ? ? 
hydrog8   hydrog ? ? A U 3  O2 ? ? ? 1_555 A G 20 N1 ? ? A U 3  A G 20 5_555  ? ? ? ? ? ? TYPE_28_PAIR  ? ? ? 
hydrog9   hydrog ? ? A A 4  N1 ? ? ? 1_555 A U 19 N3 ? ? A A 4  A U 19 5_555  ? ? ? ? ? ? WATSON-CRICK  ? ? ? 
hydrog10  hydrog ? ? A A 4  N6 ? ? ? 1_555 A U 19 O4 ? ? A A 4  A U 19 5_555  ? ? ? ? ? ? WATSON-CRICK  ? ? ? 
hydrog11  hydrog ? ? A G 5  N1 ? ? ? 1_555 A U 18 O2 ? ? A G 5  A U 18 5_555  ? ? ? ? ? ? TYPE_28_PAIR  ? ? ? 
hydrog12  hydrog ? ? A G 5  O6 ? ? ? 1_555 A U 18 N3 ? ? A G 5  A U 18 5_555  ? ? ? ? ? ? TYPE_28_PAIR  ? ? ? 
hydrog13  hydrog ? ? A A 6  N1 ? ? ? 1_555 A U 17 N3 ? ? A A 6  A U 17 5_555  ? ? ? ? ? ? WATSON-CRICK  ? ? ? 
hydrog14  hydrog ? ? A A 6  N6 ? ? ? 1_555 A U 17 O4 ? ? A A 6  A U 17 5_555  ? ? ? ? ? ? WATSON-CRICK  ? ? ? 
hydrog15  hydrog ? ? A C 7  N3 ? ? ? 1_555 A G 16 N1 ? ? A C 7  A G 16 5_555  ? ? ? ? ? ? WATSON-CRICK  ? ? ? 
hydrog16  hydrog ? ? A C 7  N4 ? ? ? 1_555 A G 16 O6 ? ? A C 7  A G 16 5_555  ? ? ? ? ? ? WATSON-CRICK  ? ? ? 
hydrog17  hydrog ? ? A C 7  O2 ? ? ? 1_555 A G 16 N2 ? ? A C 7  A G 16 5_555  ? ? ? ? ? ? WATSON-CRICK  ? ? ? 
hydrog18  hydrog ? ? A G 8  N1 ? ? ? 1_555 A C 15 N3 ? ? A G 8  A C 15 5_555  ? ? ? ? ? ? WATSON-CRICK  ? ? ? 
hydrog19  hydrog ? ? A G 8  N2 ? ? ? 1_555 A C 15 O2 ? ? A G 8  A C 15 5_555  ? ? ? ? ? ? WATSON-CRICK  ? ? ? 
hydrog20  hydrog ? ? A G 8  O6 ? ? ? 1_555 A C 15 N4 ? ? A G 8  A C 15 5_555  ? ? ? ? ? ? WATSON-CRICK  ? ? ? 
hydrog21  hydrog ? ? A C 9  N3 ? ? ? 1_555 A G 14 N1 ? ? A C 9  A G 14 5_555  ? ? ? ? ? ? WATSON-CRICK  ? ? ? 
hydrog22  hydrog ? ? A C 9  N4 ? ? ? 1_555 A G 14 O6 ? ? A C 9  A G 14 5_555  ? ? ? ? ? ? WATSON-CRICK  ? ? ? 
hydrog23  hydrog ? ? A C 9  O2 ? ? ? 1_555 A G 14 N2 ? ? A C 9  A G 14 5_555  ? ? ? ? ? ? WATSON-CRICK  ? ? ? 
hydrog24  hydrog ? ? A U 10 N3 ? ? ? 1_555 A G 13 O6 ? ? A U 10 A G 13 5_555  ? ? ? ? ? ? TYPE_28_PAIR  ? ? ? 
hydrog25  hydrog ? ? A U 10 O2 ? ? ? 1_555 A G 13 N1 ? ? A U 10 A G 13 5_555  ? ? ? ? ? ? TYPE_28_PAIR  ? ? ? 
hydrog26  hydrog ? ? A U 11 O4 ? ? ? 1_555 A C 12 N4 ? ? A U 11 A C 12 5_555  ? ? ? ? ? ? 'U-C MISPAIR' ? ? ? 
hydrog27  hydrog ? ? A C 12 N4 ? ? ? 1_555 A U 11 O4 ? ? A C 12 A U 11 5_555  ? ? ? ? ? ? 'C-U MISPAIR' ? ? ? 
hydrog28  hydrog ? ? A G 13 N1 ? ? ? 1_555 A U 10 O2 ? ? A G 13 A U 10 5_555  ? ? ? ? ? ? TYPE_28_PAIR  ? ? ? 
hydrog29  hydrog ? ? A G 13 O6 ? ? ? 1_555 A U 10 N3 ? ? A G 13 A U 10 5_555  ? ? ? ? ? ? TYPE_28_PAIR  ? ? ? 
hydrog30  hydrog ? ? A G 14 N1 ? ? ? 1_555 A C 9  N3 ? ? A G 14 A C 9  5_555  ? ? ? ? ? ? WATSON-CRICK  ? ? ? 
hydrog31  hydrog ? ? A G 14 N2 ? ? ? 1_555 A C 9  O2 ? ? A G 14 A C 9  5_555  ? ? ? ? ? ? WATSON-CRICK  ? ? ? 
hydrog32  hydrog ? ? A G 14 O6 ? ? ? 1_555 A C 9  N4 ? ? A G 14 A C 9  5_555  ? ? ? ? ? ? WATSON-CRICK  ? ? ? 
hydrog33  hydrog ? ? A C 15 N3 ? ? ? 1_555 A G 8  N1 ? ? A C 15 A G 8  5_555  ? ? ? ? ? ? WATSON-CRICK  ? ? ? 
hydrog34  hydrog ? ? A C 15 N4 ? ? ? 1_555 A G 8  O6 ? ? A C 15 A G 8  5_555  ? ? ? ? ? ? WATSON-CRICK  ? ? ? 
hydrog35  hydrog ? ? A C 15 O2 ? ? ? 1_555 A G 8  N2 ? ? A C 15 A G 8  5_555  ? ? ? ? ? ? WATSON-CRICK  ? ? ? 
hydrog36  hydrog ? ? A G 16 N1 ? ? ? 1_555 A C 7  N3 ? ? A G 16 A C 7  5_555  ? ? ? ? ? ? WATSON-CRICK  ? ? ? 
hydrog37  hydrog ? ? A G 16 N2 ? ? ? 1_555 A C 7  O2 ? ? A G 16 A C 7  5_555  ? ? ? ? ? ? WATSON-CRICK  ? ? ? 
hydrog38  hydrog ? ? A G 16 O6 ? ? ? 1_555 A C 7  N4 ? ? A G 16 A C 7  5_555  ? ? ? ? ? ? WATSON-CRICK  ? ? ? 
hydrog39  hydrog ? ? A U 17 N3 ? ? ? 1_555 A A 6  N1 ? ? A U 17 A A 6  5_555  ? ? ? ? ? ? WATSON-CRICK  ? ? ? 
hydrog40  hydrog ? ? A U 17 O4 ? ? ? 1_555 A A 6  N6 ? ? A U 17 A A 6  5_555  ? ? ? ? ? ? WATSON-CRICK  ? ? ? 
hydrog41  hydrog ? ? A U 18 N3 ? ? ? 1_555 A G 5  O6 ? ? A U 18 A G 5  5_555  ? ? ? ? ? ? TYPE_28_PAIR  ? ? ? 
hydrog42  hydrog ? ? A U 18 O2 ? ? ? 1_555 A G 5  N1 ? ? A U 18 A G 5  5_555  ? ? ? ? ? ? TYPE_28_PAIR  ? ? ? 
hydrog43  hydrog ? ? A U 19 N3 ? ? ? 1_555 A A 4  N1 ? ? A U 19 A A 4  5_555  ? ? ? ? ? ? WATSON-CRICK  ? ? ? 
hydrog44  hydrog ? ? A U 19 O4 ? ? ? 1_555 A A 4  N6 ? ? A U 19 A A 4  5_555  ? ? ? ? ? ? WATSON-CRICK  ? ? ? 
hydrog45  hydrog ? ? A G 20 N1 ? ? ? 1_555 A U 3  O2 ? ? A G 20 A U 3  5_555  ? ? ? ? ? ? TYPE_28_PAIR  ? ? ? 
hydrog46  hydrog ? ? A G 20 O6 ? ? ? 1_555 A U 3  N3 ? ? A G 20 A U 3  5_555  ? ? ? ? ? ? TYPE_28_PAIR  ? ? ? 
hydrog47  hydrog ? ? A C 21 N3 ? ? ? 1_555 A G 2  N1 ? ? A C 21 A G 2  5_555  ? ? ? ? ? ? WATSON-CRICK  ? ? ? 
hydrog48  hydrog ? ? A C 21 N4 ? ? ? 1_555 A G 2  O6 ? ? A C 21 A G 2  5_555  ? ? ? ? ? ? WATSON-CRICK  ? ? ? 
hydrog49  hydrog ? ? A C 21 O2 ? ? ? 1_555 A G 2  N2 ? ? A C 21 A G 2  5_555  ? ? ? ? ? ? WATSON-CRICK  ? ? ? 
hydrog50  hydrog ? ? A C 22 N3 ? ? ? 1_555 A G 1  N1 ? ? A C 22 A G 1  5_555  ? ? ? ? ? ? WATSON-CRICK  ? ? ? 
hydrog51  hydrog ? ? A C 22 N4 ? ? ? 1_555 A G 1  O6 ? ? A C 22 A G 1  5_555  ? ? ? ? ? ? WATSON-CRICK  ? ? ? 
hydrog52  hydrog ? ? A C 22 O2 ? ? ? 1_555 A G 1  N2 ? ? A C 22 A G 1  5_555  ? ? ? ? ? ? WATSON-CRICK  ? ? ? 
hydrog53  hydrog ? ? B G 1  N1 ? ? ? 1_555 B C 22 N3 ? ? B G 1  B C 22 12_555 ? ? ? ? ? ? WATSON-CRICK  ? ? ? 
hydrog54  hydrog ? ? B G 1  N2 ? ? ? 1_555 B C 22 O2 ? ? B G 1  B C 22 12_555 ? ? ? ? ? ? WATSON-CRICK  ? ? ? 
hydrog55  hydrog ? ? B G 1  O6 ? ? ? 1_555 B C 22 N4 ? ? B G 1  B C 22 12_555 ? ? ? ? ? ? WATSON-CRICK  ? ? ? 
hydrog56  hydrog ? ? B G 2  N1 ? ? ? 1_555 B C 21 N3 ? ? B G 2  B C 21 12_555 ? ? ? ? ? ? WATSON-CRICK  ? ? ? 
hydrog57  hydrog ? ? B G 2  N2 ? ? ? 1_555 B C 21 O2 ? ? B G 2  B C 21 12_555 ? ? ? ? ? ? WATSON-CRICK  ? ? ? 
hydrog58  hydrog ? ? B G 2  O6 ? ? ? 1_555 B C 21 N4 ? ? B G 2  B C 21 12_555 ? ? ? ? ? ? WATSON-CRICK  ? ? ? 
hydrog59  hydrog ? ? B U 3  N3 ? ? ? 1_555 B G 20 O6 ? ? B U 3  B G 20 12_555 ? ? ? ? ? ? TYPE_28_PAIR  ? ? ? 
hydrog60  hydrog ? ? B U 3  O2 ? ? ? 1_555 B G 20 N1 ? ? B U 3  B G 20 12_555 ? ? ? ? ? ? TYPE_28_PAIR  ? ? ? 
hydrog61  hydrog ? ? B A 4  N1 ? ? ? 1_555 B U 19 N3 ? ? B A 4  B U 19 12_555 ? ? ? ? ? ? WATSON-CRICK  ? ? ? 
hydrog62  hydrog ? ? B A 4  N6 ? ? ? 1_555 B U 19 O4 ? ? B A 4  B U 19 12_555 ? ? ? ? ? ? WATSON-CRICK  ? ? ? 
hydrog63  hydrog ? ? B G 5  N1 ? ? ? 1_555 B U 18 O2 ? ? B G 5  B U 18 12_555 ? ? ? ? ? ? TYPE_28_PAIR  ? ? ? 
hydrog64  hydrog ? ? B G 5  O6 ? ? ? 1_555 B U 18 N3 ? ? B G 5  B U 18 12_555 ? ? ? ? ? ? TYPE_28_PAIR  ? ? ? 
hydrog65  hydrog ? ? B A 6  N1 ? ? ? 1_555 B U 17 N3 ? ? B A 6  B U 17 12_555 ? ? ? ? ? ? WATSON-CRICK  ? ? ? 
hydrog66  hydrog ? ? B A 6  N6 ? ? ? 1_555 B U 17 O4 ? ? B A 6  B U 17 12_555 ? ? ? ? ? ? WATSON-CRICK  ? ? ? 
hydrog67  hydrog ? ? B C 7  N3 ? ? ? 1_555 B G 16 N1 ? ? B C 7  B G 16 12_555 ? ? ? ? ? ? WATSON-CRICK  ? ? ? 
hydrog68  hydrog ? ? B C 7  N4 ? ? ? 1_555 B G 16 O6 ? ? B C 7  B G 16 12_555 ? ? ? ? ? ? WATSON-CRICK  ? ? ? 
hydrog69  hydrog ? ? B C 7  O2 ? ? ? 1_555 B G 16 N2 ? ? B C 7  B G 16 12_555 ? ? ? ? ? ? WATSON-CRICK  ? ? ? 
hydrog70  hydrog ? ? B G 8  N1 ? ? ? 1_555 B C 15 N3 ? ? B G 8  B C 15 12_555 ? ? ? ? ? ? WATSON-CRICK  ? ? ? 
hydrog71  hydrog ? ? B G 8  N2 ? ? ? 1_555 B C 15 O2 ? ? B G 8  B C 15 12_555 ? ? ? ? ? ? WATSON-CRICK  ? ? ? 
hydrog72  hydrog ? ? B G 8  O6 ? ? ? 1_555 B C 15 N4 ? ? B G 8  B C 15 12_555 ? ? ? ? ? ? WATSON-CRICK  ? ? ? 
hydrog73  hydrog ? ? B C 9  N3 ? ? ? 1_555 B G 14 N1 ? ? B C 9  B G 14 12_555 ? ? ? ? ? ? WATSON-CRICK  ? ? ? 
hydrog74  hydrog ? ? B C 9  N4 ? ? ? 1_555 B G 14 O6 ? ? B C 9  B G 14 12_555 ? ? ? ? ? ? WATSON-CRICK  ? ? ? 
hydrog75  hydrog ? ? B C 9  O2 ? ? ? 1_555 B G 14 N2 ? ? B C 9  B G 14 12_555 ? ? ? ? ? ? WATSON-CRICK  ? ? ? 
hydrog76  hydrog ? ? B U 10 N3 ? ? ? 1_555 B G 13 O6 ? ? B U 10 B G 13 12_555 ? ? ? ? ? ? TYPE_28_PAIR  ? ? ? 
hydrog77  hydrog ? ? B U 10 O2 ? ? ? 1_555 B G 13 N1 ? ? B U 10 B G 13 12_555 ? ? ? ? ? ? TYPE_28_PAIR  ? ? ? 
hydrog78  hydrog ? ? B U 11 O4 ? ? ? 1_555 B C 12 N4 ? ? B U 11 B C 12 12_555 ? ? ? ? ? ? 'U-C MISPAIR' ? ? ? 
hydrog79  hydrog ? ? B C 12 N4 ? ? ? 1_555 B U 11 O4 ? ? B C 12 B U 11 12_555 ? ? ? ? ? ? 'C-U MISPAIR' ? ? ? 
hydrog80  hydrog ? ? B G 13 N1 ? ? ? 1_555 B U 10 O2 ? ? B G 13 B U 10 12_555 ? ? ? ? ? ? TYPE_28_PAIR  ? ? ? 
hydrog81  hydrog ? ? B G 13 O6 ? ? ? 1_555 B U 10 N3 ? ? B G 13 B U 10 12_555 ? ? ? ? ? ? TYPE_28_PAIR  ? ? ? 
hydrog82  hydrog ? ? B G 14 N1 ? ? ? 1_555 B C 9  N3 ? ? B G 14 B C 9  12_555 ? ? ? ? ? ? WATSON-CRICK  ? ? ? 
hydrog83  hydrog ? ? B G 14 N2 ? ? ? 1_555 B C 9  O2 ? ? B G 14 B C 9  12_555 ? ? ? ? ? ? WATSON-CRICK  ? ? ? 
hydrog84  hydrog ? ? B G 14 O6 ? ? ? 1_555 B C 9  N4 ? ? B G 14 B C 9  12_555 ? ? ? ? ? ? WATSON-CRICK  ? ? ? 
hydrog85  hydrog ? ? B C 15 N3 ? ? ? 1_555 B G 8  N1 ? ? B C 15 B G 8  12_555 ? ? ? ? ? ? WATSON-CRICK  ? ? ? 
hydrog86  hydrog ? ? B C 15 N4 ? ? ? 1_555 B G 8  O6 ? ? B C 15 B G 8  12_555 ? ? ? ? ? ? WATSON-CRICK  ? ? ? 
hydrog87  hydrog ? ? B C 15 O2 ? ? ? 1_555 B G 8  N2 ? ? B C 15 B G 8  12_555 ? ? ? ? ? ? WATSON-CRICK  ? ? ? 
hydrog88  hydrog ? ? B G 16 N1 ? ? ? 1_555 B C 7  N3 ? ? B G 16 B C 7  12_555 ? ? ? ? ? ? WATSON-CRICK  ? ? ? 
hydrog89  hydrog ? ? B G 16 N2 ? ? ? 1_555 B C 7  O2 ? ? B G 16 B C 7  12_555 ? ? ? ? ? ? WATSON-CRICK  ? ? ? 
hydrog90  hydrog ? ? B G 16 O6 ? ? ? 1_555 B C 7  N4 ? ? B G 16 B C 7  12_555 ? ? ? ? ? ? WATSON-CRICK  ? ? ? 
hydrog91  hydrog ? ? B U 17 N3 ? ? ? 1_555 B A 6  N1 ? ? B U 17 B A 6  12_555 ? ? ? ? ? ? WATSON-CRICK  ? ? ? 
hydrog92  hydrog ? ? B U 17 O4 ? ? ? 1_555 B A 6  N6 ? ? B U 17 B A 6  12_555 ? ? ? ? ? ? WATSON-CRICK  ? ? ? 
hydrog93  hydrog ? ? B U 18 N3 ? ? ? 1_555 B G 5  O6 ? ? B U 18 B G 5  12_555 ? ? ? ? ? ? TYPE_28_PAIR  ? ? ? 
hydrog94  hydrog ? ? B U 18 O2 ? ? ? 1_555 B G 5  N1 ? ? B U 18 B G 5  12_555 ? ? ? ? ? ? TYPE_28_PAIR  ? ? ? 
hydrog95  hydrog ? ? B U 19 N3 ? ? ? 1_555 B A 4  N1 ? ? B U 19 B A 4  12_555 ? ? ? ? ? ? WATSON-CRICK  ? ? ? 
hydrog96  hydrog ? ? B U 19 O4 ? ? ? 1_555 B A 4  N6 ? ? B U 19 B A 4  12_555 ? ? ? ? ? ? WATSON-CRICK  ? ? ? 
hydrog97  hydrog ? ? B G 20 N1 ? ? ? 1_555 B U 3  O2 ? ? B G 20 B U 3  12_555 ? ? ? ? ? ? TYPE_28_PAIR  ? ? ? 
hydrog98  hydrog ? ? B G 20 O6 ? ? ? 1_555 B U 3  N3 ? ? B G 20 B U 3  12_555 ? ? ? ? ? ? TYPE_28_PAIR  ? ? ? 
hydrog99  hydrog ? ? B C 21 N3 ? ? ? 1_555 B G 2  N1 ? ? B C 21 B G 2  12_555 ? ? ? ? ? ? WATSON-CRICK  ? ? ? 
hydrog100 hydrog ? ? B C 21 N4 ? ? ? 1_555 B G 2  O6 ? ? B C 21 B G 2  12_555 ? ? ? ? ? ? WATSON-CRICK  ? ? ? 
hydrog101 hydrog ? ? B C 21 O2 ? ? ? 1_555 B G 2  N2 ? ? B C 21 B G 2  12_555 ? ? ? ? ? ? WATSON-CRICK  ? ? ? 
hydrog102 hydrog ? ? B C 22 N3 ? ? ? 1_555 B G 1  N1 ? ? B C 22 B G 1  12_555 ? ? ? ? ? ? WATSON-CRICK  ? ? ? 
hydrog103 hydrog ? ? B C 22 N4 ? ? ? 1_555 B G 1  O6 ? ? B C 22 B G 1  12_555 ? ? ? ? ? ? WATSON-CRICK  ? ? ? 
hydrog104 hydrog ? ? B C 22 O2 ? ? ? 1_555 B G 1  N2 ? ? B C 22 B G 1  12_555 ? ? ? ? ? ? WATSON-CRICK  ? ? ? 
# 
_struct_conn_type.id          hydrog 
_struct_conn_type.criteria    ? 
_struct_conn_type.reference   ? 
# 
_atom_sites.entry_id                    6L0Y 
_atom_sites.Cartn_transf_matrix[1][1]   ? 
_atom_sites.Cartn_transf_matrix[1][2]   ? 
_atom_sites.Cartn_transf_matrix[1][3]   ? 
_atom_sites.Cartn_transf_matrix[2][1]   ? 
_atom_sites.Cartn_transf_matrix[2][2]   ? 
_atom_sites.Cartn_transf_matrix[2][3]   ? 
_atom_sites.Cartn_transf_matrix[3][1]   ? 
_atom_sites.Cartn_transf_matrix[3][2]   ? 
_atom_sites.Cartn_transf_matrix[3][3]   ? 
_atom_sites.Cartn_transf_vector[1]      ? 
_atom_sites.Cartn_transf_vector[2]      ? 
_atom_sites.Cartn_transf_vector[3]      ? 
_atom_sites.fract_transf_matrix[1][1]   -0.01011662 
_atom_sites.fract_transf_matrix[1][2]   0.02311275 
_atom_sites.fract_transf_matrix[1][3]   0.00442260 
_atom_sites.fract_transf_matrix[2][1]   0.01501001 
_atom_sites.fract_transf_matrix[2][2]   0.02075512 
_atom_sites.fract_transf_matrix[2][3]   0.00004097 
_atom_sites.fract_transf_matrix[3][1]   -0.00045151 
_atom_sites.fract_transf_matrix[3][2]   0.00033199 
_atom_sites.fract_transf_matrix[3][3]   -0.00276783 
_atom_sites.fract_transf_vector[1]      0.304296 
_atom_sites.fract_transf_vector[2]      0.012356 
_atom_sites.fract_transf_vector[3]      0.083440 
_atom_sites.solution_primary            ? 
_atom_sites.solution_secondary          ? 
_atom_sites.solution_hydrogens          ? 
_atom_sites.special_details             ? 
# 
loop_
_atom_type.symbol 
_atom_type.scat_dispersion_real 
_atom_type.scat_dispersion_imag 
_atom_type.scat_Cromer_Mann_a1 
_atom_type.scat_Cromer_Mann_a2 
_atom_type.scat_Cromer_Mann_b1 
_atom_type.scat_Cromer_Mann_b2 
_atom_type.scat_Cromer_Mann_c 
_atom_type.scat_source 
_atom_type.scat_dispersion_source 
C ? ? 3.54356 2.42580 25.62398 1.50364  0.0 
;2-Gaussian fit: Grosse-Kunstleve RW, Sauter NK, Adams PD: Newsletter of the IUCr Commission on Crystallographic Computing 2004, 3, 22-31.
;
? 
N ? ? 6.96715 ?       11.43723 ?        0.0 
;1-Gaussian fit: Grosse-Kunstleve RW, Sauter NK, Adams PD: Newsletter of the IUCr Commission on Crystallographic Computing 2004, 3, 22-31.
;
? 
O ? ? 7.96527 ?       9.05267  ?        0.0 
;1-Gaussian fit: Grosse-Kunstleve RW, Sauter NK, Adams PD: Newsletter of the IUCr Commission on Crystallographic Computing 2004, 3, 22-31.
;
? 
P ? ? 9.51135 5.44231 1.42069  35.72801 0.0 
;2-Gaussian fit: Grosse-Kunstleve RW, Sauter NK, Adams PD: Newsletter of the IUCr Commission on Crystallographic Computing 2004, 3, 22-31.
;
? 
# 
loop_
_atom_site.group_PDB 
_atom_site.id 
_atom_site.type_symbol 
_atom_site.label_atom_id 
_atom_site.label_alt_id 
_atom_site.label_comp_id 
_atom_site.label_asym_id 
_atom_site.label_entity_id 
_atom_site.label_seq_id 
_atom_site.pdbx_PDB_ins_code 
_atom_site.Cartn_x 
_atom_site.Cartn_y 
_atom_site.Cartn_z 
_atom_site.occupancy 
_atom_site.B_iso_or_equiv 
_atom_site.pdbx_formal_charge 
_atom_site.auth_seq_id 
_atom_site.auth_comp_id 
_atom_site.auth_asym_id 
_atom_site.auth_atom_id 
_atom_site.pdbx_PDB_model_num 
ATOM 1   O "O5'" . G A 1 1  ? 1.83459   -5.34173  54.54069  1.000 21.15356 ? 1  G A "O5'" 1 
ATOM 2   C "C5'" . G A 1 1  ? 0.72453   -4.48129  54.75074  1.000 21.44002 ? 1  G A "C5'" 1 
ATOM 3   C "C4'" . G A 1 1  ? 1.16879   -3.11705  55.21004  1.000 22.13448 ? 1  G A "C4'" 1 
ATOM 4   O "O4'" . G A 1 1  ? 1.86265   -3.23427  56.47871  1.000 23.21485 ? 1  G A "O4'" 1 
ATOM 5   C "C3'" . G A 1 1  ? 2.16409   -2.40843  54.30484  1.000 21.31114 ? 1  G A "C3'" 1 
ATOM 6   O "O3'" . G A 1 1  ? 1.54172   -1.74713  53.21861  1.000 23.11836 ? 1  G A "O3'" 1 
ATOM 7   C "C2'" . G A 1 1  ? 2.87650   -1.46693  55.26501  1.000 22.22931 ? 1  G A "C2'" 1 
ATOM 8   O "O2'" . G A 1 1  ? 2.07894   -0.32155  55.52871  1.000 25.63487 ? 1  G A "O2'" 1 
ATOM 9   C "C1'" . G A 1 1  ? 2.93255   -2.31695  56.53142  1.000 21.04469 ? 1  G A "C1'" 1 
ATOM 10  N N9    . G A 1 1  ? 4.18666   -3.08359  56.62706  1.000 21.22918 ? 1  G A N9    1 
ATOM 11  C C8    . G A 1 1  ? 4.31339   -4.44705  56.53075  1.000 23.00998 ? 1  G A C8    1 
ATOM 12  N N7    . G A 1 1  ? 5.54645   -4.85497  56.65312  1.000 25.33239 ? 1  G A N7    1 
ATOM 13  C C5    . G A 1 1  ? 6.27714   -3.68929  56.84141  1.000 24.27326 ? 1  G A C5    1 
ATOM 14  C C6    . G A 1 1  ? 7.67011   -3.50193  57.03375  1.000 23.04335 ? 1  G A C6    1 
ATOM 15  O O6    . G A 1 1  ? 8.56395   -4.35556  57.07681  1.000 30.90336 ? 1  G A O6    1 
ATOM 16  N N1    . G A 1 1  ? 7.98859   -2.15797  57.18651  1.000 19.87826 ? 1  G A N1    1 
ATOM 17  C C2    . G A 1 1  ? 7.08482   -1.12620  57.15699  1.000 19.32143 ? 1  G A C2    1 
ATOM 18  N N2    . G A 1 1  ? 7.59427   0.10060   57.32221  1.000 20.74298 ? 1  G A N2    1 
ATOM 19  N N3    . G A 1 1  ? 5.78377   -1.28326  56.97857  1.000 17.83999 ? 1  G A N3    1 
ATOM 20  C C4    . G A 1 1  ? 5.45180   -2.58371  56.82937  1.000 22.20228 ? 1  G A C4    1 
ATOM 21  P P     . G A 1 2  ? 2.31659   -1.58026  51.82176  1.000 27.45830 ? 2  G A P     1 
ATOM 22  O OP1   . G A 1 2  ? 1.34902   -1.07233  50.81434  1.000 18.84315 ? 2  G A OP1   1 
ATOM 23  O OP2   . G A 1 2  ? 3.05573   -2.84335  51.55912  1.000 26.86562 ? 2  G A OP2   1 
ATOM 24  O "O5'" . G A 1 2  ? 3.37847   -0.42885  52.10790  1.000 16.21009 ? 2  G A "O5'" 1 
ATOM 25  C "C5'" . G A 1 2  ? 2.95502   0.84936   52.54918  1.000 14.32489 ? 2  G A "C5'" 1 
ATOM 26  C "C4'" . G A 1 2  ? 4.10719   1.65894   53.08305  1.000 15.65618 ? 2  G A "C4'" 1 
ATOM 27  O "O4'" . G A 1 2  ? 4.76597   0.94145   54.15583  1.000 17.82208 ? 2  G A "O4'" 1 
ATOM 28  C "C3'" . G A 1 2  ? 5.22575   1.95141   52.10114  1.000 18.55652 ? 2  G A "C3'" 1 
ATOM 29  O "O3'" . G A 1 2  ? 4.91615   3.01906   51.22597  1.000 21.15269 ? 2  G A "O3'" 1 
ATOM 30  C "C2'" . G A 1 2  ? 6.40732   2.23455   53.02069  1.000 17.71894 ? 2  G A "C2'" 1 
ATOM 31  O "O2'" . G A 1 2  ? 6.33898   3.55536   53.53805  1.000 14.61437 ? 2  G A "O2'" 1 
ATOM 32  C "C1'" . G A 1 2  ? 6.14478   1.24975   54.16284  1.000 17.01828 ? 2  G A "C1'" 1 
ATOM 33  N N9    . G A 1 2  ? 6.91093   0.00033   54.00834  1.000 15.97637 ? 2  G A N9    1 
ATOM 34  C C8    . G A 1 2  ? 6.41609   -1.24103  53.69062  1.000 20.36709 ? 2  G A C8    1 
ATOM 35  N N7    . G A 1 2  ? 7.33995   -2.16289  53.62723  1.000 20.24774 ? 2  G A N7    1 
ATOM 36  C C5    . G A 1 2  ? 8.51728   -1.48827  53.92285  1.000 19.96756 ? 2  G A C5    1 
ATOM 37  C C6    . G A 1 2  ? 9.85215   -1.96395  54.00636  1.000 17.84526 ? 2  G A C6    1 
ATOM 38  O O6    . G A 1 2  ? 10.27273  -3.11228  53.82777  1.000 17.16991 ? 2  G A O6    1 
ATOM 39  N N1    . G A 1 2  ? 10.73812  -0.94287  54.33217  1.000 18.05020 ? 2  G A N1    1 
ATOM 40  C C2    . G A 1 2  ? 10.38431  0.36638   54.55080  1.000 17.73014 ? 2  G A C2    1 
ATOM 41  N N2    . G A 1 2  ? 11.38442  1.20315   54.85623  1.000 17.84621 ? 2  G A N2    1 
ATOM 42  N N3    . G A 1 2  ? 9.14494   0.82383   54.47719  1.000 17.52561 ? 2  G A N3    1 
ATOM 43  C C4    . G A 1 2  ? 8.26840   -0.15169  54.16140  1.000 17.87803 ? 2  G A C4    1 
ATOM 44  P P     . U A 1 3  ? 5.25167   2.90002   49.66058  1.000 23.05281 ? 3  U A P     1 
ATOM 45  O OP1   . U A 1 3  ? 4.54539   3.99506   48.94246  1.000 22.01576 ? 3  U A OP1   1 
ATOM 46  O OP2   . U A 1 3  ? 5.01399   1.49100   49.25729  1.000 17.64224 ? 3  U A OP2   1 
ATOM 47  O "O5'" . U A 1 3  ? 6.81413   3.19344   49.59157  1.000 13.79911 ? 3  U A "O5'" 1 
ATOM 48  C "C5'" . U A 1 3  ? 7.35874   4.36153   50.18702  1.000 16.24379 ? 3  U A "C5'" 1 
ATOM 49  C "C4'" . U A 1 3  ? 8.83358   4.20389   50.44982  1.000 17.68411 ? 3  U A "C4'" 1 
ATOM 50  O "O4'" . U A 1 3  ? 9.04310   3.20048   51.47765  1.000 24.36051 ? 3  U A "O4'" 1 
ATOM 51  C "C3'" . U A 1 3  ? 9.65448   3.70658   49.27320  1.000 14.66324 ? 3  U A "C3'" 1 
ATOM 52  O "O3'" . U A 1 3  ? 9.99802   4.74065   48.37400  1.000 14.08057 ? 3  U A "O3'" 1 
ATOM 53  C "C2'" . U A 1 3  ? 10.85338  3.05864   49.94951  1.000 16.91729 ? 3  U A "C2'" 1 
ATOM 54  O "O2'" . U A 1 3  ? 11.78116  4.04783   50.36743  1.000 15.67348 ? 3  U A "O2'" 1 
ATOM 55  C "C1'" . U A 1 3  ? 10.20423  2.44978   51.19217  1.000 19.10497 ? 3  U A "C1'" 1 
ATOM 56  N N1    . U A 1 3  ? 9.81191   1.03373   50.99249  1.000 14.26650 ? 3  U A N1    1 
ATOM 57  C C2    . U A 1 3  ? 10.75876  0.06087   51.23613  1.000 13.76606 ? 3  U A C2    1 
ATOM 58  O O2    . U A 1 3  ? 11.89058  0.32313   51.59619  1.000 15.45474 ? 3  U A O2    1 
ATOM 59  N N3    . U A 1 3  ? 10.33485  -1.23005  51.04332  1.000 13.12966 ? 3  U A N3    1 
ATOM 60  C C4    . U A 1 3  ? 9.08115   -1.64214  50.64035  1.000 17.97388 ? 3  U A C4    1 
ATOM 61  O O4    . U A 1 3  ? 8.84376   -2.84540  50.50869  1.000 19.66484 ? 3  U A O4    1 
ATOM 62  C C5    . U A 1 3  ? 8.15523   -0.57624  50.40968  1.000 20.74823 ? 3  U A C5    1 
ATOM 63  C C6    . U A 1 3  ? 8.54246   0.68949   50.59072  1.000 16.29104 ? 3  U A C6    1 
ATOM 64  P P     . A A 1 4  ? 10.19163  4.41847   46.81451  1.000 26.46471 ? 4  A A P     1 
ATOM 65  O OP1   . A A 1 4  ? 10.14814  5.71045   46.08201  1.000 28.15665 ? 4  A A OP1   1 
ATOM 66  O OP2   . A A 1 4  ? 9.25311   3.33046   46.43907  1.000 17.58776 ? 4  A A OP2   1 
ATOM 67  O "O5'" . A A 1 4  ? 11.67772  3.85185   46.73088  1.000 20.72680 ? 4  A A "O5'" 1 
ATOM 68  C "C5'" . A A 1 4  ? 12.75885  4.58442   47.28697  1.000 19.14215 ? 4  A A "C5'" 1 
ATOM 69  C "C4'" . A A 1 4  ? 14.03976  3.79042   47.25630  1.000 19.46271 ? 4  A A "C4'" 1 
ATOM 70  O "O4'" . A A 1 4  ? 14.03095  2.78595   48.30229  1.000 18.82407 ? 4  A A "O4'" 1 
ATOM 71  C "C3'" . A A 1 4  ? 14.29998  3.00265   45.98506  1.000 15.33653 ? 4  A A "C3'" 1 
ATOM 72  O "O3'" . A A 1 4  ? 14.83034  3.80933   44.94917  1.000 21.45038 ? 4  A A "O3'" 1 
ATOM 73  C "C2'" . A A 1 4  ? 15.25115  1.91146   46.46054  1.000 16.22701 ? 4  A A "C2'" 1 
ATOM 74  O "O2'" . A A 1 4  ? 16.57193  2.41854   46.58340  1.000 16.86219 ? 4  A A "O2'" 1 
ATOM 75  C "C1'" . A A 1 4  ? 14.71257  1.62894   47.86301  1.000 15.91517 ? 4  A A "C1'" 1 
ATOM 76  N N9    . A A 1 4  ? 13.77389  0.48818   47.89035  1.000 14.91364 ? 4  A A N9    1 
ATOM 77  C C8    . A A 1 4  ? 12.41294  0.50081   47.69093  1.000 13.10263 ? 4  A A C8    1 
ATOM 78  N N7    . A A 1 4  ? 11.85118  -0.67977  47.78492  1.000 11.59193 ? 4  A A N7    1 
ATOM 79  C C5    . A A 1 4  ? 12.91344  -1.52913  48.06573  1.000 11.14073 ? 4  A A C5    1 
ATOM 80  C C6    . A A 1 4  ? 12.98629  -2.91759  48.28305  1.000 9.15275  ? 4  A A C6    1 
ATOM 81  N N6    . A A 1 4  ? 11.92903  -3.73075  48.25051  1.000 8.03786  ? 4  A A N6    1 
ATOM 82  N N1    . A A 1 4  ? 14.20257  -3.45226  48.53829  1.000 11.25267 ? 4  A A N1    1 
ATOM 83  C C2    . A A 1 4  ? 15.26935  -2.64120  48.57044  1.000 9.30800  ? 4  A A C2    1 
ATOM 84  N N3    . A A 1 4  ? 15.32749  -1.32472  48.38337  1.000 9.95086  ? 4  A A N3    1 
ATOM 85  C C4    . A A 1 4  ? 14.10332  -0.82434  48.13240  1.000 12.86388 ? 4  A A C4    1 
ATOM 86  P P     . G A 1 5  ? 14.89593  3.25902   43.44250  1.000 34.17621 ? 5  G A P     1 
ATOM 87  O OP1   . G A 1 5  ? 15.25819  4.39702   42.55454  1.000 19.89906 ? 5  G A OP1   1 
ATOM 88  O OP2   . G A 1 5  ? 13.67499  2.44619   43.18064  1.000 11.94130 ? 5  G A OP2   1 
ATOM 89  O "O5'" . G A 1 5  ? 16.14922  2.28316   43.46170  1.000 15.94068 ? 5  G A "O5'" 1 
ATOM 90  C "C5'" . G A 1 5  ? 16.14990  1.08050   42.71454  1.000 9.47960  ? 5  G A "C5'" 1 
ATOM 91  C "C4'" . G A 1 5  ? 17.15224  0.10956   43.27233  1.000 7.70993  ? 5  G A "C4'" 1 
ATOM 92  O "O4'" . G A 1 5  ? 16.69118  -0.38619  44.55362  1.000 10.81522 ? 5  G A "O4'" 1 
ATOM 93  C "C3'" . G A 1 5  ? 17.38240  -1.14564  42.45172  1.000 5.88856  ? 5  G A "C3'" 1 
ATOM 94  O "O3'" . G A 1 5  ? 18.27667  -0.92719  41.37608  1.000 3.49136  ? 5  G A "O3'" 1 
ATOM 95  C "C2'" . G A 1 5  ? 17.89272  -2.13572  43.48932  1.000 6.85123  ? 5  G A "C2'" 1 
ATOM 96  O "O2'" . G A 1 5  ? 19.26340  -1.90139  43.77401  1.000 4.71820  ? 5  G A "O2'" 1 
ATOM 97  C "C1'" . G A 1 5  ? 17.07546  -1.73296  44.71890  1.000 8.99894  ? 5  G A "C1'" 1 
ATOM 98  N N9    . G A 1 5  ? 15.85581  -2.54435  44.88974  1.000 6.43906  ? 5  G A N9    1 
ATOM 99  C C8    . G A 1 5  ? 14.56338  -2.08419  44.82627  1.000 7.85187  ? 5  G A C8    1 
ATOM 100 N N7    . G A 1 5  ? 13.67330  -3.01660  45.03408  1.000 8.33582  ? 5  G A N7    1 
ATOM 101 C C5    . G A 1 5  ? 14.42504  -4.16395  45.25588  1.000 8.81384  ? 5  G A C5    1 
ATOM 102 C C6    . G A 1 5  ? 14.00895  -5.49364  45.53723  1.000 6.65225  ? 5  G A C6    1 
ATOM 103 O O6    . G A 1 5  ? 12.85809  -5.93526  45.64791  1.000 5.71541  ? 5  G A O6    1 
ATOM 104 N N1    . G A 1 5  ? 15.09609  -6.34474  45.69353  1.000 4.38962  ? 5  G A N1    1 
ATOM 105 C C2    . G A 1 5  ? 16.41284  -5.96621  45.59268  1.000 6.41067  ? 5  G A C2    1 
ATOM 106 N N2    . G A 1 5  ? 17.32116  -6.93753  45.77599  1.000 8.56692  ? 5  G A N2    1 
ATOM 107 N N3    . G A 1 5  ? 16.81518  -4.73177  45.33238  1.000 5.94150  ? 5  G A N3    1 
ATOM 108 C C4    . G A 1 5  ? 15.77555  -3.88719  45.17604  1.000 6.85213  ? 5  G A C4    1 
ATOM 109 P P     . A A 1 6  ? 17.86152  -1.36469  39.88951  1.000 1.43068  ? 6  A A P     1 
ATOM 110 O OP1   . A A 1 6  ? 18.79131  -0.72598  38.92461  1.000 0.77472  ? 6  A A OP1   1 
ATOM 111 O OP2   . A A 1 6  ? 16.39738  -1.17154  39.74087  1.000 1.53963  ? 6  A A OP2   1 
ATOM 112 O "O5'" . A A 1 6  ? 18.15267  -2.92599  39.88366  1.000 3.04932  ? 6  A A "O5'" 1 
ATOM 113 C "C5'" . A A 1 6  ? 19.38407  -3.42798  40.37708  1.000 3.11483  ? 6  A A "C5'" 1 
ATOM 114 C "C4'" . A A 1 6  ? 19.34878  -4.92554  40.49582  1.000 3.30816  ? 6  A A "C4'" 1 
ATOM 115 O "O4'" . A A 1 6  ? 18.69796  -5.30357  41.73579  1.000 6.06377  ? 6  A A "O4'" 1 
ATOM 116 C "C3'" . A A 1 6  ? 18.55216  -5.64239  39.42195  1.000 1.93877  ? 6  A A "C3'" 1 
ATOM 117 O "O3'" . A A 1 6  ? 19.29385  -5.82611  38.23089  1.000 1.10899  ? 6  A A "O3'" 1 
ATOM 118 C "C2'" . A A 1 6  ? 18.16133  -6.94064  40.10976  1.000 3.42930  ? 6  A A "C2'" 1 
ATOM 119 O "O2'" . A A 1 6  ? 19.25912  -7.83719  40.12653  1.000 6.86396  ? 6  A A "O2'" 1 
ATOM 120 C "C1'" . A A 1 6  ? 17.91752  -6.46037  41.53908  1.000 4.38230  ? 6  A A "C1'" 1 
ATOM 121 N N9    . A A 1 6  ? 16.50577  -6.10167  41.77061  1.000 4.43470  ? 6  A A N9    1 
ATOM 122 C C8    . A A 1 6  ? 15.94660  -4.85277  41.69783  1.000 4.20090  ? 6  A A C8    1 
ATOM 123 N N7    . A A 1 6  ? 14.66267  -4.83083  41.95381  1.000 4.64418  ? 6  A A N7    1 
ATOM 124 C C5    . A A 1 6  ? 14.35322  -6.15396  42.21551  1.000 3.59072  ? 6  A A C5    1 
ATOM 125 C C6    . A A 1 6  ? 13.15238  -6.79244  42.55375  1.000 3.47317  ? 6  A A C6    1 
ATOM 126 N N6    . A A 1 6  ? 11.99086  -6.15610  42.69316  1.000 4.38946  ? 6  A A N6    1 
ATOM 127 N N1    . A A 1 6  ? 13.18165  -8.12556  42.74843  1.000 4.32323  ? 6  A A N1    1 
ATOM 128 C C2    . A A 1 6  ? 14.34589  -8.76631  42.60972  1.000 4.63855  ? 6  A A C2    1 
ATOM 129 N N3    . A A 1 6  ? 15.54257  -8.27550  42.29444  1.000 6.31802  ? 6  A A N3    1 
ATOM 130 C C4    . A A 1 6  ? 15.47774  -6.94766  42.10781  1.000 4.54960  ? 6  A A C4    1 
ATOM 131 P P     . C A 1 7  ? 18.58285  -5.64200  36.80436  1.000 1.65258  ? 7  C A P     1 
ATOM 132 O OP1   . C A 1 7  ? 19.62072  -5.66416  35.74508  1.000 1.43314  ? 7  C A OP1   1 
ATOM 133 O OP2   . C A 1 7  ? 17.63492  -4.50357  36.88980  1.000 1.91160  ? 7  C A OP2   1 
ATOM 134 O "O5'" . C A 1 7  ? 17.71817  -6.96608  36.65474  1.000 4.61509  ? 7  C A "O5'" 1 
ATOM 135 C "C5'" . C A 1 7  ? 18.32372  -8.24044  36.78509  1.000 2.47145  ? 7  C A "C5'" 1 
ATOM 136 C "C4'" . C A 1 7  ? 17.29116  -9.33434  36.84190  1.000 1.98512  ? 7  C A "C4'" 1 
ATOM 137 O "O4'" . C A 1 7  ? 16.61550  -9.32520  38.12361  1.000 2.54275  ? 7  C A "O4'" 1 
ATOM 138 C "C3'" . C A 1 7  ? 16.15782  -9.23707  35.84100  1.000 0.85166  ? 7  C A "C3'" 1 
ATOM 139 O "O3'" . C A 1 7  ? 16.52770  -9.66012  34.54628  1.000 0.45035  ? 7  C A "O3'" 1 
ATOM 140 C "C2'" . C A 1 7  ? 15.08886  -10.10796 36.48036  1.000 1.42659  ? 7  C A "C2'" 1 
ATOM 141 O "O2'" . C A 1 7  ? 15.38311  -11.47559 36.26272  1.000 2.14833  ? 7  C A "O2'" 1 
ATOM 142 C "C1'" . C A 1 7  ? 15.29627  -9.79931  37.96587  1.000 2.26889  ? 7  C A "C1'" 1 
ATOM 143 N N1    . C A 1 7  ? 14.34986  -8.77385  38.44960  1.000 2.18433  ? 7  C A N1    1 
ATOM 144 C C2    . C A 1 7  ? 13.10647  -9.20702  38.91395  1.000 3.99944  ? 7  C A C2    1 
ATOM 145 O O2    . C A 1 7  ? 12.85698  -10.42457 38.91708  1.000 4.21488  ? 7  C A O2    1 
ATOM 146 N N3    . C A 1 7  ? 12.21126  -8.29321  39.35347  1.000 4.40493  ? 7  C A N3    1 
ATOM 147 C C4    . C A 1 7  ? 12.52336  -6.99795  39.33171  1.000 4.01415  ? 7  C A C4    1 
ATOM 148 N N4    . C A 1 7  ? 11.61179  -6.13130  39.77277  1.000 4.07473  ? 7  C A N4    1 
ATOM 149 C C5    . C A 1 7  ? 13.78321  -6.53123  38.85697  1.000 4.97194  ? 7  C A C5    1 
ATOM 150 C C6    . C A 1 7  ? 14.65929  -7.44578  38.42524  1.000 3.30845  ? 7  C A C6    1 
ATOM 151 P P     . G A 1 8  ? 15.61686  -9.25292  33.29046  1.000 4.17967  ? 8  G A P     1 
ATOM 152 O OP1   . G A 1 8  ? 16.36097  -9.57647  32.04645  1.000 1.98614  ? 8  G A OP1   1 
ATOM 153 O OP2   . G A 1 8  ? 15.10586  -7.87756  33.51627  1.000 2.47249  ? 8  G A OP2   1 
ATOM 154 O "O5'" . G A 1 8  ? 14.36795  -10.23080 33.40118  1.000 1.10348  ? 8  G A "O5'" 1 
ATOM 155 C "C5'" . G A 1 8  ? 13.05472  -9.75346  33.16864  1.000 0.99907  ? 8  G A "C5'" 1 
ATOM 156 C "C4'" . G A 1 8  ? 12.03017  -10.63366 33.82994  1.000 0.85476  ? 8  G A "C4'" 1 
ATOM 157 O "O4'" . G A 1 8  ? 12.00730  -10.39018 35.26036  1.000 1.31201  ? 8  G A "O4'" 1 
ATOM 158 C "C3'" . G A 1 8  ? 10.59097  -10.41553 33.39771  1.000 0.88953  ? 8  G A "C3'" 1 
ATOM 159 O "O3'" . G A 1 8  ? 10.29453  -11.06898 32.17884  1.000 1.38589  ? 8  G A "O3'" 1 
ATOM 160 C "C2'" . G A 1 8  ? 9.80882   -10.95949 34.58213  1.000 2.11653  ? 8  G A "C2'" 1 
ATOM 161 O "O2'" . G A 1 8  ? 9.78438   -12.38245 34.55772  1.000 1.44211  ? 8  G A "O2'" 1 
ATOM 162 C "C1'" . G A 1 8  ? 10.68945  -10.50737 35.74788  1.000 1.83242  ? 8  G A "C1'" 1 
ATOM 163 N N9    . G A 1 8  ? 10.27613  -9.19104  36.26195  1.000 2.33874  ? 8  G A N9    1 
ATOM 164 C C8    . G A 1 8  ? 11.00636  -8.03138  36.19362  1.000 4.03990  ? 8  G A C8    1 
ATOM 165 N N7    . G A 1 8  ? 10.39742  -7.00891  36.72307  1.000 6.21179  ? 8  G A N7    1 
ATOM 166 C C5    . G A 1 8  ? 9.18573   -7.52802  37.16601  1.000 6.85165  ? 8  G A C5    1 
ATOM 167 C C6    . G A 1 8  ? 8.10109   -6.89203  37.82505  1.000 6.43240  ? 8  G A C6    1 
ATOM 168 O O6    . G A 1 8  ? 7.99763   -5.70621  38.15640  1.000 8.45281  ? 8  G A O6    1 
ATOM 169 N N1    . G A 1 8  ? 7.06846   -7.78115  38.09884  1.000 5.74096  ? 8  G A N1    1 
ATOM 170 C C2    . G A 1 8  ? 7.07615   -9.11636  37.77784  1.000 7.20955  ? 8  G A C2    1 
ATOM 171 N N2    . G A 1 8  ? 5.98680   -9.82119  38.12109  1.000 6.99106  ? 8  G A N2    1 
ATOM 172 N N3    . G A 1 8  ? 8.08117   -9.72007  37.16346  1.000 7.12039  ? 8  G A N3    1 
ATOM 173 C C4    . G A 1 8  ? 9.09627   -8.87402  36.88912  1.000 4.32537  ? 8  G A C4    1 
ATOM 174 P P     . C A 1 9  ? 9.18567   -10.46850 31.19281  1.000 0.58330  ? 9  C A P     1 
ATOM 175 O OP1   . C A 1 9  ? 9.21559   -11.19561 29.89751  1.000 0.00008  ? 9  C A OP1   1 
ATOM 176 O OP2   . C A 1 9  ? 9.35907   -8.99478  31.22113  1.000 2.02880  ? 9  C A OP2   1 
ATOM 177 O "O5'" . C A 1 9  ? 7.81312   -10.82470 31.91338  1.000 2.76809  ? 9  C A "O5'" 1 
ATOM 178 C "C5'" . C A 1 9  ? 7.44011   -12.16934 32.17130  1.000 0.90894  ? 9  C A "C5'" 1 
ATOM 179 C "C4'" . C A 1 9  ? 6.11784   -12.23252 32.89219  1.000 2.06105  ? 9  C A "C4'" 1 
ATOM 180 O "O4'" . C A 1 9  ? 6.25636   -11.65992 34.21730  1.000 3.48574  ? 9  C A "O4'" 1 
ATOM 181 C "C3'" . C A 1 9  ? 4.98321   -11.43799 32.26448  1.000 1.80745  ? 9  C A "C3'" 1 
ATOM 182 O "O3'" . C A 1 9  ? 4.35055   -12.13245 31.20993  1.000 2.34729  ? 9  C A "O3'" 1 
ATOM 183 C "C2'" . C A 1 9  ? 4.06471   -11.18380 33.44781  1.000 2.83485  ? 9  C A "C2'" 1 
ATOM 184 O "O2'" . C A 1 9  ? 3.30711   -12.34655 33.73585  1.000 5.34968  ? 9  C A "O2'" 1 
ATOM 185 C "C1'" . C A 1 9  ? 5.07410   -10.97747 34.57394  1.000 3.62113  ? 9  C A "C1'" 1 
ATOM 186 N N1    . C A 1 9  ? 5.39367   -9.54552  34.78091  1.000 5.34479  ? 9  C A N1    1 
ATOM 187 C C2    . C A 1 9  ? 4.46280   -8.73003  35.42172  1.000 6.86580  ? 9  C A C2    1 
ATOM 188 O O2    . C A 1 9  ? 3.39586   -9.23227  35.79720  1.000 9.82320  ? 9  C A O2    1 
ATOM 189 N N3    . C A 1 9  ? 4.74505   -7.42025  35.61431  1.000 8.55294  ? 9  C A N3    1 
ATOM 190 C C4    . C A 1 9  ? 5.90750   -6.91855  35.19646  1.000 8.60049  ? 9  C A C4    1 
ATOM 191 N N4    . C A 1 9  ? 6.14709   -5.62303  35.40733  1.000 8.51332  ? 9  C A N4    1 
ATOM 192 C C5    . C A 1 9  ? 6.87995   -7.72565  34.54138  1.000 6.61956  ? 9  C A C5    1 
ATOM 193 C C6    . C A 1 9  ? 6.58243   -9.01780  34.35865  1.000 6.61411  ? 9  C A C6    1 
ATOM 194 P P     . U A 1 10 ? 3.73135   -11.32781 29.96716  1.000 4.42229  ? 10 U A P     1 
ATOM 195 O OP1   . U A 1 10 ? 3.16583   -12.30968 29.00457  1.000 4.11266  ? 10 U A OP1   1 
ATOM 196 O OP2   . U A 1 10 ? 4.74165   -10.34400 29.50244  1.000 3.50295  ? 10 U A OP2   1 
ATOM 197 O "O5'" . U A 1 10 ? 2.51505   -10.52587 30.60625  1.000 7.53574  ? 10 U A "O5'" 1 
ATOM 198 C "C5'" . U A 1 10 ? 1.40363   -11.20957 31.16190  1.000 7.24986  ? 10 U A "C5'" 1 
ATOM 199 C "C4'" . U A 1 10 ? 0.44023   -10.25062 31.80841  1.000 8.43866  ? 10 U A "C4'" 1 
ATOM 200 O "O4'" . U A 1 10 ? 1.06452   -9.60510  32.94631  1.000 5.57198  ? 10 U A "O4'" 1 
ATOM 201 C "C3'" . U A 1 10 ? -0.02381  -9.09613  30.93852  1.000 10.81425 ? 10 U A "C3'" 1 
ATOM 202 O "O3'" . U A 1 10 ? -1.06262  -9.47473  30.05531  1.000 15.25936 ? 10 U A "O3'" 1 
ATOM 203 C "C2'" . U A 1 10 ? -0.44596  -8.05687  31.96667  1.000 13.87543 ? 10 U A "C2'" 1 
ATOM 204 O "O2'" . U A 1 10 ? -1.72700  -8.37409  32.49154  1.000 13.62716 ? 10 U A "O2'" 1 
ATOM 205 C "C1'" . U A 1 10 ? 0.59560   -8.28152  33.06650  1.000 9.20947  ? 10 U A "C1'" 1 
ATOM 206 N N1    . U A 1 10 ? 1.75007   -7.36263  32.94802  1.000 11.14689 ? 10 U A N1    1 
ATOM 207 C C2    . U A 1 10 ? 1.63985   -6.10278  33.50274  1.000 13.42178 ? 10 U A C2    1 
ATOM 208 O O2    . U A 1 10 ? 0.63632   -5.71695  34.07542  1.000 15.13323 ? 10 U A O2    1 
ATOM 209 N N3    . U A 1 10 ? 2.75046   -5.30560  33.36083  1.000 14.15509 ? 10 U A N3    1 
ATOM 210 C C4    . U A 1 10 ? 3.93893   -5.63266  32.73701  1.000 12.69678 ? 10 U A C4    1 
ATOM 211 O O4    . U A 1 10 ? 4.85383   -4.80665  32.68620  1.000 14.31091 ? 10 U A O4    1 
ATOM 212 C C5    . U A 1 10 ? 3.97648   -6.95467  32.19350  1.000 10.22562 ? 10 U A C5    1 
ATOM 213 C C6    . U A 1 10 ? 2.90998   -7.75130  32.31792  1.000 11.72139 ? 10 U A C6    1 
ATOM 214 P P     . U A 1 11 ? -1.48724  -8.51047  28.84680  1.000 22.29701 ? 11 U A P     1 
ATOM 215 O OP1   . U A 1 11 ? -1.95008  -9.36097  27.71928  1.000 14.09972 ? 11 U A OP1   1 
ATOM 216 O OP2   . U A 1 11 ? -0.38634  -7.53119  28.64386  1.000 16.21980 ? 11 U A OP2   1 
ATOM 217 O "O5'" . U A 1 11 ? -2.74259  -7.71723  29.42329  1.000 30.82799 ? 11 U A "O5'" 1 
ATOM 218 C "C5'" . U A 1 11 ? -3.84138  -8.40661  30.00214  1.000 19.49394 ? 11 U A "C5'" 1 
ATOM 219 C "C4'" . U A 1 11 ? -4.90736  -7.44583  30.46718  1.000 26.36443 ? 11 U A "C4'" 1 
ATOM 220 O "O4'" . U A 1 11 ? -4.46755  -6.76497  31.67186  1.000 23.41526 ? 11 U A "O4'" 1 
ATOM 221 C "C3'" . U A 1 11 ? -5.24904  -6.31825  29.50512  1.000 26.24644 ? 11 U A "C3'" 1 
ATOM 222 O "O3'" . U A 1 11 ? -6.15033  -6.71683  28.48488  1.000 24.86093 ? 11 U A "O3'" 1 
ATOM 223 C "C2'" . U A 1 11 ? -5.80853  -5.24451  30.42922  1.000 24.23627 ? 11 U A "C2'" 1 
ATOM 224 O "O2'" . U A 1 11 ? -7.16239  -5.51497  30.75753  1.000 30.42848 ? 11 U A "O2'" 1 
ATOM 225 C "C1'" . U A 1 11 ? -4.95393  -5.43949  31.68299  1.000 21.49072 ? 11 U A "C1'" 1 
ATOM 226 N N1    . U A 1 11 ? -3.79946  -4.51466  31.71916  1.000 25.22761 ? 11 U A N1    1 
ATOM 227 C C2    . U A 1 11 ? -4.03837  -3.18429  32.00969  1.000 32.92000 ? 11 U A C2    1 
ATOM 228 O O2    . U A 1 11 ? -5.15179  -2.73890  32.23411  1.000 37.96046 ? 11 U A O2    1 
ATOM 229 N N3    . U A 1 11 ? -2.92210  -2.38497  32.02642  1.000 30.49639 ? 11 U A N3    1 
ATOM 230 C C4    . U A 1 11 ? -1.62187  -2.77313  31.78816  1.000 23.80805 ? 11 U A C4    1 
ATOM 231 O O4    . U A 1 11 ? -0.72318  -1.93538  31.83951  1.000 27.99609 ? 11 U A O4    1 
ATOM 232 C C5    . U A 1 11 ? -1.45794  -4.16153  31.49736  1.000 22.87987 ? 11 U A C5    1 
ATOM 233 C C6    . U A 1 11 ? -2.52552  -4.96301  31.47346  1.000 21.75509 ? 11 U A C6    1 
ATOM 234 P P     . C A 1 12 ? -6.00469  -6.12657  26.99663  1.000 31.19975 ? 12 C A P     1 
ATOM 235 O OP1   . C A 1 12 ? -7.09269  -6.70138  26.16499  1.000 29.39760 ? 12 C A OP1   1 
ATOM 236 O OP2   . C A 1 12 ? -4.59220  -6.26458  26.55683  1.000 23.32904 ? 12 C A OP2   1 
ATOM 237 O "O5'" . C A 1 12 ? -6.30659  -4.57653  27.17636  1.000 28.02171 ? 12 C A "O5'" 1 
ATOM 238 C "C5'" . C A 1 12 ? -7.57585  -4.13374  27.62618  1.000 27.76658 ? 12 C A "C5'" 1 
ATOM 239 C "C4'" . C A 1 12 ? -7.57149  -2.65309  27.89132  1.000 24.61656 ? 12 C A "C4'" 1 
ATOM 240 O "O4'" . C A 1 12 ? -6.71537  -2.35214  29.02518  1.000 26.30202 ? 12 C A "O4'" 1 
ATOM 241 C "C3'" . C A 1 12 ? -7.00746  -1.78931  26.78020  1.000 24.01267 ? 12 C A "C3'" 1 
ATOM 242 O "O3'" . C A 1 12 ? -7.90712  -1.59066  25.70664  1.000 26.34724 ? 12 C A "O3'" 1 
ATOM 243 C "C2'" . C A 1 12 ? -6.62536  -0.51734  27.52189  1.000 28.80550 ? 12 C A "C2'" 1 
ATOM 244 O "O2'" . C A 1 12 ? -7.77230  0.27071   27.79883  1.000 34.97493 ? 12 C A "O2'" 1 
ATOM 245 C "C1'" . C A 1 12 ? -6.10178  -1.09132  28.83836  1.000 33.12978 ? 12 C A "C1'" 1 
ATOM 246 N N1    . C A 1 12 ? -4.63208  -1.26664  28.79948  1.000 32.58400 ? 12 C A N1    1 
ATOM 247 C C2    . C A 1 12 ? -3.83129  -0.16991  29.12487  1.000 35.33760 ? 12 C A C2    1 
ATOM 248 O O2    . C A 1 12 ? -4.38790  0.89028   29.44787  1.000 40.01252 ? 12 C A O2    1 
ATOM 249 N N3    . C A 1 12 ? -2.48284  -0.29364  29.08810  1.000 31.29054 ? 12 C A N3    1 
ATOM 250 C C4    . C A 1 12 ? -1.93247  -1.45700  28.73478  1.000 29.96299 ? 12 C A C4    1 
ATOM 251 N N4    . C A 1 12 ? -0.60034  -1.54780  28.70893  1.000 28.13531 ? 12 C A N4    1 
ATOM 252 C C5    . C A 1 12 ? -2.72516  -2.58828  28.39022  1.000 32.48481 ? 12 C A C5    1 
ATOM 253 C C6    . C A 1 12 ? -4.05548  -2.45002  28.43303  1.000 30.26453 ? 12 C A C6    1 
ATOM 254 P P     . G A 1 13 ? -7.35493  -1.59981  24.19846  1.000 31.67655 ? 13 G A P     1 
ATOM 255 O OP1   . G A 1 13 ? -8.51444  -1.55450  23.27067  1.000 33.19979 ? 13 G A OP1   1 
ATOM 256 O OP2   . G A 1 13 ? -6.38800  -2.71909  24.07844  1.000 37.93088 ? 13 G A OP2   1 
ATOM 257 O "O5'" . G A 1 13 ? -6.55482  -0.22604  24.08503  1.000 21.56837 ? 13 G A "O5'" 1 
ATOM 258 C "C5'" . G A 1 13 ? -7.19432  1.00279   24.39259  1.000 24.77410 ? 13 G A "C5'" 1 
ATOM 259 C "C4'" . G A 1 13 ? -6.20574  2.10723   24.67278  1.000 25.41491 ? 13 G A "C4'" 1 
ATOM 260 O "O4'" . G A 1 13 ? -5.37622  1.77617   25.81870  1.000 29.69376 ? 13 G A "O4'" 1 
ATOM 261 C "C3'" . G A 1 13 ? -5.19746  2.40357   23.58022  1.000 21.94714 ? 13 G A "C3'" 1 
ATOM 262 O "O3'" . G A 1 13 ? -5.73673  3.14411   22.50116  1.000 22.68823 ? 13 G A "O3'" 1 
ATOM 263 C "C2'" . G A 1 13 ? -4.10303  3.13318   24.34600  1.000 24.12318 ? 13 G A "C2'" 1 
ATOM 264 O "O2'" . G A 1 13 ? -4.48729  4.47127   24.62174  1.000 27.19454 ? 13 G A "O2'" 1 
ATOM 265 C "C1'" . G A 1 13 ? -4.09209  2.35069   25.65908  1.000 27.26287 ? 13 G A "C1'" 1 
ATOM 266 N N9    . G A 1 13 ? -3.07362  1.28092   25.62969  1.000 28.62571 ? 13 G A N9    1 
ATOM 267 C C8    . G A 1 13 ? -3.26250  -0.08203  25.65225  1.000 25.89896 ? 13 G A C8    1 
ATOM 268 N N7    . G A 1 13 ? -2.14462  -0.75542  25.59561  1.000 21.77148 ? 13 G A N7    1 
ATOM 269 C C5    . G A 1 13 ? -1.15401  0.21890   25.52530  1.000 26.52106 ? 13 G A C5    1 
ATOM 270 C C6    . G A 1 13 ? 0.26345   0.10513   25.44283  1.000 22.82130 ? 13 G A C6    1 
ATOM 271 O O6    . G A 1 13 ? 0.96199   -0.91534  25.41558  1.000 22.31445 ? 13 G A O6    1 
ATOM 272 N N1    . G A 1 13 ? 0.88200   1.34999   25.39210  1.000 19.04339 ? 13 G A N1    1 
ATOM 273 C C2    . G A 1 13 ? 0.22770   2.55371   25.41471  1.000 18.71551 ? 13 G A C2    1 
ATOM 274 N N2    . G A 1 13 ? 1.00039   3.64626   25.35658  1.000 18.27700 ? 13 G A N2    1 
ATOM 275 N N3    . G A 1 13 ? -1.08678  2.67552   25.49178  1.000 22.62073 ? 13 G A N3    1 
ATOM 276 C C4    . G A 1 13 ? -1.71317  1.47929   25.54355  1.000 24.96878 ? 13 G A C4    1 
ATOM 277 P P     . G A 1 14 ? -5.23828  2.84410   21.00259  1.000 40.33055 ? 14 G A P     1 
ATOM 278 O OP1   . G A 1 14 ? -6.07691  3.61842   20.05180  1.000 42.14049 ? 14 G A OP1   1 
ATOM 279 O OP2   . G A 1 14 ? -5.12050  1.37131   20.83247  1.000 26.16278 ? 14 G A OP2   1 
ATOM 280 O "O5'" . G A 1 14 ? -3.77492  3.46574   20.97371  1.000 32.26243 ? 14 G A "O5'" 1 
ATOM 281 C "C5'" . G A 1 14 ? -3.54821  4.79954   21.40123  1.000 28.92230 ? 14 G A "C5'" 1 
ATOM 282 C "C4'" . G A 1 14 ? -2.08146  5.13002   21.38150  1.000 24.28334 ? 14 G A "C4'" 1 
ATOM 283 O "O4'" . G A 1 14 ? -1.39156  4.42153   22.44143  1.000 28.42052 ? 14 G A "O4'" 1 
ATOM 284 C "C3'" . G A 1 14 ? -1.34513  4.71360   20.12630  1.000 19.07288 ? 14 G A "C3'" 1 
ATOM 285 O "O3'" . G A 1 14 ? -1.55043  5.61574   19.05868  1.000 20.32492 ? 14 G A "O3'" 1 
ATOM 286 C "C2'" . G A 1 14 ? 0.09930   4.62783   20.60151  1.000 20.97622 ? 14 G A "C2'" 1 
ATOM 287 O "O2'" . G A 1 14 ? 0.67831   5.92127   20.68544  1.000 15.55343 ? 14 G A "O2'" 1 
ATOM 288 C "C1'" . G A 1 14 ? -0.08478  4.08610   22.02198  1.000 23.82814 ? 14 G A "C1'" 1 
ATOM 289 N N9    . G A 1 14 ? 0.07563   2.61936   22.09190  1.000 24.21194 ? 14 G A N9    1 
ATOM 290 C C8    . G A 1 14 ? -0.91729  1.67274   22.20808  1.000 23.03883 ? 14 G A C8    1 
ATOM 291 N N7    . G A 1 14 ? -0.45972  0.44815   22.25013  1.000 21.34021 ? 14 G A N7    1 
ATOM 292 C C5    . G A 1 14 ? 0.91997   0.59145   22.15716  1.000 21.15732 ? 14 G A C5    1 
ATOM 293 C C6    . G A 1 14 ? 1.95424   -0.38438  22.15004  1.000 18.84764 ? 14 G A C6    1 
ATOM 294 O O6    . G A 1 14 ? 1.85923   -1.61606  22.22423  1.000 17.39469 ? 14 G A O6    1 
ATOM 295 N N1    . G A 1 14 ? 3.21079   0.20186   22.03713  1.000 13.99887 ? 14 G A N1    1 
ATOM 296 C C2    . G A 1 14 ? 3.44498   1.55093   21.94529  1.000 13.33900 ? 14 G A C2    1 
ATOM 297 N N2    . G A 1 14 ? 4.72651   1.92706   21.84491  1.000 11.30348 ? 14 G A N2    1 
ATOM 298 N N3    . G A 1 14 ? 2.49410   2.46864   21.95185  1.000 17.78476 ? 14 G A N3    1 
ATOM 299 C C4    . G A 1 14 ? 1.26422   1.92452   22.05956  1.000 20.15425 ? 14 G A C4    1 
ATOM 300 P P     . C A 1 15 ? -1.22464  5.15942   17.55788  1.000 36.37517 ? 15 C A P     1 
ATOM 301 O OP1   . C A 1 15 ? -1.83206  6.13928   16.61883  1.000 34.94362 ? 15 C A OP1   1 
ATOM 302 O OP2   . C A 1 15 ? -1.55249  3.71273   17.42860  1.000 17.66024 ? 15 C A OP2   1 
ATOM 303 O "O5'" . C A 1 15 ? 0.35318   5.32453   17.47362  1.000 26.32114 ? 15 C A "O5'" 1 
ATOM 304 C "C5'" . C A 1 15 ? 1.13556   4.40503   16.73611  1.000 22.21733 ? 15 C A "C5'" 1 
ATOM 305 C "C4'" . C A 1 15 ? 2.56793   4.41114   17.19394  1.000 15.29973 ? 15 C A "C4'" 1 
ATOM 306 O "O4'" . C A 1 15 ? 2.67218   3.78792   18.50104  1.000 15.92256 ? 15 C A "O4'" 1 
ATOM 307 C "C3'" . C A 1 15 ? 3.51585   3.61239   16.32072  1.000 11.11923 ? 15 C A "C3'" 1 
ATOM 308 O "O3'" . C A 1 15 ? 3.95143   4.35297   15.20156  1.000 10.57581 ? 15 C A "O3'" 1 
ATOM 309 C "C2'" . C A 1 15 ? 4.62998   3.24364   17.28495  1.000 13.93711 ? 15 C A "C2'" 1 
ATOM 310 O "O2'" . C A 1 15 ? 5.48977   4.35346   17.49156  1.000 21.85616 ? 15 C A "O2'" 1 
ATOM 311 C "C1'" . C A 1 15 ? 3.84009   3.00255   18.56997  1.000 14.67291 ? 15 C A "C1'" 1 
ATOM 312 N N1    . C A 1 15 ? 3.41798   1.59098   18.72033  1.000 15.07534 ? 15 C A N1    1 
ATOM 313 C C2    . C A 1 15 ? 4.34576   0.55481   18.89097  1.000 14.62084 ? 15 C A C2    1 
ATOM 314 O O2    . C A 1 15 ? 5.56316   0.80795   18.90768  1.000 13.07113 ? 15 C A O2    1 
ATOM 315 N N3    . C A 1 15 ? 3.88596   -0.71500  19.02593  1.000 11.44981 ? 15 C A N3    1 
ATOM 316 C C4    . C A 1 15 ? 2.57485   -0.96341  19.00378  1.000 10.01635 ? 15 C A C4    1 
ATOM 317 N N4    . C A 1 15 ? 2.15735   -2.22117  19.14214  1.000 11.37763 ? 15 C A N4    1 
ATOM 318 C C5    . C A 1 15 ? 1.61834   0.07114   18.84016  1.000 13.78471 ? 15 C A C5    1 
ATOM 319 C C6    . C A 1 15 ? 2.08169   1.31479   18.70853  1.000 15.31287 ? 15 C A C6    1 
ATOM 320 P P     . G A 1 16 ? 3.97711   3.66915   13.75325  1.000 25.04891 ? 16 G A P     1 
ATOM 321 O OP1   . G A 1 16 ? 3.88565   4.75019   12.73867  1.000 24.71153 ? 16 G A OP1   1 
ATOM 322 O OP2   . G A 1 16 ? 2.98343   2.56133   13.74443  1.000 15.74416 ? 16 G A OP2   1 
ATOM 323 O "O5'" . G A 1 16 ? 5.44170   3.05472   13.67508  1.000 15.02672 ? 16 G A "O5'" 1 
ATOM 324 C "C5'" . G A 1 16 ? 6.54770   3.80149   14.15400  1.000 10.41502 ? 16 G A "C5'" 1 
ATOM 325 C "C4'" . G A 1 16 ? 7.75669   2.93123   14.36325  1.000 5.84860  ? 16 G A "C4'" 1 
ATOM 326 O "O4'" . G A 1 16 ? 7.58743   2.10182   15.54201  1.000 7.60204  ? 16 G A "O4'" 1 
ATOM 327 C "C3'" . G A 1 16 ? 8.05695   1.93731   13.25861  1.000 2.32855  ? 16 G A "C3'" 1 
ATOM 328 O "O3'" . G A 1 16 ? 8.70562   2.53614   12.15352  1.000 2.17929  ? 16 G A "O3'" 1 
ATOM 329 C "C2'" . G A 1 16 ? 8.91012   0.90639   13.97993  1.000 4.29942  ? 16 G A "C2'" 1 
ATOM 330 O "O2'" . G A 1 16 ? 10.22376  1.40513   14.17260  1.000 4.92169  ? 16 G A "O2'" 1 
ATOM 331 C "C1'" . G A 1 16 ? 8.22308   0.85684   15.34397  1.000 7.08717  ? 16 G A "C1'" 1 
ATOM 332 N N9    . G A 1 16 ? 7.20297   -0.20744  15.41460  1.000 7.61010  ? 16 G A N9    1 
ATOM 333 C C8    . G A 1 16 ? 5.84246   -0.02936  15.42388  1.000 7.77245  ? 16 G A C8    1 
ATOM 334 N N7    . G A 1 16 ? 5.17893   -1.14954  15.49482  1.000 9.44928  ? 16 G A N7    1 
ATOM 335 C C5    . G A 1 16 ? 6.15671   -2.12971  15.53828  1.000 5.73501  ? 16 G A C5    1 
ATOM 336 C C6    . G A 1 16 ? 6.03243   -3.53896  15.61674  1.000 5.04034  ? 16 G A C6    1 
ATOM 337 O O6    . G A 1 16 ? 5.00425   -4.22135  15.66843  1.000 6.23584  ? 16 G A O6    1 
ATOM 338 N N1    . G A 1 16 ? 7.27209   -4.15973  15.63331  1.000 4.57450  ? 16 G A N1    1 
ATOM 339 C C2    . G A 1 16 ? 8.47759   -3.50934  15.58010  1.000 5.48150  ? 16 G A C2    1 
ATOM 340 N N2    . G A 1 16 ? 9.56421   -4.29585  15.60756  1.000 6.23181  ? 16 G A N2    1 
ATOM 341 N N3    . G A 1 16 ? 8.60873   -2.19333  15.50682  1.000 5.20986  ? 16 G A N3    1 
ATOM 342 C C4    . G A 1 16 ? 7.41354   -1.56734  15.48863  1.000 5.61694  ? 16 G A C4    1 
ATOM 343 P P     . U A 1 17 ? 8.27978   2.14952   10.65515  1.000 2.22221  ? 17 U A P     1 
ATOM 344 O OP1   . U A 1 17 ? 8.88111   3.14101   9.72694   1.000 0.66609  ? 17 U A OP1   1 
ATOM 345 O OP2   . U A 1 17 ? 6.81198   1.93709   10.64908  1.000 3.09931  ? 17 U A OP2   1 
ATOM 346 O "O5'" . U A 1 17 ? 8.99834   0.74822   10.40862  1.000 3.63877  ? 17 U A "O5'" 1 
ATOM 347 C "C5'" . U A 1 17 ? 10.38404  0.58697   10.67540  1.000 2.36968  ? 17 U A "C5'" 1 
ATOM 348 C "C4'" . U A 1 17 ? 10.79670  -0.86272  10.63382  1.000 3.55701  ? 17 U A "C4'" 1 
ATOM 349 O "O4'" . U A 1 17 ? 10.31281  -1.55646  11.81307  1.000 4.19792  ? 17 U A "O4'" 1 
ATOM 350 C "C3'" . U A 1 17 ? 10.25388  -1.68277  9.47731   1.000 2.26487  ? 17 U A "C3'" 1 
ATOM 351 O "O3'" . U A 1 17 ? 10.98564  -1.49005  8.28101   1.000 1.47603  ? 17 U A "O3'" 1 
ATOM 352 C "C2'" . U A 1 17 ? 10.33981  -3.10272  10.01274  1.000 3.21959  ? 17 U A "C2'" 1 
ATOM 353 O "O2'" . U A 1 17 ? 11.67201  -3.58618  9.92303   1.000 5.82999  ? 17 U A "O2'" 1 
ATOM 354 C "C1'" . U A 1 17 ? 10.00345  -2.89462  11.48921  1.000 2.80410  ? 17 U A "C1'" 1 
ATOM 355 N N1    . U A 1 17 ? 8.57243   -3.13405  11.78385  1.000 4.00931  ? 17 U A N1    1 
ATOM 356 C C2    . U A 1 17 ? 8.10639   -4.43754  11.82438  1.000 5.51766  ? 17 U A C2    1 
ATOM 357 O O2    . U A 1 17 ? 8.79737   -5.42155  11.62175  1.000 8.74613  ? 17 U A O2    1 
ATOM 358 N N3    . U A 1 17 ? 6.77509   -4.56443  12.11059  1.000 3.97346  ? 17 U A N3    1 
ATOM 359 C C4    . U A 1 17 ? 5.87823   -3.55614  12.35980  1.000 3.35942  ? 17 U A C4    1 
ATOM 360 O O4    . U A 1 17 ? 4.71205   -3.85288  12.60079  1.000 4.56996  ? 17 U A O4    1 
ATOM 361 C C5    . U A 1 17 ? 6.42654   -2.23989  12.30287  1.000 4.25384  ? 17 U A C5    1 
ATOM 362 C C6    . U A 1 17 ? 7.72327   -2.08228  12.02716  1.000 4.96479  ? 17 U A C6    1 
ATOM 363 P P     . U A 1 18 ? 10.23383  -1.51208  6.86341   1.000 0.76082  ? 18 U A P     1 
ATOM 364 O OP1   . U A 1 18 ? 11.19140  -1.11073  5.80746   1.000 1.72677  ? 18 U A OP1   1 
ATOM 365 O OP2   . U A 1 18 ? 8.94746   -0.79077  7.02746   1.000 2.43085  ? 18 U A OP2   1 
ATOM 366 O "O5'" . U A 1 18 ? 9.91931   -3.05030  6.62039   1.000 3.27468  ? 18 U A "O5'" 1 
ATOM 367 C "C5'" . U A 1 18 ? 10.96243  -4.01060  6.61835   1.000 4.21556  ? 18 U A "C5'" 1 
ATOM 368 C "C4'" . U A 1 18 ? 10.41488  -5.40393  6.76149   1.000 3.09348  ? 18 U A "C4'" 1 
ATOM 369 O "O4'" . U A 1 18 ? 9.82981   -5.57557  8.07752   1.000 5.97850  ? 18 U A "O4'" 1 
ATOM 370 C "C3'" . U A 1 18 ? 9.28675   -5.75811  5.81288   1.000 1.98693  ? 18 U A "C3'" 1 
ATOM 371 O "O3'" . U A 1 18 ? 9.74858   -6.11379  4.52899   1.000 1.71499  ? 18 U A "O3'" 1 
ATOM 372 C "C2'" . U A 1 18 ? 8.58198   -6.88976  6.54817   1.000 4.49229  ? 18 U A "C2'" 1 
ATOM 373 O "O2'" . U A 1 18 ? 9.30925   -8.10149  6.41367   1.000 5.09002  ? 18 U A "O2'" 1 
ATOM 374 C "C1'" . U A 1 18 ? 8.69997   -6.41720  7.99574   1.000 4.74196  ? 18 U A "C1'" 1 
ATOM 375 N N1    . U A 1 18 ? 7.50882   -5.65172  8.42396   1.000 3.19561  ? 18 U A N1    1 
ATOM 376 C C2    . U A 1 18 ? 6.44303   -6.36790  8.90955   1.000 4.09312  ? 18 U A C2    1 
ATOM 377 O O2    . U A 1 18 ? 6.45397   -7.58040  8.99479   1.000 5.07329  ? 18 U A O2    1 
ATOM 378 N N3    . U A 1 18 ? 5.36496   -5.61196  9.29288   1.000 6.61911  ? 18 U A N3    1 
ATOM 379 C C4    . U A 1 18 ? 5.24455   -4.23881  9.23833   1.000 5.32983  ? 18 U A C4    1 
ATOM 380 O O4    . U A 1 18 ? 4.20392   -3.70331  9.62198   1.000 5.55970  ? 18 U A O4    1 
ATOM 381 C C5    . U A 1 18 ? 6.39325   -3.56600  8.72194   1.000 4.73184  ? 18 U A C5    1 
ATOM 382 C C6    . U A 1 18 ? 7.45612   -4.28123  8.34259   1.000 4.48922  ? 18 U A C6    1 
ATOM 383 P P     . U A 1 19 ? 8.80289   -5.88593  3.25729   1.000 2.55309  ? 19 U A P     1 
ATOM 384 O OP1   . U A 1 19 ? 9.63604   -6.07089  2.03961   1.000 1.60871  ? 19 U A OP1   1 
ATOM 385 O OP2   . U A 1 19 ? 8.07367   -4.61009  3.46365   1.000 3.27373  ? 19 U A OP2   1 
ATOM 386 O "O5'" . U A 1 19 ? 7.73979   -7.07472  3.35374   1.000 4.50345  ? 19 U A "O5'" 1 
ATOM 387 C "C5'" . U A 1 19 ? 8.11855   -8.41173  3.06087   1.000 2.56649  ? 19 U A "C5'" 1 
ATOM 388 C "C4'" . U A 1 19 ? 7.06250   -9.40763  3.47163   1.000 1.78529  ? 19 U A "C4'" 1 
ATOM 389 O "O4'" . U A 1 19 ? 6.74641   -9.24718  4.87642   1.000 2.67260  ? 19 U A "O4'" 1 
ATOM 390 C "C3'" . U A 1 19 ? 5.71355   -9.29871  2.78324   1.000 2.59748  ? 19 U A "C3'" 1 
ATOM 391 O "O3'" . U A 1 19 ? 5.69810   -9.87619  1.49143   1.000 2.76865  ? 19 U A "O3'" 1 
ATOM 392 C "C2'" . U A 1 19 ? 4.79344   -10.00759 3.76528   1.000 3.46989  ? 19 U A "C2'" 1 
ATOM 393 O "O2'" . U A 1 19 ? 4.95215   -11.41169 3.65451   1.000 4.71253  ? 19 U A "O2'" 1 
ATOM 394 C "C1'" . U A 1 19 ? 5.38949   -9.56650  5.10120   1.000 3.57576  ? 19 U A "C1'" 1 
ATOM 395 N N1    . U A 1 19 ? 4.70237   -8.37590  5.65143   1.000 6.30868  ? 19 U A N1    1 
ATOM 396 C C2    . U A 1 19 ? 3.51294   -8.56699  6.33115   1.000 5.82408  ? 19 U A C2    1 
ATOM 397 O O2    . U A 1 19 ? 3.00535   -9.66359  6.49502   1.000 5.75516  ? 19 U A O2    1 
ATOM 398 N N3    . U A 1 19 ? 2.93756   -7.41903  6.81402   1.000 5.94464  ? 19 U A N3    1 
ATOM 399 C C4    . U A 1 19 ? 3.41632   -6.12937  6.68835   1.000 6.49501  ? 19 U A C4    1 
ATOM 400 O O4    . U A 1 19 ? 2.78424   -5.19049  7.17753   1.000 9.89314  ? 19 U A O4    1 
ATOM 401 C C5    . U A 1 19 ? 4.64908   -6.01763  5.97395   1.000 5.20332  ? 19 U A C5    1 
ATOM 402 C C6    . U A 1 19 ? 5.23303   -7.11725  5.49305   1.000 5.21781  ? 19 U A C6    1 
ATOM 403 P P     . G A 1 20 ? 4.57055   -9.44093  0.43439   1.000 2.69591  ? 20 G A P     1 
ATOM 404 O OP1   . G A 1 20 ? 4.95051   -9.97534  -0.89665  1.000 3.17491  ? 20 G A OP1   1 
ATOM 405 O OP2   . G A 1 20 ? 4.33628   -7.98066  0.59489   1.000 3.53641  ? 20 G A OP2   1 
ATOM 406 O "O5'" . G A 1 20 ? 3.26585   -10.21244 0.92443   1.000 3.99056  ? 20 G A "O5'" 1 
ATOM 407 C "C5'" . G A 1 20 ? 3.20609   -11.62773 0.88575   1.000 4.34672  ? 20 G A "C5'" 1 
ATOM 408 C "C4'" . G A 1 20 ? 1.92796   -12.15655 1.48760   1.000 6.87270  ? 20 G A "C4'" 1 
ATOM 409 O "O4'" . G A 1 20 ? 1.84803   -11.80452 2.89280   1.000 6.66733  ? 20 G A "O4'" 1 
ATOM 410 C "C3'" . G A 1 20 ? 0.62989   -11.62064 0.91202   1.000 7.42469  ? 20 G A "C3'" 1 
ATOM 411 O "O3'" . G A 1 20 ? 0.27563   -12.20662 -0.32502  1.000 5.94633  ? 20 G A "O3'" 1 
ATOM 412 C "C2'" . G A 1 20 ? -0.35968  -11.91254 2.02958   1.000 10.42038 ? 20 G A "C2'" 1 
ATOM 413 O "O2'" . G A 1 20 ? -0.70912  -13.28854 2.04370   1.000 14.44335 ? 20 G A "O2'" 1 
ATOM 414 C "C1'" . G A 1 20 ? 0.49490   -11.62258 3.26122   1.000 8.16246  ? 20 G A "C1'" 1 
ATOM 415 N N9    . G A 1 20 ? 0.31061   -10.23955 3.73630   1.000 9.74763  ? 20 G A N9    1 
ATOM 416 C C8    . G A 1 20 ? 1.14624   -9.16861  3.54222   1.000 9.64599  ? 20 G A C8    1 
ATOM 417 N N7    . G A 1 20 ? 0.70215   -8.06825  4.08854   1.000 11.87506 ? 20 G A N7    1 
ATOM 418 C C5    . G A 1 20 ? -0.50018  -8.43402  4.67550   1.000 10.89464 ? 20 G A C5    1 
ATOM 419 C C6    . G A 1 20 ? -1.43781  -7.66848  5.41531   1.000 12.21608 ? 20 G A C6    1 
ATOM 420 O O6    . G A 1 20 ? -1.39543  -6.46908  5.71289   1.000 12.96849 ? 20 G A O6    1 
ATOM 421 N N1    . G A 1 20 ? -2.51789  -8.44379  5.82267   1.000 11.89963 ? 20 G A N1    1 
ATOM 422 C C2    . G A 1 20 ? -2.67921  -9.77990  5.55358   1.000 11.00266 ? 20 G A C2    1 
ATOM 423 N N2    . G A 1 20 ? -3.79087  -10.35668 6.03409   1.000 14.81477 ? 20 G A N2    1 
ATOM 424 N N3    . G A 1 20 ? -1.81164  -10.50132 4.86763   1.000 11.45755 ? 20 G A N3    1 
ATOM 425 C C4    . G A 1 20 ? -0.75554  -9.77024  4.46288   1.000 10.14108 ? 20 G A C4    1 
ATOM 426 P P     . C A 1 21 ? -0.47333  -11.32084 -1.43430  1.000 13.54685 ? 21 C A P     1 
ATOM 427 O OP1   . C A 1 21 ? -0.51465  -12.09795 -2.69845  1.000 24.18104 ? 21 C A OP1   1 
ATOM 428 O OP2   . C A 1 21 ? 0.14025   -9.96933  -1.43606  1.000 14.55584 ? 21 C A OP2   1 
ATOM 429 O "O5'" . C A 1 21 ? -1.95529  -11.17155 -0.86837  1.000 13.25645 ? 21 C A "O5'" 1 
ATOM 430 C "C5'" . C A 1 21 ? -2.76591  -12.31319 -0.62885  1.000 16.60887 ? 21 C A "C5'" 1 
ATOM 431 C "C4'" . C A 1 21 ? -3.94217  -11.98273 0.25874   1.000 24.29687 ? 21 C A "C4'" 1 
ATOM 432 O "O4'" . C A 1 21 ? -3.46905  -11.48146 1.53712   1.000 21.45801 ? 21 C A "O4'" 1 
ATOM 433 C "C3'" . C A 1 21 ? -4.87227  -10.88772 -0.24234  1.000 25.85352 ? 21 C A "C3'" 1 
ATOM 434 O "O3'" . C A 1 21 ? -5.80778  -11.34295 -1.20143  1.000 22.51578 ? 21 C A "O3'" 1 
ATOM 435 C "C2'" . C A 1 21 ? -5.51556  -10.38681 1.04213   1.000 22.67563 ? 21 C A "C2'" 1 
ATOM 436 O "O2'" . C A 1 21 ? -6.53168  -11.27868 1.47186   1.000 24.65572 ? 21 C A "O2'" 1 
ATOM 437 C "C1'" . C A 1 21 ? -4.34534  -10.48348 2.01877   1.000 18.92034 ? 21 C A "C1'" 1 
ATOM 438 N N1    . C A 1 21 ? -3.60477  -9.20512  2.11880   1.000 12.21816 ? 21 C A N1    1 
ATOM 439 C C2    . C A 1 21 ? -4.15517  -8.17582  2.88208   1.000 16.19118 ? 21 C A C2    1 
ATOM 440 O O2    . C A 1 21 ? -5.23873  -8.36613  3.44953   1.000 26.49406 ? 21 C A O2    1 
ATOM 441 N N3    . C A 1 21 ? -3.49982  -6.99982  2.98801   1.000 15.23448 ? 21 C A N3    1 
ATOM 442 C C4    . C A 1 21 ? -2.33631  -6.83327  2.36397   1.000 14.44380 ? 21 C A C4    1 
ATOM 443 N N4    . C A 1 21 ? -1.72721  -5.65593  2.49906   1.000 15.39889 ? 21 C A N4    1 
ATOM 444 C C5    . C A 1 21 ? -1.74731  -7.86309  1.57647   1.000 14.05891 ? 21 C A C5    1 
ATOM 445 C C6    . C A 1 21 ? -2.41084  -9.02086  1.48209   1.000 13.13587 ? 21 C A C6    1 
ATOM 446 P P     . C A 1 22 ? -6.34126  -10.33977 -2.33536  1.000 32.81239 ? 22 C A P     1 
ATOM 447 O OP1   . C A 1 22 ? -7.32083  -11.09452 -3.15648  1.000 33.40016 ? 22 C A OP1   1 
ATOM 448 O OP2   . C A 1 22 ? -5.17502  -9.68703  -2.98808  1.000 22.86156 ? 22 C A OP2   1 
ATOM 449 O "O5'" . C A 1 22 ? -7.13508  -9.22491  -1.51911  1.000 33.10796 ? 22 C A "O5'" 1 
ATOM 450 C "C5'" . C A 1 22 ? -8.36825  -9.52831  -0.88247  1.000 33.50707 ? 22 C A "C5'" 1 
ATOM 451 C "C4'" . C A 1 22 ? -9.01593  -8.29575  -0.30176  1.000 37.64940 ? 22 C A "C4'" 1 
ATOM 452 O "O4'" . C A 1 22 ? -8.22409  -7.78739  0.80479   1.000 39.24152 ? 22 C A "O4'" 1 
ATOM 453 C "C3'" . C A 1 22 ? -9.14491  -7.10211  -1.23422  1.000 35.81204 ? 22 C A "C3'" 1 
ATOM 454 O "O3'" . C A 1 22 ? -10.23136 -7.21584  -2.13711  1.000 37.65719 ? 22 C A "O3'" 1 
ATOM 455 C "C2'" . C A 1 22 ? -9.27223  -5.93739  -0.26008  1.000 36.10063 ? 22 C A "C2'" 1 
ATOM 456 O "O2'" . C A 1 22 ? -10.58877 -5.86317  0.26604   1.000 54.64325 ? 22 C A "O2'" 1 
ATOM 457 C "C1'" . C A 1 22 ? -8.33100  -6.37854  0.86359   1.000 31.41706 ? 22 C A "C1'" 1 
ATOM 458 N N1    . C A 1 22 ? -6.98260  -5.78297  0.71853   1.000 28.85123 ? 22 C A N1    1 
ATOM 459 C C2    . C A 1 22 ? -6.76094  -4.50977  1.25328   1.000 28.14948 ? 22 C A C2    1 
ATOM 460 O O2    . C A 1 22 ? -7.69687  -3.93852  1.83237   1.000 24.95284 ? 22 C A O2    1 
ATOM 461 N N3    . C A 1 22 ? -5.53948  -3.93482  1.12899   1.000 26.09437 ? 22 C A N3    1 
ATOM 462 C C4    . C A 1 22 ? -4.56005  -4.58456  0.49707   1.000 23.74748 ? 22 C A C4    1 
ATOM 463 N N4    . C A 1 22 ? -3.37156  -3.98597  0.39565   1.000 20.95910 ? 22 C A N4    1 
ATOM 464 C C5    . C A 1 22 ? -4.75781  -5.88179  -0.05992  1.000 27.19591 ? 22 C A C5    1 
ATOM 465 C C6    . C A 1 22 ? -5.97075  -6.43827  0.07102   1.000 28.18512 ? 22 C A C6    1 
ATOM 466 O "O5'" . G B 1 1  ? -15.98616 7.40883   -52.12629 1.000 36.67911 ? 1  G B "O5'" 1 
ATOM 467 C "C5'" . G B 1 1  ? -17.33294 6.97137   -52.01686 1.000 31.46629 ? 1  G B "C5'" 1 
ATOM 468 C "C4'" . G B 1 1  ? -17.57416 5.73409   -52.84198 1.000 34.23122 ? 1  G B "C4'" 1 
ATOM 469 O "O4'" . G B 1 1  ? -17.16575 5.98256   -54.21265 1.000 32.78173 ? 1  G B "O4'" 1 
ATOM 470 C "C3'" . G B 1 1  ? -16.78013 4.49983   -52.43669 1.000 42.34812 ? 1  G B "C3'" 1 
ATOM 471 O "O3'" . G B 1 1  ? -17.36564 3.79188   -51.35806 1.000 42.13987 ? 1  G B "O3'" 1 
ATOM 472 C "C2'" . G B 1 1  ? -16.72122 3.70248   -53.73136 1.000 38.85820 ? 1  G B "C2'" 1 
ATOM 473 O "O2'" . G B 1 1  ? -17.95260 3.03119   -53.96298 1.000 31.02193 ? 1  G B "O2'" 1 
ATOM 474 C "C1'" . G B 1 1  ? -16.57816 4.82247   -54.76148 1.000 31.46281 ? 1  G B "C1'" 1 
ATOM 475 N N9    . G B 1 1  ? -15.16561 5.12357   -55.06218 1.000 26.90578 ? 1  G B N9    1 
ATOM 476 C C8    . G B 1 1  ? -14.49942 6.29542   -54.79221 1.000 29.85644 ? 1  G B C8    1 
ATOM 477 N N7    . G B 1 1  ? -13.25055 6.27970   -55.17283 1.000 26.91110 ? 1  G B N7    1 
ATOM 478 C C5    . G B 1 1  ? -13.08212 5.02037   -55.72939 1.000 26.64682 ? 1  G B C5    1 
ATOM 479 C C6    . G B 1 1  ? -11.93331 4.42463   -56.31285 1.000 30.64299 ? 1  G B C6    1 
ATOM 480 O O6    . G B 1 1  ? -10.80243 4.91140   -56.45561 1.000 30.04370 ? 1  G B O6    1 
ATOM 481 N N1    . G B 1 1  ? -12.20289 3.13004   -56.75362 1.000 28.54589 ? 1  G B N1    1 
ATOM 482 C C2    . G B 1 1  ? -13.41844 2.49714   -56.64357 1.000 24.17867 ? 1  G B C2    1 
ATOM 483 N N2    . G B 1 1  ? -13.48451 1.25073   -57.12560 1.000 25.29325 ? 1  G B N2    1 
ATOM 484 N N3    . G B 1 1  ? -14.49446 3.04127   -56.10368 1.000 22.73877 ? 1  G B N3    1 
ATOM 485 C C4    . G B 1 1  ? -14.25560 4.29545   -55.67133 1.000 25.69610 ? 1  G B C4    1 
ATOM 486 P P     . G B 1 2  ? -16.43458 3.12997   -50.22715 1.000 47.92937 ? 2  G B P     1 
ATOM 487 O OP1   . G B 1 2  ? -17.30317 2.82870   -49.06105 1.000 47.43167 ? 2  G B OP1   1 
ATOM 488 O OP2   . G B 1 2  ? -15.22510 3.97537   -50.04703 1.000 38.27247 ? 2  G B OP2   1 
ATOM 489 O "O5'" . G B 1 2  ? -15.97663 1.74770   -50.86975 1.000 42.59084 ? 2  G B "O5'" 1 
ATOM 490 C "C5'" . G B 1 2  ? -16.93706 0.76764   -51.22992 1.000 44.83319 ? 2  G B "C5'" 1 
ATOM 491 C "C4'" . G B 1 2  ? -16.36513 -0.23992  -52.19188 1.000 45.09076 ? 2  G B "C4'" 1 
ATOM 492 O "O4'" . G B 1 2  ? -15.84232 0.43982   -53.36288 1.000 44.71721 ? 2  G B "O4'" 1 
ATOM 493 C "C3'" . G B 1 2  ? -15.18329 -1.04982  -51.68637 1.000 47.19982 ? 2  G B "C3'" 1 
ATOM 494 O "O3'" . G B 1 2  ? -15.56386 -2.12858  -50.85178 1.000 54.33633 ? 2  G B "O3'" 1 
ATOM 495 C "C2'" . G B 1 2  ? -14.50898 -1.48408  -52.97826 1.000 42.31152 ? 2  G B "C2'" 1 
ATOM 496 O "O2'" . G B 1 2  ? -15.22553 -2.55308  -53.57930 1.000 37.51624 ? 2  G B "O2'" 1 
ATOM 497 C "C1'" . G B 1 2  ? -14.69805 -0.23715  -53.84073 1.000 41.69485 ? 2  G B "C1'" 1 
ATOM 498 N N9    . G B 1 2  ? -13.54011 0.67457   -53.75753 1.000 32.75578 ? 2  G B N9    1 
ATOM 499 C C8    . G B 1 2  ? -13.50714 1.92925   -53.19750 1.000 30.60402 ? 2  G B C8    1 
ATOM 500 N N7    . G B 1 2  ? -12.33339 2.49525   -53.28153 1.000 28.93553 ? 2  G B N7    1 
ATOM 501 C C5    . G B 1 2  ? -11.54327 1.56079   -53.93724 1.000 28.32936 ? 2  G B C5    1 
ATOM 502 C C6    . G B 1 2  ? -10.17402 1.61126   -54.31383 1.000 31.12005 ? 2  G B C6    1 
ATOM 503 O O6    . G B 1 2  ? -9.35936  2.52502   -54.13599 1.000 35.06556 ? 2  G B O6    1 
ATOM 504 N N1    . G B 1 2  ? -9.77351  0.44619   -54.96022 1.000 26.35754 ? 2  G B N1    1 
ATOM 505 C C2    . G B 1 2  ? -10.58928 -0.63028  -55.21259 1.000 34.11659 ? 2  G B C2    1 
ATOM 506 N N2    . G B 1 2  ? -10.02465 -1.66592  -55.84942 1.000 34.78974 ? 2  G B N2    1 
ATOM 507 N N3    . G B 1 2  ? -11.86642 -0.69072  -54.86864 1.000 32.23289 ? 2  G B N3    1 
ATOM 508 C C4    . G B 1 2  ? -12.27451 0.43205   -54.23888 1.000 29.09307 ? 2  G B C4    1 
ATOM 509 P P     . U B 1 3  ? -14.76862 -2.40154  -49.48284 1.000 58.79627 ? 3  U B P     1 
ATOM 510 O OP1   . U B 1 3  ? -15.40788 -3.57027  -48.82546 1.000 56.14531 ? 3  U B OP1   1 
ATOM 511 O OP2   . U B 1 3  ? -14.64419 -1.11426  -48.74797 1.000 26.92052 ? 3  U B OP2   1 
ATOM 512 O "O5'" . U B 1 3  ? -13.31179 -2.83370  -49.96220 1.000 41.57876 ? 3  U B "O5'" 1 
ATOM 513 C "C5'" . U B 1 3  ? -13.12242 -3.96895  -50.79446 1.000 42.30053 ? 3  U B "C5'" 1 
ATOM 514 C "C4'" . U B 1 3  ? -11.69228 -4.06926  -51.25676 1.000 42.45026 ? 3  U B "C4'" 1 
ATOM 515 O "O4'" . U B 1 3  ? -11.40328 -2.99478  -52.18974 1.000 43.11741 ? 3  U B "O4'" 1 
ATOM 516 C "C3'" . U B 1 3  ? -10.64394 -3.90484  -50.16964 1.000 50.68183 ? 3  U B "C3'" 1 
ATOM 517 O "O3'" . U B 1 3  ? -10.43007 -5.08565  -49.41682 1.000 49.87832 ? 3  U B "O3'" 1 
ATOM 518 C "C2'" . U B 1 3  ? -9.42410  -3.42765  -50.94826 1.000 42.37220 ? 3  U B "C2'" 1 
ATOM 519 O "O2'" . U B 1 3  ? -8.77883  -4.51061  -51.60102 1.000 41.26642 ? 3  U B "O2'" 1 
ATOM 520 C "C1'" . U B 1 3  ? -10.07638 -2.54051  -52.00922 1.000 39.38139 ? 3  U B "C1'" 1 
ATOM 521 N N1    . U B 1 3  ? -10.11452 -1.12018  -51.59121 1.000 32.42646 ? 3  U B N1    1 
ATOM 522 C C2    . U B 1 3  ? -8.98083  -0.36082  -51.80030 1.000 31.28364 ? 3  U B C2    1 
ATOM 523 O O2    . U B 1 3  ? -7.97235  -0.81223  -52.31246 1.000 29.86834 ? 3  U B O2    1 
ATOM 524 N N3    . U B 1 3  ? -9.07286  0.94601   -51.38952 1.000 33.31683 ? 3  U B N3    1 
ATOM 525 C C4    . U B 1 3  ? -10.16196 1.56136   -50.80206 1.000 39.11092 ? 3  U B C4    1 
ATOM 526 O O4    . U B 1 3  ? -10.09910 2.75342   -50.48427 1.000 37.86001 ? 3  U B O4    1 
ATOM 527 C C5    . U B 1 3  ? -11.29381 0.70495   -50.61919 1.000 39.96343 ? 3  U B C5    1 
ATOM 528 C C6    . U B 1 3  ? -11.23267 -0.57161  -51.00974 1.000 34.56713 ? 3  U B C6    1 
ATOM 529 P P     . A B 1 4  ? -9.87198  -4.98634  -47.91414 1.000 56.41173 ? 4  A B P     1 
ATOM 530 O OP1   . A B 1 4  ? -10.13207 -6.29097  -47.25531 1.000 53.51225 ? 4  A B OP1   1 
ATOM 531 O OP2   . A B 1 4  ? -10.39625 -3.74121  -47.29523 1.000 46.31564 ? 4  A B OP2   1 
ATOM 532 O "O5'" . A B 1 4  ? -8.29880  -4.82413  -48.10758 1.000 43.88815 ? 4  A B "O5'" 1 
ATOM 533 C "C5'" . A B 1 4  ? -7.54729  -5.84815  -48.73780 1.000 42.00421 ? 4  A B "C5'" 1 
ATOM 534 C "C4'" . A B 1 4  ? -6.14870  -5.39907  -49.07276 1.000 44.32089 ? 4  A B "C4'" 1 
ATOM 535 O "O4'" . A B 1 4  ? -6.17752  -4.39315  -50.11868 1.000 42.96270 ? 4  A B "O4'" 1 
ATOM 536 C "C3'" . A B 1 4  ? -5.36655  -4.72598  -47.96035 1.000 51.75964 ? 4  A B "C3'" 1 
ATOM 537 O "O3'" . A B 1 4  ? -4.86070  -5.62216  -46.98947 1.000 56.88754 ? 4  A B "O3'" 1 
ATOM 538 C "C2'" . A B 1 4  ? -4.29090  -3.97894  -48.73675 1.000 51.01544 ? 4  A B "C2'" 1 
ATOM 539 O "O2'" . A B 1 4  ? -3.28246  -4.87034  -49.19024 1.000 50.65100 ? 4  A B "O2'" 1 
ATOM 540 C "C1'" . A B 1 4  ? -5.09092  -3.50064  -49.94793 1.000 46.49150 ? 4  A B "C1'" 1 
ATOM 541 N N9    . A B 1 4  ? -5.61164  -2.13839  -49.73143 1.000 44.19972 ? 4  A B N9    1 
ATOM 542 C C8    . A B 1 4  ? -6.86148  -1.74680  -49.31685 1.000 42.24028 ? 4  A B C8    1 
ATOM 543 N N7    . A B 1 4  ? -6.99670  -0.44588  -49.20950 1.000 33.93313 ? 4  A B N7    1 
ATOM 544 C C5    . A B 1 4  ? -5.75024  0.04785   -49.56783 1.000 33.41955 ? 4  A B C5    1 
ATOM 545 C C6    . A B 1 4  ? -5.23819  1.35300   -49.65799 1.000 32.81404 ? 4  A B C6    1 
ATOM 546 N N6    . A B 1 4  ? -5.95361  2.44545   -49.38107 1.000 31.77655 ? 4  A B N6    1 
ATOM 547 N N1    . A B 1 4  ? -3.95075  1.49790   -50.04653 1.000 30.96632 ? 4  A B N1    1 
ATOM 548 C C2    . A B 1 4  ? -3.23500  0.39958   -50.32272 1.000 32.16641 ? 4  A B C2    1 
ATOM 549 N N3    . A B 1 4  ? -3.60485  -0.87855  -50.27472 1.000 33.33672 ? 4  A B N3    1 
ATOM 550 C C4    . A B 1 4  ? -4.88694  -0.98377  -49.88571 1.000 34.62864 ? 4  A B C4    1 
ATOM 551 P P     . G B 1 5  ? -4.72351  -5.13411  -45.46447 1.000 60.96585 ? 5  G B P     1 
ATOM 552 O OP1   . G B 1 5  ? -4.30404  -6.30800  -44.65604 1.000 55.78728 ? 5  G B OP1   1 
ATOM 553 O OP2   . G B 1 5  ? -5.96836  -4.40740  -45.10311 1.000 63.31836 ? 5  G B OP2   1 
ATOM 554 O "O5'" . G B 1 5  ? -3.52063  -4.08407  -45.49959 1.000 48.20651 ? 5  G B "O5'" 1 
ATOM 555 C "C5'" . G B 1 5  ? -2.17771  -4.54135  -45.52623 1.000 46.21252 ? 5  G B "C5'" 1 
ATOM 556 C "C4'" . G B 1 5  ? -1.18809  -3.47006  -45.92170 1.000 45.96782 ? 5  G B "C4'" 1 
ATOM 557 O "O4'" . G B 1 5  ? -1.67849  -2.68876  -47.04257 1.000 34.44919 ? 5  G B "O4'" 1 
ATOM 558 C "C3'" . G B 1 5  ? -0.84733  -2.41234  -44.88715 1.000 52.63708 ? 5  G B "C3'" 1 
ATOM 559 O "O3'" . G B 1 5  ? -0.00154  -2.87222  -43.84722 1.000 63.08331 ? 5  G B "O3'" 1 
ATOM 560 C "C2'" . G B 1 5  ? -0.21760  -1.32816  -45.74991 1.000 48.06368 ? 5  G B "C2'" 1 
ATOM 561 O "O2'" . G B 1 5  ? 1.10505   -1.68716  -46.12380 1.000 48.59934 ? 5  G B "O2'" 1 
ATOM 562 C "C1'" . G B 1 5  ? -1.10234  -1.39423  -46.99626 1.000 42.19727 ? 5  G B "C1'" 1 
ATOM 563 N N9    . G B 1 5  ? -2.16237  -0.36986  -46.94797 1.000 40.50103 ? 5  G B N9    1 
ATOM 564 C C8    . G B 1 5  ? -3.50694  -0.52265  -46.71516 1.000 39.28786 ? 5  G B C8    1 
ATOM 565 N N7    . G B 1 5  ? -4.15328  0.61392   -46.72948 1.000 36.40831 ? 5  G B N7    1 
ATOM 566 C C5    . G B 1 5  ? -3.17939  1.57079   -46.97864 1.000 31.12006 ? 5  G B C5    1 
ATOM 567 C C6    . G B 1 5  ? -3.27699  2.98088   -47.10771 1.000 35.98764 ? 5  G B C6    1 
ATOM 568 O O6    . G B 1 5  ? -4.28457  3.69368   -47.02236 1.000 36.52585 ? 5  G B O6    1 
ATOM 569 N N1    . G B 1 5  ? -2.03617  3.56085   -47.36091 1.000 35.15218 ? 5  G B N1    1 
ATOM 570 C C2    . G B 1 5  ? -0.85161  2.87385   -47.47484 1.000 35.67905 ? 5  G B C2    1 
ATOM 571 N N2    . G B 1 5  ? 0.24462   3.60865   -47.71969 1.000 37.02780 ? 5  G B N2    1 
ATOM 572 N N3    . G B 1 5  ? -0.75048  1.56047   -47.35689 1.000 31.87996 ? 5  G B N3    1 
ATOM 573 C C4    . G B 1 5  ? -1.94479  0.97864   -47.11181 1.000 33.13568 ? 5  G B C4    1 
ATOM 574 P P     . A B 1 6  ? -0.05257  -2.16362  -42.40293 1.000 58.25803 ? 6  A B P     1 
ATOM 575 O OP1   . A B 1 6  ? 0.79084   -2.95938  -41.47759 1.000 71.04226 ? 6  A B OP1   1 
ATOM 576 O OP2   . A B 1 6  ? -1.47226  -1.89724  -42.06022 1.000 52.99737 ? 6  A B OP2   1 
ATOM 577 O "O5'" . A B 1 6  ? 0.65558   -0.75483  -42.63042 1.000 45.21228 ? 6  A B "O5'" 1 
ATOM 578 C "C5'" . A B 1 6  ? 2.04434   -0.67328  -42.91438 1.000 45.27046 ? 6  A B "C5'" 1 
ATOM 579 C "C4'" . A B 1 6  ? 2.48522   0.75606   -43.10581 1.000 50.34310 ? 6  A B "C4'" 1 
ATOM 580 O "O4'" . A B 1 6  ? 1.84091   1.31637   -44.28164 1.000 50.83208 ? 6  A B "O4'" 1 
ATOM 581 C "C3'" . A B 1 6  ? 2.11243   1.72578   -41.99468 1.000 52.30617 ? 6  A B "C3'" 1 
ATOM 582 O "O3'" . A B 1 6  ? 2.96697   1.66243   -40.86764 1.000 55.04726 ? 6  A B "O3'" 1 
ATOM 583 C "C2'" . A B 1 6  ? 2.14135   3.06496   -42.71250 1.000 49.18984 ? 6  A B "C2'" 1 
ATOM 584 O "O2'" . A B 1 6  ? 3.47998   3.48955   -42.92209 1.000 56.18726 ? 6  A B "O2'" 1 
ATOM 585 C "C1'" . A B 1 6  ? 1.53929   2.67975   -44.06053 1.000 42.57132 ? 6  A B "C1'" 1 
ATOM 586 N N9    . A B 1 6  ? 0.07404   2.83774   -44.04677 1.000 37.44394 ? 6  A B N9    1 
ATOM 587 C C8    . A B 1 6  ? -0.88548  1.85707   -43.96716 1.000 40.59213 ? 6  A B C8    1 
ATOM 588 N N7    . A B 1 6  ? -2.11307  2.32214   -43.96128 1.000 42.32163 ? 6  A B N7    1 
ATOM 589 C C5    . A B 1 6  ? -1.94999  3.70156   -44.03376 1.000 41.10515 ? 6  A B C5    1 
ATOM 590 C C6    . A B 1 6  ? -2.86788  4.77011   -44.06556 1.000 37.25406 ? 6  A B C6    1 
ATOM 591 N N6    . A B 1 6  ? -4.19409  4.61515   -44.02679 1.000 34.09832 ? 6  A B N6    1 
ATOM 592 N N1    . A B 1 6  ? -2.36916  6.02422   -44.13999 1.000 34.31640 ? 6  A B N1    1 
ATOM 593 C C2    . A B 1 6  ? -1.04052  6.18565   -44.17914 1.000 35.61021 ? 6  A B C2    1 
ATOM 594 N N3    . A B 1 6  ? -0.07940  5.26475   -44.15629 1.000 36.22892 ? 6  A B N3    1 
ATOM 595 C C4    . A B 1 6  ? -0.60629  4.03052   -44.08263 1.000 37.52362 ? 6  A B C4    1 
ATOM 596 P P     . C B 1 7  ? 2.37320   1.95740   -39.40339 1.000 50.22467 ? 7  C B P     1 
ATOM 597 O OP1   . C B 1 7  ? 3.42186   1.61793   -38.40813 1.000 67.22177 ? 7  C B OP1   1 
ATOM 598 O OP2   . C B 1 7  ? 1.04179   1.30309   -39.31347 1.000 42.21135 ? 7  C B OP2   1 
ATOM 599 O "O5'" . C B 1 7  ? 2.15802   3.53709   -39.38410 1.000 38.91025 ? 7  C B "O5'" 1 
ATOM 600 C "C5'" . C B 1 7  ? 3.25147   4.41870   -39.59006 1.000 44.22183 ? 7  C B "C5'" 1 
ATOM 601 C "C4'" . C B 1 7  ? 2.79116   5.83013   -39.85589 1.000 43.51851 ? 7  C B "C4'" 1 
ATOM 602 O "O4'" . C B 1 7  ? 1.85617   5.84818   -40.96586 1.000 42.82528 ? 7  C B "O4'" 1 
ATOM 603 C "C3'" . C B 1 7  ? 2.03107   6.50805   -38.73048 1.000 48.65882 ? 7  C B "C3'" 1 
ATOM 604 O "O3'" . C B 1 7  ? 2.87554   7.00506   -37.70816 1.000 55.16073 ? 7  C B "O3'" 1 
ATOM 605 C "C2'" . C B 1 7  ? 1.24590   7.58774   -39.46560 1.000 44.47666 ? 7  C B "C2'" 1 
ATOM 606 O "O2'" . C B 1 7  ? 2.07503   8.69831   -39.77595 1.000 34.73590 ? 7  C B "O2'" 1 
ATOM 607 C "C1'" . C B 1 7  ? 0.89515   6.86631   -40.76840 1.000 40.83413 ? 7  C B "C1'" 1 
ATOM 608 N N1    . C B 1 7  ? -0.45012  6.24915   -40.71638 1.000 41.25320 ? 7  C B N1    1 
ATOM 609 C C2    . C B 1 7  ? -1.57310  7.06106   -40.92070 1.000 42.94361 ? 7  C B C2    1 
ATOM 610 O O2    . C B 1 7  ? -1.41120  8.27338   -41.14109 1.000 37.65909 ? 7  C B O2    1 
ATOM 611 N N3    . C B 1 7  ? -2.80710  6.50376   -40.87373 1.000 40.92256 ? 7  C B N3    1 
ATOM 612 C C4    . C B 1 7  ? -2.94115  5.19699   -40.63524 1.000 39.80143 ? 7  C B C4    1 
ATOM 613 N N4    . C B 1 7  ? -4.17545  4.69029   -40.59835 1.000 39.73687 ? 7  C B N4    1 
ATOM 614 C C5    . C B 1 7  ? -1.81558  4.34888   -40.42365 1.000 37.71215 ? 7  C B C5    1 
ATOM 615 C C6    . C B 1 7  ? -0.60146  4.91119   -40.47266 1.000 39.04445 ? 7  C B C6    1 
ATOM 616 P P     . G B 1 8  ? 2.39040   6.95586   -36.17710 1.000 70.87044 ? 8  G B P     1 
ATOM 617 O OP1   . G B 1 8  ? 3.57446   7.22539   -35.31857 1.000 46.71791 ? 8  G B OP1   1 
ATOM 618 O OP2   . G B 1 8  ? 1.60708   5.70612   -35.98116 1.000 51.35490 ? 8  G B OP2   1 
ATOM 619 O "O5'" . G B 1 8  ? 1.39094   8.19118   -36.05769 1.000 40.59028 ? 8  G B "O5'" 1 
ATOM 620 C "C5'" . G B 1 8  ? 1.83862   9.50482   -36.34861 1.000 46.20464 ? 8  G B "C5'" 1 
ATOM 621 C "C4'" . G B 1 8  ? 0.70033   10.49173  -36.38612 1.000 50.01924 ? 8  G B "C4'" 1 
ATOM 622 O "O4'" . G B 1 8  ? -0.12815  10.26022  -37.55382 1.000 49.43570 ? 8  G B "O4'" 1 
ATOM 623 C "C3'" . G B 1 8  ? -0.28298  10.43574  -35.23066 1.000 48.81212 ? 8  G B "C3'" 1 
ATOM 624 O "O3'" . G B 1 8  ? 0.20013   11.06009  -34.05452 1.000 58.46130 ? 8  G B "O3'" 1 
ATOM 625 C "C2'" . G B 1 8  ? -1.51257  11.11199  -35.82220 1.000 48.62153 ? 8  G B "C2'" 1 
ATOM 626 O "O2'" . G B 1 8  ? -1.34663  12.52246  -35.84794 1.000 45.50100 ? 8  G B "O2'" 1 
ATOM 627 C "C1'" . G B 1 8  ? -1.46855  10.59851  -37.26163 1.000 41.47124 ? 8  G B "C1'" 1 
ATOM 628 N N9    . G B 1 8  ? -2.31195  9.40337   -37.44558 1.000 45.24838 ? 8  G B N9    1 
ATOM 629 C C8    . G B 1 8  ? -1.90009  8.09521   -37.54739 1.000 46.59593 ? 8  G B C8    1 
ATOM 630 N N7    . G B 1 8  ? -2.89053  7.25757   -37.70668 1.000 43.52960 ? 8  G B N7    1 
ATOM 631 C C5    . G B 1 8  ? -4.02338  8.06212   -37.70809 1.000 46.61549 ? 8  G B C5    1 
ATOM 632 C C6    . G B 1 8  ? -5.39484  7.72185   -37.84503 1.000 49.21826 ? 8  G B C6    1 
ATOM 633 O O6    . G B 1 8  ? -5.89840  6.60241   -37.99710 1.000 53.25723 ? 8  G B O6    1 
ATOM 634 N N1    . G B 1 8  ? -6.21183  8.84749   -37.78947 1.000 45.58233 ? 8  G B N1    1 
ATOM 635 C C2    . G B 1 8  ? -5.76904  10.13693  -37.62395 1.000 43.68120 ? 8  G B C2    1 
ATOM 636 N N2    . G B 1 8  ? -6.71412  11.08797  -37.59607 1.000 43.54623 ? 8  G B N2    1 
ATOM 637 N N3    . G B 1 8  ? -4.49437  10.46872  -37.49560 1.000 42.40109 ? 8  G B N3    1 
ATOM 638 C C4    . G B 1 8  ? -3.68335  9.38931   -37.54667 1.000 45.07686 ? 8  G B C4    1 
ATOM 639 P P     . C B 1 9  ? -0.27674  10.53835  -32.61109 1.000 50.06141 ? 9  C B P     1 
ATOM 640 O OP1   . C B 1 9  ? 0.56436   11.21210  -31.59048 1.000 59.55495 ? 9  C B OP1   1 
ATOM 641 O OP2   . C B 1 9  ? -0.34134  9.05598   -32.64512 1.000 44.29596 ? 9  C B OP2   1 
ATOM 642 O "O5'" . C B 1 9  ? -1.76402  11.09410  -32.47319 1.000 53.56477 ? 9  C B "O5'" 1 
ATOM 643 C "C5'" . C B 1 9  ? -2.01699  12.49095  -32.46583 1.000 47.44420 ? 9  C B "C5'" 1 
ATOM 644 C "C4'" . C B 1 9  ? -3.48072  12.79958  -32.66246 1.000 49.64837 ? 9  C B "C4'" 1 
ATOM 645 O "O4'" . C B 1 9  ? -3.93907  12.25861  -33.92957 1.000 49.55205 ? 9  C B "O4'" 1 
ATOM 646 C "C3'" . C B 1 9  ? -4.44221  12.20168  -31.64844 1.000 54.71779 ? 9  C B "C3'" 1 
ATOM 647 O "O3'" . C B 1 9  ? -4.48189  12.90732  -30.42099 1.000 62.47296 ? 9  C B "O3'" 1 
ATOM 648 C "C2'" . C B 1 9  ? -5.76087  12.21525  -32.40929 1.000 53.68024 ? 9  C B "C2'" 1 
ATOM 649 O "O2'" . C B 1 9  ? -6.30817  13.52552  -32.44339 1.000 50.84015 ? 9  C B "O2'" 1 
ATOM 650 C "C1'" . C B 1 9  ? -5.29030  11.85723  -33.81782 1.000 48.51158 ? 9  C B "C1'" 1 
ATOM 651 N N1    . C B 1 9  ? -5.37938  10.40133  -34.06982 1.000 45.74663 ? 9  C B N1    1 
ATOM 652 C C2    . C B 1 9  ? -6.62424  9.85510   -34.39366 1.000 50.28351 ? 9  C B C2    1 
ATOM 653 O O2    . C B 1 9  ? -7.60959  10.60582  -34.46534 1.000 52.24057 ? 9  C B O2    1 
ATOM 654 N N3    . C B 1 9  ? -6.72281  8.52481   -34.62341 1.000 48.69614 ? 9  C B N3    1 
ATOM 655 C C4    . C B 1 9  ? -5.63875  7.75137   -34.53698 1.000 46.00515 ? 9  C B C4    1 
ATOM 656 N N4    . C B 1 9  ? -5.77918  6.44533   -34.77154 1.000 47.77267 ? 9  C B N4    1 
ATOM 657 C C5    . C B 1 9  ? -4.35878  8.28032   -34.20617 1.000 45.66369 ? 9  C B C5    1 
ATOM 658 C C6    . C B 1 9  ? -4.27692  9.59715   -33.98210 1.000 48.43486 ? 9  C B C6    1 
ATOM 659 P P     . U B 1 10 ? -4.69240  12.10469  -29.04412 1.000 60.03090 ? 10 U B P     1 
ATOM 660 O OP1   . U B 1 10 ? -4.59608  13.07652  -27.92453 1.000 45.94556 ? 10 U B OP1   1 
ATOM 661 O OP2   . U B 1 10 ? -3.79661  10.91961  -29.05912 1.000 48.87564 ? 10 U B OP2   1 
ATOM 662 O "O5'" . U B 1 10 ? -6.19702  11.58716  -29.13209 1.000 54.05095 ? 10 U B "O5'" 1 
ATOM 663 C "C5'" . U B 1 10 ? -7.27638  12.50744  -29.19940 1.000 56.73211 ? 10 U B "C5'" 1 
ATOM 664 C "C4'" . U B 1 10 ? -8.58130  11.82037  -29.51684 1.000 53.84547 ? 10 U B "C4'" 1 
ATOM 665 O "O4'" . U B 1 10 ? -8.50555  11.17948  -30.81720 1.000 54.03108 ? 10 U B "O4'" 1 
ATOM 666 C "C3'" . U B 1 10 ? -8.99246  10.69464  -28.58365 1.000 52.67559 ? 10 U B "C3'" 1 
ATOM 667 O "O3'" . U B 1 10 ? -9.55510  11.15142  -27.36809 1.000 56.75539 ? 10 U B "O3'" 1 
ATOM 668 C "C2'" . U B 1 10 ? -9.95688  9.89388   -29.44701 1.000 57.43512 ? 10 U B "C2'" 1 
ATOM 669 O "O2'" . U B 1 10 ? -11.21858 10.54063  -29.52492 1.000 60.96095 ? 10 U B "O2'" 1 
ATOM 670 C "C1'" . U B 1 10 ? -9.28234  9.99819   -30.81466 1.000 55.50377 ? 10 U B "C1'" 1 
ATOM 671 N N1    . U B 1 10 ? -8.39675  8.84133   -31.08000 1.000 55.90898 ? 10 U B N1    1 
ATOM 672 C C2    . U B 1 10 ? -8.99396  7.67563   -31.52017 1.000 53.67527 ? 10 U B C2    1 
ATOM 673 O O2    . U B 1 10 ? -10.19584 7.57335   -31.69711 1.000 55.67421 ? 10 U B O2    1 
ATOM 674 N N3    . U B 1 10 ? -8.13249  6.63210   -31.74856 1.000 51.65215 ? 10 U B N3    1 
ATOM 675 C C4    . U B 1 10 ? -6.76359  6.63468   -31.58301 1.000 48.07079 ? 10 U B C4    1 
ATOM 676 O O4    . U B 1 10 ? -6.12574  5.61154   -31.83210 1.000 50.66901 ? 10 U B O4    1 
ATOM 677 C C5    . U B 1 10 ? -6.21988  7.87544   -31.12273 1.000 49.88620 ? 10 U B C5    1 
ATOM 678 C C6    . U B 1 10 ? -7.03496  8.91033   -30.89224 1.000 54.37589 ? 10 U B C6    1 
ATOM 679 P P     . U B 1 11 ? -9.72781  10.13764  -26.13463 1.000 63.41947 ? 11 U B P     1 
ATOM 680 O OP1   . U B 1 11 ? -9.68916  10.92906  -24.87921 1.000 55.77901 ? 11 U B OP1   1 
ATOM 681 O OP2   . U B 1 11 ? -8.76560  9.02213   -26.31989 1.000 51.99358 ? 11 U B OP2   1 
ATOM 682 O "O5'" . U B 1 11 ? -11.20315 9.56437   -26.32290 1.000 74.72964 ? 11 U B "O5'" 1 
ATOM 683 C "C5'" . U B 1 11 ? -12.30817 10.44610  -26.46194 1.000 70.11794 ? 11 U B "C5'" 1 
ATOM 684 C "C4'" . U B 1 11 ? -13.61993 9.70268   -26.49750 1.000 63.61634 ? 11 U B "C4'" 1 
ATOM 685 O "O4'" . U B 1 11 ? -13.79422 9.05135   -27.78235 1.000 67.80244 ? 11 U B "O4'" 1 
ATOM 686 C "C3'" . U B 1 11 ? -13.77921 8.57439   -25.49266 1.000 70.88088 ? 11 U B "C3'" 1 
ATOM 687 O "O3'" . U B 1 11 ? -14.10169 9.02961   -24.18971 1.000 74.08500 ? 11 U B "O3'" 1 
ATOM 688 C "C2'" . U B 1 11 ? -14.86713 7.71814   -26.12939 1.000 76.67827 ? 11 U B "C2'" 1 
ATOM 689 O "O2'" . U B 1 11 ? -16.15126 8.28139   -25.90452 1.000 74.85069 ? 11 U B "O2'" 1 
ATOM 690 C "C1'" . U B 1 11 ? -14.53093 7.85563   -27.61664 1.000 75.90881 ? 11 U B "C1'" 1 
ATOM 691 N N1    . U B 1 11 ? -13.72608 6.71583   -28.11652 1.000 72.50660 ? 11 U B N1    1 
ATOM 692 C C2    . U B 1 11 ? -14.38470 5.51827   -28.34314 1.000 63.19843 ? 11 U B C2    1 
ATOM 693 O O2    . U B 1 11 ? -15.57931 5.36817   -28.14848 1.000 56.23656 ? 11 U B O2    1 
ATOM 694 N N3    . U B 1 11 ? -13.59392 4.49560   -28.80650 1.000 62.87547 ? 11 U B N3    1 
ATOM 695 C C4    . U B 1 11 ? -12.23969 4.54700   -29.06160 1.000 63.30704 ? 11 U B C4    1 
ATOM 696 O O4    . U B 1 11 ? -11.66712 3.53981   -29.47867 1.000 58.65499 ? 11 U B O4    1 
ATOM 697 C C5    . U B 1 11 ? -11.63056 5.81765   -28.80557 1.000 62.66451 ? 11 U B C5    1 
ATOM 698 C C6    . U B 1 11 ? -12.37456 6.83396   -28.35320 1.000 62.97496 ? 11 U B C6    1 
ATOM 699 P P     . C B 1 12 ? -13.37002 8.39453   -22.90649 1.000 70.59101 ? 12 C B P     1 
ATOM 700 O OP1   . C B 1 12 ? -13.82336 9.13583   -21.70131 1.000 64.37600 ? 12 C B OP1   1 
ATOM 701 O OP2   . C B 1 12 ? -11.91820 8.29943   -23.20481 1.000 69.24071 ? 12 C B OP2   1 
ATOM 702 O "O5'" . C B 1 12 ? -13.95282 6.91468   -22.82360 1.000 59.90134 ? 12 C B "O5'" 1 
ATOM 703 C "C5'" . C B 1 12 ? -15.34524 6.68950   -22.67279 1.000 55.66765 ? 12 C B "C5'" 1 
ATOM 704 C "C4'" . C B 1 12 ? -15.72117 5.28281   -23.06167 1.000 68.90241 ? 12 C B "C4'" 1 
ATOM 705 O "O4'" . C B 1 12 ? -15.39182 5.05223   -24.45641 1.000 70.07380 ? 12 C B "O4'" 1 
ATOM 706 C "C3'" . C B 1 12 ? -14.99206 4.17019   -22.32748 1.000 77.43399 ? 12 C B "C3'" 1 
ATOM 707 O "O3'" . C B 1 12 ? -15.51640 3.91275   -21.03669 1.000 79.95301 ? 12 C B "O3'" 1 
ATOM 708 C "C2'" . C B 1 12 ? -15.12114 2.99812   -23.29246 1.000 70.81081 ? 12 C B "C2'" 1 
ATOM 709 O "O2'" . C B 1 12 ? -16.41104 2.41054   -23.20471 1.000 60.35749 ? 12 C B "O2'" 1 
ATOM 710 C "C1'" . C B 1 12 ? -14.99954 3.70710   -24.64259 1.000 71.35915 ? 12 C B "C1'" 1 
ATOM 711 N N1    . C B 1 12 ? -13.61026 3.67970   -25.15508 1.000 71.84033 ? 12 C B N1    1 
ATOM 712 C C2    . C B 1 12 ? -13.18541 2.55193   -25.86327 1.000 68.02690 ? 12 C B C2    1 
ATOM 713 O O2    . C B 1 12 ? -13.98588 1.62154   -26.04372 1.000 64.08611 ? 12 C B O2    1 
ATOM 714 N N3    . C B 1 12 ? -11.91710 2.50551   -26.33539 1.000 71.79504 ? 12 C B N3    1 
ATOM 715 C C4    . C B 1 12 ? -11.08377 3.52678   -26.12138 1.000 73.46698 ? 12 C B C4    1 
ATOM 716 N N4    . C B 1 12 ? -9.84170  3.43823   -26.60595 1.000 71.25561 ? 12 C B N4    1 
ATOM 717 C C5    . C B 1 12 ? -11.48867 4.68763   -25.40019 1.000 73.84720 ? 12 C B C5    1 
ATOM 718 C C6    . C B 1 12 ? -12.74682 4.72059   -24.93961 1.000 75.51661 ? 12 C B C6    1 
ATOM 719 P P     . G B 1 13 ? -14.52283 3.55090   -19.82641 1.000 84.72614 ? 13 G B P     1 
ATOM 720 O OP1   . G B 1 13 ? -15.33536 3.41193   -18.59073 1.000 72.90222 ? 13 G B OP1   1 
ATOM 721 O OP2   . G B 1 13 ? -13.39272 4.51438   -19.85323 1.000 83.50079 ? 13 G B OP2   1 
ATOM 722 O "O5'" . G B 1 13 ? -13.95792 2.11279   -20.21560 1.000 72.00564 ? 13 G B "O5'" 1 
ATOM 723 C "C5'" . G B 1 13 ? -14.83892 1.01072   -20.36439 1.000 67.36747 ? 13 G B "C5'" 1 
ATOM 724 C "C4'" . G B 1 13 ? -14.14833 -0.19251  -20.95605 1.000 73.01815 ? 13 G B "C4'" 1 
ATOM 725 O "O4'" . G B 1 13 ? -13.72825 0.07928   -22.31963 1.000 78.80514 ? 13 G B "O4'" 1 
ATOM 726 C "C3'" . G B 1 13 ? -12.86925 -0.64656  -20.27628 1.000 70.08515 ? 13 G B "C3'" 1 
ATOM 727 O "O3'" . G B 1 13 ? -13.08662 -1.35271  -19.06776 1.000 72.45925 ? 13 G B "O3'" 1 
ATOM 728 C "C2'" . G B 1 13 ? -12.20959 -1.47837  -21.36688 1.000 68.57662 ? 13 G B "C2'" 1 
ATOM 729 O "O2'" . G B 1 13 ? -12.83876 -2.74608  -21.48096 1.000 66.99525 ? 13 G B "O2'" 1 
ATOM 730 C "C1'" . G B 1 13 ? -12.55507 -0.65803  -22.60965 1.000 72.29263 ? 13 G B "C1'" 1 
ATOM 731 N N9    . G B 1 13 ? -11.46531 0.27441   -22.95501 1.000 71.17868 ? 13 G B N9    1 
ATOM 732 C C8    . G B 1 13 ? -11.45683 1.64670   -22.87252 1.000 69.62010 ? 13 G B C8    1 
ATOM 733 N N7    . G B 1 13 ? -10.32087 2.17246   -23.24979 1.000 64.88347 ? 13 G B N7    1 
ATOM 734 C C5    . G B 1 13 ? -9.53055  1.08294   -23.59742 1.000 68.41446 ? 13 G B C5    1 
ATOM 735 C C6    . G B 1 13 ? -8.19503  1.02001   -24.08060 1.000 63.93464 ? 13 G B C6    1 
ATOM 736 O O6    . G B 1 13 ? -7.40833  1.94755   -24.30893 1.000 63.04762 ? 13 G B O6    1 
ATOM 737 N N1    . G B 1 13 ? -7.79114  -0.29274  -24.30298 1.000 59.17822 ? 13 G B N1    1 
ATOM 738 C C2    . G B 1 13 ? -8.56528  -1.40630  -24.08857 1.000 64.53518 ? 13 G B C2    1 
ATOM 739 N N2    . G B 1 13 ? -7.99559  -2.58963  -24.36363 1.000 61.87367 ? 13 G B N2    1 
ATOM 740 N N3    . G B 1 13 ? -9.80926  -1.36148  -23.64153 1.000 68.32174 ? 13 G B N3    1 
ATOM 741 C C4    . G B 1 13 ? -10.22408 -0.09501  -23.41857 1.000 69.70289 ? 13 G B C4    1 
ATOM 742 P P     . G B 1 14 ? -12.01180 -1.24551  -17.87642 1.000 78.50787 ? 14 G B P     1 
ATOM 743 O OP1   . G B 1 14 ? -12.62026 -1.79923  -16.64068 1.000 83.78126 ? 14 G B OP1   1 
ATOM 744 O OP2   . G B 1 14 ? -11.48896 0.14400   -17.86570 1.000 83.14303 ? 14 G B OP2   1 
ATOM 745 O "O5'" . G B 1 14 ? -10.83189 -2.21335  -18.33576 1.000 54.54808 ? 14 G B "O5'" 1 
ATOM 746 C "C5'" . G B 1 14 ? -11.10331 -3.54757  -18.73791 1.000 58.92094 ? 14 G B "C5'" 1 
ATOM 747 C "C4'" . G B 1 14 ? -9.91358  -4.17875  -19.41578 1.000 65.19428 ? 14 G B "C4'" 1 
ATOM 748 O "O4'" . G B 1 14 ? -9.64062  -3.51564  -20.67761 1.000 70.77094 ? 14 G B "O4'" 1 
ATOM 749 C "C3'" . G B 1 14 ? -8.59775  -4.08649  -18.66549 1.000 66.61456 ? 14 G B "C3'" 1 
ATOM 750 O "O3'" . G B 1 14 ? -8.48900  -5.04189  -17.62805 1.000 74.71979 ? 14 G B "O3'" 1 
ATOM 751 C "C2'" . G B 1 14 ? -7.57211  -4.26031  -19.77734 1.000 59.89609 ? 14 G B "C2'" 1 
ATOM 752 O "O2'" . G B 1 14 ? -7.45863  -5.62607  -20.14671 1.000 63.46698 ? 14 G B "O2'" 1 
ATOM 753 C "C1'" . G B 1 14 ? -8.24786  -3.50908  -20.92427 1.000 65.74115 ? 14 G B "C1'" 1 
ATOM 754 N N9    . G B 1 14 ? -7.78764  -2.10886  -21.01671 1.000 69.41739 ? 14 G B N9    1 
ATOM 755 C C8    . G B 1 14 ? -8.50813  -0.97600  -20.71286 1.000 66.58546 ? 14 G B C8    1 
ATOM 756 N N7    . G B 1 14 ? -7.83568  0.12846   -20.89682 1.000 55.68888 ? 14 G B N7    1 
ATOM 757 C C5    . G B 1 14 ? -6.59501  -0.29884  -21.34957 1.000 58.14805 ? 14 G B C5    1 
ATOM 758 C C6    . G B 1 14 ? -5.44736  0.44934   -21.71750 1.000 57.19473 ? 14 G B C6    1 
ATOM 759 O O6    . G B 1 14 ? -5.29717  1.67615   -21.71120 1.000 60.40523 ? 14 G B O6    1 
ATOM 760 N N1    . G B 1 14 ? -4.40100  -0.37474  -22.11922 1.000 50.37564 ? 14 G B N1    1 
ATOM 761 C C2    . G B 1 14 ? -4.45268  -1.74547  -22.16564 1.000 52.65142 ? 14 G B C2    1 
ATOM 762 N N2    . G B 1 14 ? -3.33565  -2.35808  -22.58396 1.000 49.94319 ? 14 G B N2    1 
ATOM 763 N N3    . G B 1 14 ? -5.51729  -2.45875  -21.82689 1.000 56.01842 ? 14 G B N3    1 
ATOM 764 C C4    . G B 1 14 ? -6.54665  -1.67616  -21.43110 1.000 61.56771 ? 14 G B C4    1 
ATOM 765 P P     . C B 1 15 ? -7.94179  -4.59652  -16.18611 1.000 77.75034 ? 15 C B P     1 
ATOM 766 O OP1   . C B 1 15 ? -8.40985  -5.60024  -15.19520 1.000 70.93875 ? 15 C B OP1   1 
ATOM 767 O OP2   . C B 1 15 ? -8.27388  -3.16100  -15.98870 1.000 63.40868 ? 15 C B OP2   1 
ATOM 768 O "O5'" . C B 1 15 ? -6.36122  -4.74089  -16.32615 1.000 82.27152 ? 15 C B "O5'" 1 
ATOM 769 C "C5'" . C B 1 15 ? -5.77800  -6.01181  -16.56867 1.000 69.87617 ? 15 C B "C5'" 1 
ATOM 770 C "C4'" . C B 1 15 ? -4.42168  -5.90362  -17.22086 1.000 67.52029 ? 15 C B "C4'" 1 
ATOM 771 O "O4'" . C B 1 15 ? -4.51973  -5.18811  -18.48280 1.000 69.07534 ? 15 C B "O4'" 1 
ATOM 772 C "C3'" . C B 1 15 ? -3.35857  -5.12730  -16.46546 1.000 69.67973 ? 15 C B "C3'" 1 
ATOM 773 O "O3'" . C B 1 15 ? -2.80212  -5.81390  -15.36039 1.000 72.77700 ? 15 C B "O3'" 1 
ATOM 774 C "C2'" . C B 1 15 ? -2.36286  -4.81020  -17.57070 1.000 66.85366 ? 15 C B "C2'" 1 
ATOM 775 O "O2'" . C B 1 15 ? -1.61223  -5.96477  -17.91966 1.000 61.26138 ? 15 C B "O2'" 1 
ATOM 776 C "C1'" . C B 1 15 ? -3.31183  -4.48567  -18.72211 1.000 61.85921 ? 15 C B "C1'" 1 
ATOM 777 N N1    . C B 1 15 ? -3.58730  -3.03147  -18.77513 1.000 58.45778 ? 15 C B N1    1 
ATOM 778 C C2    . C B 1 15 ? -2.64933  -2.22724  -19.43054 1.000 57.52096 ? 15 C B C2    1 
ATOM 779 O O2    . C B 1 15 ? -1.66072  -2.76687  -19.95427 1.000 48.58949 ? 15 C B O2    1 
ATOM 780 N N3    . C B 1 15 ? -2.84768  -0.88951  -19.48956 1.000 56.81618 ? 15 C B N3    1 
ATOM 781 C C4    . C B 1 15 ? -3.92290  -0.35063  -18.91400 1.000 50.97861 ? 15 C B C4    1 
ATOM 782 N N4    . C B 1 15 ? -4.07225  0.97212   -18.99875 1.000 44.05559 ? 15 C B N4    1 
ATOM 783 C C5    . C B 1 15 ? -4.89011  -1.14302  -18.22827 1.000 53.04539 ? 15 C B C5    1 
ATOM 784 C C6    . C B 1 15 ? -4.68326  -2.46603  -18.17881 1.000 57.62045 ? 15 C B C6    1 
ATOM 785 P P     . G B 1 16 ? -2.40149  -4.98274  -14.04274 1.000 82.58208 ? 16 G B P     1 
ATOM 786 O OP1   . G B 1 16 ? -2.01364  -5.95261  -12.98691 1.000 78.69072 ? 16 G B OP1   1 
ATOM 787 O OP2   . G B 1 16 ? -3.48086  -3.99503  -13.78080 1.000 64.99224 ? 16 G B OP2   1 
ATOM 788 O "O5'" . G B 1 16 ? -1.10506  -4.16503  -14.48229 1.000 75.16072 ? 16 G B "O5'" 1 
ATOM 789 C "C5'" . G B 1 16 ? 0.02434   -4.83973  -15.01537 1.000 74.59440 ? 16 G B "C5'" 1 
ATOM 790 C "C4'" . G B 1 16 ? 1.01282   -3.89171  -15.65040 1.000 67.48312 ? 16 G B "C4'" 1 
ATOM 791 O "O4'" . G B 1 16 ? 0.38798   -3.12521  -16.71431 1.000 61.84769 ? 16 G B "O4'" 1 
ATOM 792 C "C3'" . G B 1 16 ? 1.60382   -2.82273  -14.75335 1.000 68.19159 ? 16 G B "C3'" 1 
ATOM 793 O "O3'" . G B 1 16 ? 2.58785   -3.31074  -13.86212 1.000 79.16693 ? 16 G B "O3'" 1 
ATOM 794 C "C2'" . G B 1 16 ? 2.13060   -1.81865  -15.76747 1.000 58.70255 ? 16 G B "C2'" 1 
ATOM 795 O "O2'" . G B 1 16 ? 3.32935   -2.29196  -16.36334 1.000 58.70252 ? 16 G B "O2'" 1 
ATOM 796 C "C1'" . G B 1 16 ? 1.02409   -1.86334  -16.82087 1.000 54.17479 ? 16 G B "C1'" 1 
ATOM 797 N N9    . G B 1 16 ? 0.03486   -0.78892  -16.60572 1.000 54.46775 ? 16 G B N9    1 
ATOM 798 C C8    . G B 1 16 ? -1.27068  -0.88890  -16.18568 1.000 54.41672 ? 16 G B C8    1 
ATOM 799 N N7    . G B 1 16 ? -1.86862  0.27086   -16.09195 1.000 44.80845 ? 16 G B N7    1 
ATOM 800 C C5    . G B 1 16 ? -0.90001  1.19074   -16.46645 1.000 43.21519 ? 16 G B C5    1 
ATOM 801 C C6    . G B 1 16 ? -0.95708  2.60485   -16.56170 1.000 43.93717 ? 16 G B C6    1 
ATOM 802 O O6    . G B 1 16 ? -1.91129  3.35303   -16.32333 1.000 46.10872 ? 16 G B O6    1 
ATOM 803 N N1    . G B 1 16 ? 0.25639   3.14334   -16.98132 1.000 43.44499 ? 16 G B N1    1 
ATOM 804 C C2    . G B 1 16 ? 1.38431   2.41571   -17.27491 1.000 48.07385 ? 16 G B C2    1 
ATOM 805 N N2    . G B 1 16 ? 2.46112   3.11494   -17.66563 1.000 44.01887 ? 16 G B N2    1 
ATOM 806 N N3    . G B 1 16 ? 1.45013   1.09654   -17.19111 1.000 50.12971 ? 16 G B N3    1 
ATOM 807 C C4    . G B 1 16 ? 0.28021   0.55371   -16.78404 1.000 50.82123 ? 16 G B C4    1 
ATOM 808 P P     . U B 1 17 ? 2.70482   -2.67759  -12.39102 1.000 72.11801 ? 17 U B P     1 
ATOM 809 O OP1   . U B 1 17 ? 3.61425   -3.54223  -11.59578 1.000 73.01939 ? 17 U B OP1   1 
ATOM 810 O OP2   . U B 1 17 ? 1.32985   -2.40592  -11.89419 1.000 52.05354 ? 17 U B OP2   1 
ATOM 811 O "O5'" . U B 1 17 ? 3.42043   -1.27581  -12.64109 1.000 56.45460 ? 17 U B "O5'" 1 
ATOM 812 C "C5'" . U B 1 17 ? 4.66408   -1.20847  -13.32307 1.000 52.82325 ? 17 U B "C5'" 1 
ATOM 813 C "C4'" . U B 1 17 ? 4.99111   0.19927   -13.75387 1.000 48.43355 ? 17 U B "C4'" 1 
ATOM 814 O "O4'" . U B 1 17 ? 3.96766   0.69981   -14.65269 1.000 53.10348 ? 17 U B "O4'" 1 
ATOM 815 C "C3'" . U B 1 17 ? 5.04372   1.24222   -12.65171 1.000 49.73124 ? 17 U B "C3'" 1 
ATOM 816 O "O3'" . U B 1 17 ? 6.25041   1.20644   -11.91160 1.000 56.94766 ? 17 U B "O3'" 1 
ATOM 817 C "C2'" . U B 1 17 ? 4.82774   2.54163   -13.41855 1.000 46.74192 ? 17 U B "C2'" 1 
ATOM 818 O "O2'" . U B 1 17 ? 6.02378   2.95326   -14.06633 1.000 39.44306 ? 17 U B "O2'" 1 
ATOM 819 C "C1'" . U B 1 17 ? 3.82758   2.09759   -14.48742 1.000 47.39508 ? 17 U B "C1'" 1 
ATOM 820 N N1    . U B 1 17 ? 2.42914   2.40342   -14.10666 1.000 40.68546 ? 17 U B N1    1 
ATOM 821 C C2    . U B 1 17 ? 1.99655   3.70720   -14.26774 1.000 41.31647 ? 17 U B C2    1 
ATOM 822 O O2    . U B 1 17 ? 2.70937   4.59793   -14.70107 1.000 37.88974 ? 17 U B O2    1 
ATOM 823 N N3    . U B 1 17 ? 0.69208   3.93370   -13.90186 1.000 47.27150 ? 17 U B N3    1 
ATOM 824 C C4    . U B 1 17 ? -0.20549  3.01038   -13.40262 1.000 46.97782 ? 17 U B C4    1 
ATOM 825 O O4    . U B 1 17 ? -1.35047  3.36919   -13.11708 1.000 45.47959 ? 17 U B O4    1 
ATOM 826 C C5    . U B 1 17 ? 0.31892   1.68549   -13.26688 1.000 42.93333 ? 17 U B C5    1 
ATOM 827 C C6    . U B 1 17 ? 1.58561   1.43413   -13.61550 1.000 44.48390 ? 17 U B C6    1 
ATOM 828 P P     . U B 1 18 ? 6.23372   1.49734   -10.33163 1.000 50.72702 ? 18 U B P     1 
ATOM 829 O OP1   . U B 1 18 ? 7.60537   1.25657   -9.81315  1.000 45.96565 ? 18 U B OP1   1 
ATOM 830 O OP2   . U B 1 18 ? 5.08434   0.76544   -9.73967  1.000 40.25662 ? 18 U B OP2   1 
ATOM 831 O "O5'" . U B 1 18 ? 5.93706   3.06035   -10.23448 1.000 42.09459 ? 18 U B "O5'" 1 
ATOM 832 C "C5'" . U B 1 18 ? 6.82010   4.00602   -10.82199 1.000 40.72081 ? 18 U B "C5'" 1 
ATOM 833 C "C4'" . U B 1 18 ? 6.19940   5.37853   -10.89610 1.000 44.03521 ? 18 U B "C4'" 1 
ATOM 834 O "O4'" . U B 1 18 ? 5.03077   5.35202   -11.75638 1.000 49.21419 ? 18 U B "O4'" 1 
ATOM 835 C "C3'" . U B 1 18 ? 5.67512   5.94457   -9.58695  1.000 43.92916 ? 18 U B "C3'" 1 
ATOM 836 O "O3'" . U B 1 18 ? 6.70024   6.48639   -8.77211  1.000 44.98987 ? 18 U B "O3'" 1 
ATOM 837 C "C2'" . U B 1 18 ? 4.64635   6.96808   -10.05424 1.000 37.43770 ? 18 U B "C2'" 1 
ATOM 838 O "O2'" . U B 1 18 ? 5.27885   8.16969   -10.47022 1.000 45.70953 ? 18 U B "O2'" 1 
ATOM 839 C "C1'" . U B 1 18 ? 4.06876   6.27651   -11.29068 1.000 37.49862 ? 18 U B "C1'" 1 
ATOM 840 N N1    . U B 1 18 ? 2.80952   5.55559   -10.99401 1.000 32.12949 ? 18 U B N1    1 
ATOM 841 C C2    . U B 1 18 ? 1.64447   6.29841   -10.99735 1.000 36.32147 ? 18 U B C2    1 
ATOM 842 O O2    . U B 1 18 ? 1.61978   7.49570   -11.22865 1.000 35.68435 ? 18 U B O2    1 
ATOM 843 N N3    . U B 1 18 ? 0.50219   5.59064   -10.71923 1.000 41.43885 ? 18 U B N3    1 
ATOM 844 C C4    . U B 1 18 ? 0.40456   4.24232   -10.44262 1.000 45.83072 ? 18 U B C4    1 
ATOM 845 O O4    . U B 1 18 ? -0.70553  3.75217   -10.21126 1.000 41.33323 ? 18 U B O4    1 
ATOM 846 C C5    . U B 1 18 ? 1.65605   3.54333   -10.46072 1.000 39.74708 ? 18 U B C5    1 
ATOM 847 C C6    . U B 1 18 ? 2.78666   4.20641   -10.72933 1.000 34.53166 ? 18 U B C6    1 
ATOM 848 P P     . U B 1 19 ? 6.51064   6.55823   -7.17857  1.000 35.49932 ? 19 U B P     1 
ATOM 849 O OP1   . U B 1 19 ? 7.84047   6.80026   -6.56364  1.000 23.28412 ? 19 U B OP1   1 
ATOM 850 O OP2   . U B 1 19 ? 5.70893   5.38403   -6.75104  1.000 42.14199 ? 19 U B OP2   1 
ATOM 851 O "O5'" . U B 1 19 ? 5.61785   7.85837   -6.96829  1.000 39.39888 ? 19 U B "O5'" 1 
ATOM 852 C "C5'" . U B 1 19 ? 6.03628   9.11378   -7.48074  1.000 40.45374 ? 19 U B "C5'" 1 
ATOM 853 C "C4'" . U B 1 19 ? 5.01383   10.18356  -7.20631  1.000 38.16994 ? 19 U B "C4'" 1 
ATOM 854 O "O4'" . U B 1 19 ? 3.89274   10.04444  -8.11359  1.000 40.48489 ? 19 U B "O4'" 1 
ATOM 855 C "C3'" . U B 1 19 ? 4.37883   10.14248  -5.82899  1.000 42.26282 ? 19 U B "C3'" 1 
ATOM 856 O "O3'" . U B 1 19 ? 5.20373   10.71786  -4.83269  1.000 46.12380 ? 19 U B "O3'" 1 
ATOM 857 C "C2'" . U B 1 19 ? 3.05808   10.87502  -6.04545  1.000 41.01299 ? 19 U B "C2'" 1 
ATOM 858 O "O2'" . U B 1 19 ? 3.25119   12.28082  -6.03408  1.000 51.04600 ? 19 U B "O2'" 1 
ATOM 859 C "C1'" . U B 1 19 ? 2.70132   10.44897  -7.47130  1.000 40.13397 ? 19 U B "C1'" 1 
ATOM 860 N N1    . U B 1 19 ? 1.73450   9.32795   -7.50206  1.000 39.42731 ? 19 U B N1    1 
ATOM 861 C C2    . U B 1 19 ? 0.39149   9.64984   -7.47220  1.000 35.53814 ? 19 U B C2    1 
ATOM 862 O O2    . U B 1 19 ? -0.01242  10.79936  -7.41838  1.000 31.68316 ? 19 U B O2    1 
ATOM 863 N N3    . U B 1 19 ? -0.46019  8.57439   -7.50813  1.000 33.55327 ? 19 U B N3    1 
ATOM 864 C C4    . U B 1 19 ? -0.11310  7.24061   -7.56873  1.000 34.04762 ? 19 U B C4    1 
ATOM 865 O O4    . U B 1 19 ? -0.99977  6.38546   -7.59320  1.000 40.71687 ? 19 U B O4    1 
ATOM 866 C C5    . U B 1 19 ? 1.29510   6.98995   -7.59763  1.000 35.20241 ? 19 U B C5    1 
ATOM 867 C C6    . U B 1 19 ? 2.14967   8.01754   -7.56500  1.000 40.09943 ? 19 U B C6    1 
ATOM 868 P P     . G B 1 20 ? 4.93895   10.39263  -3.28300  1.000 54.68234 ? 20 G B P     1 
ATOM 869 O OP1   . G B 1 20 ? 6.18690   10.71425  -2.54356  1.000 44.54331 ? 20 G B OP1   1 
ATOM 870 O OP2   . G B 1 20 ? 4.35015   9.03077   -3.17584  1.000 40.89150 ? 20 G B OP2   1 
ATOM 871 O "O5'" . G B 1 20 ? 3.81794   11.44520  -2.86807  1.000 38.72315 ? 20 G B "O5'" 1 
ATOM 872 C "C5'" . G B 1 20 ? 2.68361   11.04707  -2.11651  1.000 37.00934 ? 20 G B "C5'" 1 
ATOM 873 C "C4'" . G B 1 20 ? 1.53185   11.99649  -2.32005  1.000 43.63759 ? 20 G B "C4'" 1 
ATOM 874 O "O4'" . G B 1 20 ? 0.94005   11.77765  -3.62800  1.000 41.58091 ? 20 G B "O4'" 1 
ATOM 875 C "C3'" . G B 1 20 ? 0.36591   11.83260  -1.35799  1.000 46.46360 ? 20 G B "C3'" 1 
ATOM 876 O "O3'" . G B 1 20 ? 0.58867   12.46560  -0.11157  1.000 45.09568 ? 20 G B "O3'" 1 
ATOM 877 C "C2'" . G B 1 20 ? -0.79903  12.41092  -2.14572  1.000 41.17534 ? 20 G B "C2'" 1 
ATOM 878 O "O2'" . G B 1 20 ? -0.75767  13.83005  -2.13417  1.000 48.21504 ? 20 G B "O2'" 1 
ATOM 879 C "C1'" . G B 1 20 ? -0.46244  11.93247  -3.55628  1.000 43.68183 ? 20 G B "C1'" 1 
ATOM 880 N N9    . G B 1 20 ? -1.08612  10.62888  -3.85127  1.000 39.67821 ? 20 G B N9    1 
ATOM 881 C C8    . G B 1 20 ? -0.43354  9.43148   -4.03053  1.000 37.62504 ? 20 G B C8    1 
ATOM 882 N N7    . G B 1 20 ? -1.24254  8.43886   -4.28071  1.000 34.40115 ? 20 G B N7    1 
ATOM 883 C C5    . G B 1 20 ? -2.50382  9.01737   -4.26732  1.000 29.95316 ? 20 G B C5    1 
ATOM 884 C C6    . G B 1 20 ? -3.77512  8.42978   -4.47398  1.000 31.87092 ? 20 G B C6    1 
ATOM 885 O O6    . G B 1 20 ? -4.04195  7.24872   -4.71933  1.000 35.35756 ? 20 G B O6    1 
ATOM 886 N N1    . G B 1 20 ? -4.79547  9.36715   -4.37168  1.000 33.69030 ? 20 G B N1    1 
ATOM 887 C C2    . G B 1 20 ? -4.61645  10.70254  -4.10375  1.000 37.32488 ? 20 G B C2    1 
ATOM 888 N N2    . G B 1 20 ? -5.73474  11.44310  -4.04661  1.000 35.15250 ? 20 G B N2    1 
ATOM 889 N N3    . G B 1 20 ? -3.43283  11.26592  -3.90708  1.000 30.66923 ? 20 G B N3    1 
ATOM 890 C C4    . G B 1 20 ? -2.42825  10.36839  -4.00283  1.000 31.10438 ? 20 G B C4    1 
ATOM 891 P P     . C B 1 21 ? 0.50904   11.61005  1.24403   1.000 39.74690 ? 21 C B P     1 
ATOM 892 O OP1   . C B 1 21 ? 1.20777   12.38535  2.30109   1.000 33.17133 ? 21 C B OP1   1 
ATOM 893 O OP2   . C B 1 21 ? 0.94020   10.21888  0.94696   1.000 32.21127 ? 21 C B OP2   1 
ATOM 894 O "O5'" . C B 1 21 ? -1.04981  11.55555  1.56601   1.000 31.76375 ? 21 C B "O5'" 1 
ATOM 895 C "C5'" . C B 1 21 ? -1.84030  12.73432  1.55540   1.000 35.17156 ? 21 C B "C5'" 1 
ATOM 896 C "C4'" . C B 1 21 ? -3.30462  12.40893  1.40497   1.000 37.09175 ? 21 C B "C4'" 1 
ATOM 897 O "O4'" . C B 1 21 ? -3.57109  11.94105  0.05739   1.000 34.22695 ? 21 C B "O4'" 1 
ATOM 898 C "C3'" . C B 1 21 ? -3.82538  11.29127  2.29257   1.000 33.96845 ? 21 C B "C3'" 1 
ATOM 899 O "O3'" . C B 1 21 ? -4.11513  11.72145  3.60902   1.000 34.76712 ? 21 C B "O3'" 1 
ATOM 900 C "C2'" . C B 1 21 ? -5.04623  10.80084  1.52881   1.000 33.20253 ? 21 C B "C2'" 1 
ATOM 901 O "O2'" . C B 1 21 ? -6.14486  11.67480  1.73547   1.000 33.72695 ? 21 C B "O2'" 1 
ATOM 902 C "C1'" . C B 1 21 ? -4.57415  10.94747  0.08116   1.000 30.28348 ? 21 C B "C1'" 1 
ATOM 903 N N1    . C B 1 21 ? -3.99988  9.68970   -0.45062  1.000 30.74406 ? 21 C B N1    1 
ATOM 904 C C2    . C B 1 21 ? -4.85304  8.64925   -0.84120  1.000 31.64087 ? 21 C B C2    1 
ATOM 905 O O2    . C B 1 21 ? -6.07874  8.79447   -0.73178  1.000 33.29683 ? 21 C B O2    1 
ATOM 906 N N3    . C B 1 21 ? -4.32469  7.50235   -1.32805  1.000 30.74853 ? 21 C B N3    1 
ATOM 907 C C4    . C B 1 21 ? -3.00111  7.37170   -1.43479  1.000 34.55583 ? 21 C B C4    1 
ATOM 908 N N4    . C B 1 21 ? -2.52156  6.22398   -1.92069  1.000 38.05586 ? 21 C B N4    1 
ATOM 909 C C5    . C B 1 21 ? -2.10798  8.41338   -1.04825  1.000 35.14241 ? 21 C B C5    1 
ATOM 910 C C6    . C B 1 21 ? -2.64443  9.54314   -0.56925  1.000 33.63155 ? 21 C B C6    1 
ATOM 911 P P     . C B 1 22 ? -3.92423  10.71180  4.84262   1.000 35.52171 ? 22 C B P     1 
ATOM 912 O OP1   . C B 1 22 ? -4.06366  11.49637  6.09530   1.000 45.40114 ? 22 C B OP1   1 
ATOM 913 O OP2   . C B 1 22 ? -2.69239  9.91292   4.61166   1.000 41.53235 ? 22 C B OP2   1 
ATOM 914 O "O5'" . C B 1 22 ? -5.17251  9.73163   4.72557   1.000 29.74107 ? 22 C B "O5'" 1 
ATOM 915 C "C5'" . C B 1 22 ? -6.49552  10.23109  4.83095   1.000 29.93410 ? 22 C B "C5'" 1 
ATOM 916 C "C4'" . C B 1 22 ? -7.51130  9.18634   4.45129   1.000 25.36651 ? 22 C B "C4'" 1 
ATOM 917 O "O4'" . C B 1 22 ? -7.32134  8.79252   3.06864   1.000 29.51083 ? 22 C B "O4'" 1 
ATOM 918 C "C3'" . C B 1 22 ? -7.43835  7.87604   5.21708   1.000 23.16446 ? 22 C B "C3'" 1 
ATOM 919 O "O3'" . C B 1 22 ? -8.05171  7.94539   6.49145   1.000 29.10098 ? 22 C B "O3'" 1 
ATOM 920 C "C2'" . C B 1 22 ? -8.11984  6.90036   4.26736   1.000 24.84183 ? 22 C B "C2'" 1 
ATOM 921 O "O2'" . C B 1 22 ? -9.53145  7.02626   4.34776   1.000 22.64825 ? 22 C B "O2'" 1 
ATOM 922 C "C1'" . C B 1 22 ? -7.66601  7.43311   2.90560   1.000 28.37473 ? 22 C B "C1'" 1 
ATOM 923 N N1    . C B 1 22 ? -6.49467  6.70023   2.37184   1.000 26.76380 ? 22 C B N1    1 
ATOM 924 C C2    . C B 1 22 ? -6.69244  5.41844   1.84667   1.000 27.53552 ? 22 C B C2    1 
ATOM 925 O O2    . C B 1 22 ? -7.83514  4.93302   1.85270   1.000 28.09141 ? 22 C B O2    1 
ATOM 926 N N3    . C B 1 22 ? -5.63559  4.73081   1.35298   1.000 26.06000 ? 22 C B N3    1 
ATOM 927 C C4    . C B 1 22 ? -4.42237  5.28143   1.36327   1.000 26.91820 ? 22 C B C4    1 
ATOM 928 N N4    . C B 1 22 ? -3.41391  4.56572   0.86223   1.000 22.22895 ? 22 C B N4    1 
ATOM 929 C C5    . C B 1 22 ? -4.19203  6.58859   1.88742   1.000 27.07623 ? 22 C B C5    1 
ATOM 930 C C6    . C B 1 22 ? -5.24531  7.25830   2.37547   1.000 24.61908 ? 22 C B C6    1 
# 
loop_
_pdbx_poly_seq_scheme.asym_id 
_pdbx_poly_seq_scheme.entity_id 
_pdbx_poly_seq_scheme.seq_id 
_pdbx_poly_seq_scheme.mon_id 
_pdbx_poly_seq_scheme.ndb_seq_num 
_pdbx_poly_seq_scheme.pdb_seq_num 
_pdbx_poly_seq_scheme.auth_seq_num 
_pdbx_poly_seq_scheme.pdb_mon_id 
_pdbx_poly_seq_scheme.auth_mon_id 
_pdbx_poly_seq_scheme.pdb_strand_id 
_pdbx_poly_seq_scheme.pdb_ins_code 
_pdbx_poly_seq_scheme.hetero 
A 1 1  G 1  1  1  G G A . n 
A 1 2  G 2  2  2  G G A . n 
A 1 3  U 3  3  3  U U A . n 
A 1 4  A 4  4  4  A A A . n 
A 1 5  G 5  5  5  G G A . n 
A 1 6  A 6  6  6  A A A . n 
A 1 7  C 7  7  7  C C A . n 
A 1 8  G 8  8  8  G G A . n 
A 1 9  C 9  9  9  C C A . n 
A 1 10 U 10 10 10 U U A . n 
A 1 11 U 11 11 11 U U A . n 
A 1 12 C 12 12 12 C C A . n 
A 1 13 G 13 13 13 G G A . n 
A 1 14 G 14 14 14 G G A . n 
A 1 15 C 15 15 15 C C A . n 
A 1 16 G 16 16 16 G G A . n 
A 1 17 U 17 17 17 U U A . n 
A 1 18 U 18 18 18 U U A . n 
A 1 19 U 19 19 19 U U A . n 
A 1 20 G 20 20 20 G G A . n 
A 1 21 C 21 21 21 C C A . n 
A 1 22 C 22 22 22 C C A . n 
B 1 1  G 1  1  1  G G B . n 
B 1 2  G 2  2  2  G G B . n 
B 1 3  U 3  3  3  U U B . n 
B 1 4  A 4  4  4  A A B . n 
B 1 5  G 5  5  5  G G B . n 
B 1 6  A 6  6  6  A A B . n 
B 1 7  C 7  7  7  C C B . n 
B 1 8  G 8  8  8  G G B . n 
B 1 9  C 9  9  9  C C B . n 
B 1 10 U 10 10 10 U U B . n 
B 1 11 U 11 11 11 U U B . n 
B 1 12 C 12 12 12 C C B . n 
B 1 13 G 13 13 13 G G B . n 
B 1 14 G 14 14 14 G G B . n 
B 1 15 C 15 15 15 C C B . n 
B 1 16 G 16 16 16 G G B . n 
B 1 17 U 17 17 17 U U B . n 
B 1 18 U 18 18 18 U U B . n 
B 1 19 U 19 19 19 U U B . n 
B 1 20 G 20 20 20 G G B . n 
B 1 21 C 21 21 21 C C B . n 
B 1 22 C 22 22 22 C C B . n 
# 
loop_
_pdbx_struct_assembly.id 
_pdbx_struct_assembly.details 
_pdbx_struct_assembly.method_details 
_pdbx_struct_assembly.oligomeric_details 
_pdbx_struct_assembly.oligomeric_count 
1 author_and_software_defined_assembly PISA dimeric 2 
2 author_and_software_defined_assembly PISA dimeric 2 
# 
loop_
_pdbx_struct_assembly_gen.assembly_id 
_pdbx_struct_assembly_gen.oper_expression 
_pdbx_struct_assembly_gen.asym_id_list 
1 1,2 A 
2 1,3 B 
# 
loop_
_pdbx_struct_assembly_prop.biol_id 
_pdbx_struct_assembly_prop.type 
_pdbx_struct_assembly_prop.value 
_pdbx_struct_assembly_prop.details 
1 'ABSA (A^2)' 2170 ? 
1 MORE         -17  ? 
1 'SSA (A^2)'  8000 ? 
2 'ABSA (A^2)' 2170 ? 
2 MORE         -17  ? 
2 'SSA (A^2)'  7940 ? 
# 
loop_
_pdbx_struct_oper_list.id 
_pdbx_struct_oper_list.type 
_pdbx_struct_oper_list.name 
_pdbx_struct_oper_list.symmetry_operation 
_pdbx_struct_oper_list.matrix[1][1] 
_pdbx_struct_oper_list.matrix[1][2] 
_pdbx_struct_oper_list.matrix[1][3] 
_pdbx_struct_oper_list.vector[1] 
_pdbx_struct_oper_list.matrix[2][1] 
_pdbx_struct_oper_list.matrix[2][2] 
_pdbx_struct_oper_list.matrix[2][3] 
_pdbx_struct_oper_list.vector[2] 
_pdbx_struct_oper_list.matrix[3][1] 
_pdbx_struct_oper_list.matrix[3][2] 
_pdbx_struct_oper_list.matrix[3][3] 
_pdbx_struct_oper_list.vector[3] 
1 'identity operation'         1_555  x,y,z                  1.0000000000 0.0000000000  0.0000000000  0.0000000000   0.0000000000  1.0000000000  0.0000000000  0.0000000000  0.0000000000  0.0000000000  1.0000000000  0.0000000000   
2 'crystal symmetry operation' 5_555  x-y,-y,-z              0.2620642328 -0.9120968241 -0.3152803852 8.8826344032   -0.9120968241 -0.3408254549 0.2278538846  -7.7288051121 -0.3152803852 0.2278538846  -0.9212387780 57.9163012634  
3 'crystal symmetry operation' 12_555 -x+2/3,-x+y+1/3,-z+1/3 0.6369114835 0.7503373046  -0.1770245504 -10.3206363051 0.7503373046  -0.6560558855 -0.0811455753 8.9762348914  -0.1770245504 -0.0811455753 -0.9808555980 -57.3861883508 
# 
loop_
_pdbx_audit_revision_history.ordinal 
_pdbx_audit_revision_history.data_content_type 
_pdbx_audit_revision_history.major_revision 
_pdbx_audit_revision_history.minor_revision 
_pdbx_audit_revision_history.revision_date 
1 'Structure model' 1 0 2020-09-30 
2 'Structure model' 1 1 2023-11-22 
# 
_pdbx_audit_revision_details.ordinal             1 
_pdbx_audit_revision_details.revision_ordinal    1 
_pdbx_audit_revision_details.data_content_type   'Structure model' 
_pdbx_audit_revision_details.provider            repository 
_pdbx_audit_revision_details.type                'Initial release' 
_pdbx_audit_revision_details.description         ? 
_pdbx_audit_revision_details.details             ? 
# 
loop_
_pdbx_audit_revision_group.ordinal 
_pdbx_audit_revision_group.revision_ordinal 
_pdbx_audit_revision_group.data_content_type 
_pdbx_audit_revision_group.group 
1 2 'Structure model' 'Data collection'        
2 2 'Structure model' 'Database references'    
3 2 'Structure model' 'Refinement description' 
# 
loop_
_pdbx_audit_revision_category.ordinal 
_pdbx_audit_revision_category.revision_ordinal 
_pdbx_audit_revision_category.data_content_type 
_pdbx_audit_revision_category.category 
1 2 'Structure model' chem_comp_atom                
2 2 'Structure model' chem_comp_bond                
3 2 'Structure model' database_2                    
4 2 'Structure model' pdbx_initial_refinement_model 
# 
loop_
_pdbx_audit_revision_item.ordinal 
_pdbx_audit_revision_item.revision_ordinal 
_pdbx_audit_revision_item.data_content_type 
_pdbx_audit_revision_item.item 
1 2 'Structure model' '_database_2.pdbx_DOI'                
2 2 'Structure model' '_database_2.pdbx_database_accession' 
# 
loop_
_space_group_symop.id 
_space_group_symop.operation_xyz 
1  x,y,z                  
2  -y,x-y,z               
3  -x+y,-x,z              
4  x-y,-y,-z              
5  -x,-x+y,-z             
6  y,x,-z                 
7  x+1/3,y+2/3,z+2/3      
8  -y+1/3,x-y+2/3,z+2/3   
9  -x+y+1/3,-x+2/3,z+2/3  
10 x-y+1/3,-y+2/3,-z+2/3  
11 -x+1/3,-x+y+2/3,-z+2/3 
12 y+1/3,x+2/3,-z+2/3     
13 x+2/3,y+1/3,z+1/3      
14 -y+2/3,x-y+1/3,z+1/3   
15 -x+y+2/3,-x+1/3,z+1/3  
16 x-y+2/3,-y+1/3,-z+1/3  
17 -x+2/3,-x+y+1/3,-z+1/3 
18 y+2/3,x+1/3,-z+1/3     
# 
loop_
_software.citation_id 
_software.classification 
_software.compiler_name 
_software.compiler_version 
_software.contact_author 
_software.contact_author_email 
_software.date 
_software.description 
_software.dependencies 
_software.hardware 
_software.language 
_software.location 
_software.mods 
_software.name 
_software.os 
_software.os_version 
_software.type 
_software.version 
_software.pdbx_ordinal 
? refinement       ? ? ? ? ? ? ? ? ? ? ? PHENIX ? ? ? 1.13_2998 1 
? 'data reduction' ? ? ? ? ? ? ? ? ? ? ? XDS    ? ? ? .         2 
? 'data scaling'   ? ? ? ? ? ? ? ? ? ? ? XSCALE ? ? ? .         3 
? phasing          ? ? ? ? ? ? ? ? ? ? ? PHENIX ? ? ? .         4 
? 'model building' ? ? ? ? ? ? ? ? ? ? ? Coot   ? ? ? .         5 
# 
loop_
_chem_comp_atom.comp_id 
_chem_comp_atom.atom_id 
_chem_comp_atom.type_symbol 
_chem_comp_atom.pdbx_aromatic_flag 
_chem_comp_atom.pdbx_stereo_config 
_chem_comp_atom.pdbx_ordinal 
A OP3    O N N 1   
A P      P N N 2   
A OP1    O N N 3   
A OP2    O N N 4   
A "O5'"  O N N 5   
A "C5'"  C N N 6   
A "C4'"  C N R 7   
A "O4'"  O N N 8   
A "C3'"  C N S 9   
A "O3'"  O N N 10  
A "C2'"  C N R 11  
A "O2'"  O N N 12  
A "C1'"  C N R 13  
A N9     N Y N 14  
A C8     C Y N 15  
A N7     N Y N 16  
A C5     C Y N 17  
A C6     C Y N 18  
A N6     N N N 19  
A N1     N Y N 20  
A C2     C Y N 21  
A N3     N Y N 22  
A C4     C Y N 23  
A HOP3   H N N 24  
A HOP2   H N N 25  
A "H5'"  H N N 26  
A "H5''" H N N 27  
A "H4'"  H N N 28  
A "H3'"  H N N 29  
A "HO3'" H N N 30  
A "H2'"  H N N 31  
A "HO2'" H N N 32  
A "H1'"  H N N 33  
A H8     H N N 34  
A H61    H N N 35  
A H62    H N N 36  
A H2     H N N 37  
C OP3    O N N 38  
C P      P N N 39  
C OP1    O N N 40  
C OP2    O N N 41  
C "O5'"  O N N 42  
C "C5'"  C N N 43  
C "C4'"  C N R 44  
C "O4'"  O N N 45  
C "C3'"  C N S 46  
C "O3'"  O N N 47  
C "C2'"  C N R 48  
C "O2'"  O N N 49  
C "C1'"  C N R 50  
C N1     N N N 51  
C C2     C N N 52  
C O2     O N N 53  
C N3     N N N 54  
C C4     C N N 55  
C N4     N N N 56  
C C5     C N N 57  
C C6     C N N 58  
C HOP3   H N N 59  
C HOP2   H N N 60  
C "H5'"  H N N 61  
C "H5''" H N N 62  
C "H4'"  H N N 63  
C "H3'"  H N N 64  
C "HO3'" H N N 65  
C "H2'"  H N N 66  
C "HO2'" H N N 67  
C "H1'"  H N N 68  
C H41    H N N 69  
C H42    H N N 70  
C H5     H N N 71  
C H6     H N N 72  
G OP3    O N N 73  
G P      P N N 74  
G OP1    O N N 75  
G OP2    O N N 76  
G "O5'"  O N N 77  
G "C5'"  C N N 78  
G "C4'"  C N R 79  
G "O4'"  O N N 80  
G "C3'"  C N S 81  
G "O3'"  O N N 82  
G "C2'"  C N R 83  
G "O2'"  O N N 84  
G "C1'"  C N R 85  
G N9     N Y N 86  
G C8     C Y N 87  
G N7     N Y N 88  
G C5     C Y N 89  
G C6     C N N 90  
G O6     O N N 91  
G N1     N N N 92  
G C2     C N N 93  
G N2     N N N 94  
G N3     N N N 95  
G C4     C Y N 96  
G HOP3   H N N 97  
G HOP2   H N N 98  
G "H5'"  H N N 99  
G "H5''" H N N 100 
G "H4'"  H N N 101 
G "H3'"  H N N 102 
G "HO3'" H N N 103 
G "H2'"  H N N 104 
G "HO2'" H N N 105 
G "H1'"  H N N 106 
G H8     H N N 107 
G H1     H N N 108 
G H21    H N N 109 
G H22    H N N 110 
U OP3    O N N 111 
U P      P N N 112 
U OP1    O N N 113 
U OP2    O N N 114 
U "O5'"  O N N 115 
U "C5'"  C N N 116 
U "C4'"  C N R 117 
U "O4'"  O N N 118 
U "C3'"  C N S 119 
U "O3'"  O N N 120 
U "C2'"  C N R 121 
U "O2'"  O N N 122 
U "C1'"  C N R 123 
U N1     N N N 124 
U C2     C N N 125 
U O2     O N N 126 
U N3     N N N 127 
U C4     C N N 128 
U O4     O N N 129 
U C5     C N N 130 
U C6     C N N 131 
U HOP3   H N N 132 
U HOP2   H N N 133 
U "H5'"  H N N 134 
U "H5''" H N N 135 
U "H4'"  H N N 136 
U "H3'"  H N N 137 
U "HO3'" H N N 138 
U "H2'"  H N N 139 
U "HO2'" H N N 140 
U "H1'"  H N N 141 
U H3     H N N 142 
U H5     H N N 143 
U H6     H N N 144 
# 
loop_
_chem_comp_bond.comp_id 
_chem_comp_bond.atom_id_1 
_chem_comp_bond.atom_id_2 
_chem_comp_bond.value_order 
_chem_comp_bond.pdbx_aromatic_flag 
_chem_comp_bond.pdbx_stereo_config 
_chem_comp_bond.pdbx_ordinal 
A OP3   P      sing N N 1   
A OP3   HOP3   sing N N 2   
A P     OP1    doub N N 3   
A P     OP2    sing N N 4   
A P     "O5'"  sing N N 5   
A OP2   HOP2   sing N N 6   
A "O5'" "C5'"  sing N N 7   
A "C5'" "C4'"  sing N N 8   
A "C5'" "H5'"  sing N N 9   
A "C5'" "H5''" sing N N 10  
A "C4'" "O4'"  sing N N 11  
A "C4'" "C3'"  sing N N 12  
A "C4'" "H4'"  sing N N 13  
A "O4'" "C1'"  sing N N 14  
A "C3'" "O3'"  sing N N 15  
A "C3'" "C2'"  sing N N 16  
A "C3'" "H3'"  sing N N 17  
A "O3'" "HO3'" sing N N 18  
A "C2'" "O2'"  sing N N 19  
A "C2'" "C1'"  sing N N 20  
A "C2'" "H2'"  sing N N 21  
A "O2'" "HO2'" sing N N 22  
A "C1'" N9     sing N N 23  
A "C1'" "H1'"  sing N N 24  
A N9    C8     sing Y N 25  
A N9    C4     sing Y N 26  
A C8    N7     doub Y N 27  
A C8    H8     sing N N 28  
A N7    C5     sing Y N 29  
A C5    C6     sing Y N 30  
A C5    C4     doub Y N 31  
A C6    N6     sing N N 32  
A C6    N1     doub Y N 33  
A N6    H61    sing N N 34  
A N6    H62    sing N N 35  
A N1    C2     sing Y N 36  
A C2    N3     doub Y N 37  
A C2    H2     sing N N 38  
A N3    C4     sing Y N 39  
C OP3   P      sing N N 40  
C OP3   HOP3   sing N N 41  
C P     OP1    doub N N 42  
C P     OP2    sing N N 43  
C P     "O5'"  sing N N 44  
C OP2   HOP2   sing N N 45  
C "O5'" "C5'"  sing N N 46  
C "C5'" "C4'"  sing N N 47  
C "C5'" "H5'"  sing N N 48  
C "C5'" "H5''" sing N N 49  
C "C4'" "O4'"  sing N N 50  
C "C4'" "C3'"  sing N N 51  
C "C4'" "H4'"  sing N N 52  
C "O4'" "C1'"  sing N N 53  
C "C3'" "O3'"  sing N N 54  
C "C3'" "C2'"  sing N N 55  
C "C3'" "H3'"  sing N N 56  
C "O3'" "HO3'" sing N N 57  
C "C2'" "O2'"  sing N N 58  
C "C2'" "C1'"  sing N N 59  
C "C2'" "H2'"  sing N N 60  
C "O2'" "HO2'" sing N N 61  
C "C1'" N1     sing N N 62  
C "C1'" "H1'"  sing N N 63  
C N1    C2     sing N N 64  
C N1    C6     sing N N 65  
C C2    O2     doub N N 66  
C C2    N3     sing N N 67  
C N3    C4     doub N N 68  
C C4    N4     sing N N 69  
C C4    C5     sing N N 70  
C N4    H41    sing N N 71  
C N4    H42    sing N N 72  
C C5    C6     doub N N 73  
C C5    H5     sing N N 74  
C C6    H6     sing N N 75  
G OP3   P      sing N N 76  
G OP3   HOP3   sing N N 77  
G P     OP1    doub N N 78  
G P     OP2    sing N N 79  
G P     "O5'"  sing N N 80  
G OP2   HOP2   sing N N 81  
G "O5'" "C5'"  sing N N 82  
G "C5'" "C4'"  sing N N 83  
G "C5'" "H5'"  sing N N 84  
G "C5'" "H5''" sing N N 85  
G "C4'" "O4'"  sing N N 86  
G "C4'" "C3'"  sing N N 87  
G "C4'" "H4'"  sing N N 88  
G "O4'" "C1'"  sing N N 89  
G "C3'" "O3'"  sing N N 90  
G "C3'" "C2'"  sing N N 91  
G "C3'" "H3'"  sing N N 92  
G "O3'" "HO3'" sing N N 93  
G "C2'" "O2'"  sing N N 94  
G "C2'" "C1'"  sing N N 95  
G "C2'" "H2'"  sing N N 96  
G "O2'" "HO2'" sing N N 97  
G "C1'" N9     sing N N 98  
G "C1'" "H1'"  sing N N 99  
G N9    C8     sing Y N 100 
G N9    C4     sing Y N 101 
G C8    N7     doub Y N 102 
G C8    H8     sing N N 103 
G N7    C5     sing Y N 104 
G C5    C6     sing N N 105 
G C5    C4     doub Y N 106 
G C6    O6     doub N N 107 
G C6    N1     sing N N 108 
G N1    C2     sing N N 109 
G N1    H1     sing N N 110 
G C2    N2     sing N N 111 
G C2    N3     doub N N 112 
G N2    H21    sing N N 113 
G N2    H22    sing N N 114 
G N3    C4     sing N N 115 
U OP3   P      sing N N 116 
U OP3   HOP3   sing N N 117 
U P     OP1    doub N N 118 
U P     OP2    sing N N 119 
U P     "O5'"  sing N N 120 
U OP2   HOP2   sing N N 121 
U "O5'" "C5'"  sing N N 122 
U "C5'" "C4'"  sing N N 123 
U "C5'" "H5'"  sing N N 124 
U "C5'" "H5''" sing N N 125 
U "C4'" "O4'"  sing N N 126 
U "C4'" "C3'"  sing N N 127 
U "C4'" "H4'"  sing N N 128 
U "O4'" "C1'"  sing N N 129 
U "C3'" "O3'"  sing N N 130 
U "C3'" "C2'"  sing N N 131 
U "C3'" "H3'"  sing N N 132 
U "O3'" "HO3'" sing N N 133 
U "C2'" "O2'"  sing N N 134 
U "C2'" "C1'"  sing N N 135 
U "C2'" "H2'"  sing N N 136 
U "O2'" "HO2'" sing N N 137 
U "C1'" N1     sing N N 138 
U "C1'" "H1'"  sing N N 139 
U N1    C2     sing N N 140 
U N1    C6     sing N N 141 
U C2    O2     doub N N 142 
U C2    N3     sing N N 143 
U N3    C4     sing N N 144 
U N3    H3     sing N N 145 
U C4    O4     doub N N 146 
U C4    C5     sing N N 147 
U C5    C6     doub N N 148 
U C5    H5     sing N N 149 
U C6    H6     sing N N 150 
# 
loop_
_ndb_struct_conf_na.entry_id 
_ndb_struct_conf_na.feature 
6L0Y 'double helix'         
6L0Y 'a-form double helix'  
6L0Y 'mismatched base pair' 
# 
loop_
_ndb_struct_na_base_pair.model_number 
_ndb_struct_na_base_pair.i_label_asym_id 
_ndb_struct_na_base_pair.i_label_comp_id 
_ndb_struct_na_base_pair.i_label_seq_id 
_ndb_struct_na_base_pair.i_symmetry 
_ndb_struct_na_base_pair.j_label_asym_id 
_ndb_struct_na_base_pair.j_label_comp_id 
_ndb_struct_na_base_pair.j_label_seq_id 
_ndb_struct_na_base_pair.j_symmetry 
_ndb_struct_na_base_pair.shear 
_ndb_struct_na_base_pair.stretch 
_ndb_struct_na_base_pair.stagger 
_ndb_struct_na_base_pair.buckle 
_ndb_struct_na_base_pair.propeller 
_ndb_struct_na_base_pair.opening 
_ndb_struct_na_base_pair.pair_number 
_ndb_struct_na_base_pair.pair_name 
_ndb_struct_na_base_pair.i_auth_asym_id 
_ndb_struct_na_base_pair.i_auth_seq_id 
_ndb_struct_na_base_pair.i_PDB_ins_code 
_ndb_struct_na_base_pair.j_auth_asym_id 
_ndb_struct_na_base_pair.j_auth_seq_id 
_ndb_struct_na_base_pair.j_PDB_ins_code 
_ndb_struct_na_base_pair.hbond_type_28 
_ndb_struct_na_base_pair.hbond_type_12 
1 A G 1  1_555 A C 22 5_555  0.002  0.019  0.012  -2.763  -1.491  7.247   1  A_G1:C22_A  A 1  ? A 22 ? 19 1 
1 A G 2  1_555 A C 21 5_555  0.053  -0.257 0.029  -4.958  -18.997 -0.542  2  A_G2:C21_A  A 2  ? A 21 ? 19 1 
1 A U 3  1_555 A G 20 5_555  2.554  -0.562 -0.112 -0.932  -18.016 5.424   3  A_U3:G20_A  A 3  ? A 20 ? 28 1 
1 A A 4  1_555 A U 19 5_555  -0.623 -0.077 0.023  -1.278  -11.484 7.356   4  A_A4:U19_A  A 4  ? A 19 ? 20 1 
1 A G 5  1_555 A U 18 5_555  -2.148 -0.600 0.058  1.827   -13.887 0.573   5  A_G5:U18_A  A 5  ? A 18 ? 28 1 
1 A A 6  1_555 A U 17 5_555  -0.230 -0.172 0.496  7.020   -8.244  7.021   6  A_A6:U17_A  A 6  ? A 17 ? 20 1 
1 A C 7  1_555 A G 16 5_555  0.273  -0.099 0.089  1.772   -6.834  1.264   7  A_C7:G16_A  A 7  ? A 16 ? 19 1 
1 A G 8  1_555 A C 15 5_555  -0.119 -0.170 -0.525 -1.386  -0.309  0.996   8  A_G8:C15_A  A 8  ? A 15 ? 19 1 
1 A C 9  1_555 A G 14 5_555  0.104  -0.018 -0.296 5.818   0.133   5.025   9  A_C9:G14_A  A 9  ? A 14 ? 19 1 
1 A U 10 1_555 A G 13 5_555  2.474  -0.480 -0.574 11.014  -2.442  6.052   10 A_U10:G13_A A 10 ? A 13 ? 28 1 
1 A U 11 1_555 A C 12 5_555  -1.467 -0.759 -0.949 -8.346  -2.867  -34.350 11 A_U11:C12_A A 11 ? A 12 ? ?  ? 
1 A C 12 1_555 A U 11 5_555  1.467  -0.759 -0.949 8.346   -2.867  -34.350 12 A_C12:U11_A A 12 ? A 11 ? ?  ? 
1 A G 13 1_555 A U 10 5_555  -2.474 -0.480 -0.574 -11.014 -2.442  6.052   13 A_G13:U10_A A 13 ? A 10 ? 28 1 
1 A G 14 1_555 A C 9  5_555  -0.104 -0.018 -0.296 -5.818  0.133   5.025   14 A_G14:C9_A  A 14 ? A 9  ? 19 1 
1 A C 15 1_555 A G 8  5_555  0.119  -0.170 -0.525 1.386   -0.309  0.996   15 A_C15:G8_A  A 15 ? A 8  ? 19 1 
1 A G 16 1_555 A C 7  5_555  -0.273 -0.099 0.089  -1.772  -6.834  1.264   16 A_G16:C7_A  A 16 ? A 7  ? 19 1 
1 A U 17 1_555 A A 6  5_555  0.230  -0.172 0.496  -7.020  -8.244  7.021   17 A_U17:A6_A  A 17 ? A 6  ? 20 1 
1 A U 18 1_555 A G 5  5_555  2.148  -0.600 0.058  -1.827  -13.887 0.573   18 A_U18:G5_A  A 18 ? A 5  ? 28 1 
1 A U 19 1_555 A A 4  5_555  0.623  -0.077 0.023  1.278   -11.484 7.356   19 A_U19:A4_A  A 19 ? A 4  ? 20 1 
1 A G 20 1_555 A U 3  5_555  -2.554 -0.562 -0.112 0.932   -18.016 5.424   20 A_G20:U3_A  A 20 ? A 3  ? 28 1 
1 A C 21 1_555 A G 2  5_555  -0.053 -0.257 0.029  4.958   -18.997 -0.542  21 A_C21:G2_A  A 21 ? A 2  ? 19 1 
1 A C 22 1_555 A G 1  5_555  -0.002 0.019  0.012  2.763   -1.491  7.247   22 A_C22:G1_A  A 22 ? A 1  ? 19 1 
1 B G 1  1_555 B C 22 12_555 0.317  -0.343 0.197  -1.415  -5.124  1.447   23 B_G1:C22_B  B 1  ? B 22 ? 19 1 
1 B G 2  1_555 B C 21 12_555 -0.694 -0.362 0.164  -6.287  -13.553 1.286   24 B_G2:C21_B  B 2  ? B 21 ? 19 1 
1 B U 3  1_555 B G 20 12_555 3.187  -0.917 0.366  -10.427 -11.842 4.565   25 B_U3:G20_B  B 3  ? B 20 ? 28 1 
1 B A 4  1_555 B U 19 12_555 0.141  -0.487 0.352  -1.316  -7.570  1.461   26 B_A4:U19_B  B 4  ? B 19 ? 20 1 
1 B G 5  1_555 B U 18 12_555 -2.159 -0.494 -0.025 1.737   -11.424 4.638   27 B_G5:U18_B  B 5  ? B 18 ? 28 1 
1 B A 6  1_555 B U 17 12_555 -0.654 -0.147 -0.085 -2.518  -12.271 3.663   28 B_A6:U17_B  B 6  ? B 17 ? 20 1 
1 B C 7  1_555 B G 16 12_555 0.498  -0.280 -0.002 6.161   -15.018 0.372   29 B_C7:G16_B  B 7  ? B 16 ? 19 1 
1 B G 8  1_555 B C 15 12_555 0.683  0.065  -0.683 -11.130 -8.052  -4.395  30 B_G8:C15_B  B 8  ? B 15 ? 19 1 
1 B C 9  1_555 B G 14 12_555 0.474  -0.172 -0.200 7.306   -7.553  1.608   31 B_C9:G14_B  B 9  ? B 14 ? 19 1 
1 B U 10 1_555 B G 13 12_555 2.027  -0.554 -0.219 7.217   -3.814  5.663   32 B_U10:G13_B B 10 ? B 13 ? 28 1 
1 B U 11 1_555 B C 12 12_555 -2.437 -0.886 -1.230 -9.571  -6.096  -36.090 33 B_U11:C12_B B 11 ? B 12 ? ?  ? 
1 B C 12 1_555 B U 11 12_555 2.437  -0.886 -1.230 9.571   -6.096  -36.090 34 B_C12:U11_B B 12 ? B 11 ? ?  ? 
1 B G 13 1_555 B U 10 12_555 -2.027 -0.554 -0.219 -7.217  -3.814  5.663   35 B_G13:U10_B B 13 ? B 10 ? 28 1 
1 B G 14 1_555 B C 9  12_555 -0.474 -0.172 -0.200 -7.306  -7.553  1.608   36 B_G14:C9_B  B 14 ? B 9  ? 19 1 
1 B C 15 1_555 B G 8  12_555 -0.683 0.065  -0.683 11.130  -8.052  -4.395  37 B_C15:G8_B  B 15 ? B 8  ? 19 1 
1 B G 16 1_555 B C 7  12_555 -0.498 -0.280 -0.002 -6.161  -15.018 0.372   38 B_G16:C7_B  B 16 ? B 7  ? 19 1 
1 B U 17 1_555 B A 6  12_555 0.654  -0.147 -0.085 2.518   -12.271 3.663   39 B_U17:A6_B  B 17 ? B 6  ? 20 1 
1 B U 18 1_555 B G 5  12_555 2.159  -0.494 -0.025 -1.737  -11.424 4.638   40 B_U18:G5_B  B 18 ? B 5  ? 28 1 
1 B U 19 1_555 B A 4  12_555 -0.141 -0.487 0.352  1.316   -7.570  1.461   41 B_U19:A4_B  B 19 ? B 4  ? 20 1 
1 B G 20 1_555 B U 3  12_555 -3.187 -0.917 0.366  10.427  -11.842 4.565   42 B_G20:U3_B  B 20 ? B 3  ? 28 1 
1 B C 21 1_555 B G 2  12_555 0.694  -0.362 0.164  6.287   -13.553 1.286   43 B_C21:G2_B  B 21 ? B 2  ? 19 1 
1 B C 22 1_555 B G 1  12_555 -0.317 -0.343 0.197  1.415   -5.124  1.447   44 B_C22:G1_B  B 22 ? B 1  ? 19 1 
# 
loop_
_ndb_struct_na_base_pair_step.model_number 
_ndb_struct_na_base_pair_step.i_label_asym_id_1 
_ndb_struct_na_base_pair_step.i_label_comp_id_1 
_ndb_struct_na_base_pair_step.i_label_seq_id_1 
_ndb_struct_na_base_pair_step.i_symmetry_1 
_ndb_struct_na_base_pair_step.j_label_asym_id_1 
_ndb_struct_na_base_pair_step.j_label_comp_id_1 
_ndb_struct_na_base_pair_step.j_label_seq_id_1 
_ndb_struct_na_base_pair_step.j_symmetry_1 
_ndb_struct_na_base_pair_step.i_label_asym_id_2 
_ndb_struct_na_base_pair_step.i_label_comp_id_2 
_ndb_struct_na_base_pair_step.i_label_seq_id_2 
_ndb_struct_na_base_pair_step.i_symmetry_2 
_ndb_struct_na_base_pair_step.j_label_asym_id_2 
_ndb_struct_na_base_pair_step.j_label_comp_id_2 
_ndb_struct_na_base_pair_step.j_label_seq_id_2 
_ndb_struct_na_base_pair_step.j_symmetry_2 
_ndb_struct_na_base_pair_step.shift 
_ndb_struct_na_base_pair_step.slide 
_ndb_struct_na_base_pair_step.rise 
_ndb_struct_na_base_pair_step.tilt 
_ndb_struct_na_base_pair_step.roll 
_ndb_struct_na_base_pair_step.twist 
_ndb_struct_na_base_pair_step.x_displacement 
_ndb_struct_na_base_pair_step.y_displacement 
_ndb_struct_na_base_pair_step.helical_rise 
_ndb_struct_na_base_pair_step.inclination 
_ndb_struct_na_base_pair_step.tip 
_ndb_struct_na_base_pair_step.helical_twist 
_ndb_struct_na_base_pair_step.step_number 
_ndb_struct_na_base_pair_step.step_name 
_ndb_struct_na_base_pair_step.i_auth_asym_id_1 
_ndb_struct_na_base_pair_step.i_auth_seq_id_1 
_ndb_struct_na_base_pair_step.i_PDB_ins_code_1 
_ndb_struct_na_base_pair_step.j_auth_asym_id_1 
_ndb_struct_na_base_pair_step.j_auth_seq_id_1 
_ndb_struct_na_base_pair_step.j_PDB_ins_code_1 
_ndb_struct_na_base_pair_step.i_auth_asym_id_2 
_ndb_struct_na_base_pair_step.i_auth_seq_id_2 
_ndb_struct_na_base_pair_step.i_PDB_ins_code_2 
_ndb_struct_na_base_pair_step.j_auth_asym_id_2 
_ndb_struct_na_base_pair_step.j_auth_seq_id_2 
_ndb_struct_na_base_pair_step.j_PDB_ins_code_2 
1 A G 1  1_555 A C 22 5_555  A G 2  1_555 A C 21 5_555  -0.399 -1.944 3.387 -0.130 2.969  31.534 -4.115 0.708  3.197 5.449  0.239  
31.670 1  AA_G1G2:C21C22_AA   A 1  ? A 22 ? A 2  ? A 21 ? 
1 A G 2  1_555 A C 21 5_555  A U 3  1_555 A G 20 5_555  0.212  -0.822 3.082 3.558  4.060  43.500 -1.463 0.032  3.005 5.453  -4.779 
43.818 2  AA_G2U3:G20C21_AA   A 2  ? A 21 ? A 3  ? A 20 ? 
1 A U 3  1_555 A G 20 5_555  A A 4  1_555 A U 19 5_555  0.156  -1.713 3.086 2.658  10.103 20.526 -7.237 0.382  2.031 26.268 -6.912 
23.006 3  AA_U3A4:U19G20_AA   A 3  ? A 20 ? A 4  ? A 19 ? 
1 A A 4  1_555 A U 19 5_555  A G 5  1_555 A U 18 5_555  0.196  -1.825 3.030 -1.956 10.638 20.825 -7.352 -1.008 1.860 27.191 4.999  
23.439 4  AA_A4G5:U18U19_AA   A 4  ? A 19 ? A 5  ? A 18 ? 
1 A G 5  1_555 A U 18 5_555  A A 6  1_555 A U 17 5_555  0.019  -0.983 3.053 -5.147 6.437  42.745 -1.894 -0.479 2.862 8.734  6.984  
43.495 5  AA_G5A6:U17U18_AA   A 5  ? A 18 ? A 6  ? A 17 ? 
1 A A 6  1_555 A U 17 5_555  A C 7  1_555 A G 16 5_555  -0.099 -1.585 3.397 4.208  14.196 32.595 -4.519 0.736  2.484 23.821 -7.060 
35.717 6  AA_A6C7:G16U17_AA   A 6  ? A 17 ? A 7  ? A 16 ? 
1 A C 7  1_555 A G 16 5_555  A G 8  1_555 A C 15 5_555  0.956  -2.286 3.474 3.877  4.582  23.828 -6.816 -1.027 3.100 10.879 -9.203 
24.562 7  AA_C7G8:C15G16_AA   A 7  ? A 16 ? A 8  ? A 15 ? 
1 A G 8  1_555 A C 15 5_555  A C 9  1_555 A G 14 5_555  -0.348 -2.233 3.069 -3.276 -0.216 29.483 -4.318 0.027  3.104 -0.422 6.412  
29.661 8  AA_G8C9:G14C15_AA   A 8  ? A 15 ? A 9  ? A 14 ? 
1 A C 9  1_555 A G 14 5_555  A U 10 1_555 A G 13 5_555  0.075  -1.692 3.178 2.640  4.215  38.879 -3.000 0.187  2.984 6.300  -3.946 
39.184 9  AA_C9U10:G13G14_AA  A 9  ? A 14 ? A 10 ? A 13 ? 
1 A U 10 1_555 A G 13 5_555  A U 11 1_555 A C 12 5_555  -3.523 -1.861 3.819 0.380  15.134 17.892 -9.511 8.810  1.678 40.502 -1.018 
23.398 10 AA_U10U11:C12G13_AA A 10 ? A 13 ? A 11 ? A 12 ? 
1 A U 11 1_555 A C 12 5_555  A C 12 1_555 A U 11 5_555  0.000  -1.699 2.995 0.000  1.950  44.857 -2.385 0.000  2.922 2.554  0.000  
44.897 11 AA_U11C12:U11C12_AA A 11 ? A 12 ? A 12 ? A 11 ? 
1 A C 12 1_555 A U 11 5_555  A G 13 1_555 A U 10 5_555  3.523  -1.861 3.819 -0.380 15.134 17.892 -9.511 -8.810 1.678 40.502 1.018  
23.398 12 AA_C12G13:U10U11_AA A 12 ? A 11 ? A 13 ? A 10 ? 
1 A G 13 1_555 A U 10 5_555  A G 14 1_555 A C 9  5_555  -0.075 -1.692 3.178 -2.640 4.215  38.879 -3.000 -0.187 2.984 6.300  3.946  
39.184 13 AA_G13G14:C9U10_AA  A 13 ? A 10 ? A 14 ? A 9  ? 
1 A G 14 1_555 A C 9  5_555  A C 15 1_555 A G 8  5_555  0.348  -2.233 3.069 3.276  -0.216 29.483 -4.318 -0.027 3.104 -0.422 -6.412 
29.661 14 AA_G14C15:G8C9_AA   A 14 ? A 9  ? A 15 ? A 8  ? 
1 A C 15 1_555 A G 8  5_555  A G 16 1_555 A C 7  5_555  -0.956 -2.286 3.474 -3.877 4.582  23.828 -6.816 1.027  3.100 10.879 9.203  
24.562 15 AA_C15G16:C7G8_AA   A 15 ? A 8  ? A 16 ? A 7  ? 
1 A G 16 1_555 A C 7  5_555  A U 17 1_555 A A 6  5_555  0.099  -1.585 3.397 -4.208 14.196 32.595 -4.519 -0.736 2.484 23.821 7.060  
35.717 16 AA_G16U17:A6C7_AA   A 16 ? A 7  ? A 17 ? A 6  ? 
1 A U 17 1_555 A A 6  5_555  A U 18 1_555 A G 5  5_555  -0.019 -0.983 3.053 5.147  6.437  42.745 -1.894 0.479  2.862 8.734  -6.984 
43.495 17 AA_U17U18:G5A6_AA   A 17 ? A 6  ? A 18 ? A 5  ? 
1 A U 18 1_555 A G 5  5_555  A U 19 1_555 A A 4  5_555  -0.196 -1.825 3.030 1.956  10.638 20.825 -7.352 1.008  1.860 27.191 -4.999 
23.439 18 AA_U18U19:A4G5_AA   A 18 ? A 5  ? A 19 ? A 4  ? 
1 A U 19 1_555 A A 4  5_555  A G 20 1_555 A U 3  5_555  -0.156 -1.713 3.086 -2.658 10.103 20.526 -7.237 -0.382 2.031 26.268 6.912  
23.006 19 AA_U19G20:U3A4_AA   A 19 ? A 4  ? A 20 ? A 3  ? 
1 A G 20 1_555 A U 3  5_555  A C 21 1_555 A G 2  5_555  -0.212 -0.822 3.082 -3.558 4.060  43.500 -1.463 -0.032 3.005 5.453  4.779  
43.818 20 AA_G20C21:G2U3_AA   A 20 ? A 3  ? A 21 ? A 2  ? 
1 A C 21 1_555 A G 2  5_555  A C 22 1_555 A G 1  5_555  0.399  -1.944 3.387 0.130  2.969  31.534 -4.115 -0.708 3.197 5.449  -0.239 
31.670 21 AA_C21C22:G1G2_AA   A 21 ? A 2  ? A 22 ? A 1  ? 
1 B G 1  1_555 B C 22 12_555 B G 2  1_555 B C 21 12_555 -0.111 -1.841 3.297 0.803  2.634  29.505 -4.146 0.384  3.120 5.158  -1.572 
29.630 22 BB_G1G2:C21C22_BB   B 1  ? B 22 ? B 2  ? B 21 ? 
1 B G 2  1_555 B C 21 12_555 B U 3  1_555 B G 20 12_555 0.363  -1.106 3.322 2.492  10.161 50.955 -1.936 -0.249 3.077 11.670 -2.862 
51.948 23 BB_G2U3:G20C21_BB   B 2  ? B 21 ? B 3  ? B 20 ? 
1 B U 3  1_555 B G 20 12_555 B A 4  1_555 B U 19 12_555 -0.716 -2.027 2.649 0.735  9.546  16.111 -9.472 2.449  1.227 30.772 -2.369 
18.725 24 BB_U3A4:U19G20_BB   B 3  ? B 20 ? B 4  ? B 19 ? 
1 B A 4  1_555 B U 19 12_555 B G 5  1_555 B U 18 12_555 0.701  -1.987 2.979 1.273  12.824 20.954 -7.638 -1.352 1.557 31.688 -3.146 
24.562 25 BB_A4G5:U18U19_BB   B 4  ? B 19 ? B 5  ? B 18 ? 
1 B G 5  1_555 B U 18 12_555 B A 6  1_555 B U 17 12_555 -0.454 -1.381 3.270 -3.982 8.275  39.354 -2.900 0.226  2.962 12.088 5.817  
40.370 26 BB_G5A6:U17U18_BB   B 5  ? B 18 ? B 6  ? B 17 ? 
1 B A 6  1_555 B U 17 12_555 B C 7  1_555 B G 16 12_555 -0.146 -1.750 3.121 0.218  -1.705 34.655 -2.682 0.277  3.200 -2.860 -0.365 
34.696 27 BB_A6C7:G16U17_BB   B 6  ? B 17 ? B 7  ? B 16 ? 
1 B C 7  1_555 B G 16 12_555 B G 8  1_555 B C 15 12_555 -0.824 -1.972 3.737 3.038  13.630 29.907 -5.818 1.974  2.529 24.782 -5.524 
32.939 28 BB_C7G8:C15G16_BB   B 7  ? B 16 ? B 8  ? B 15 ? 
1 B G 8  1_555 B C 15 12_555 B C 9  1_555 B G 14 12_555 0.357  -1.366 2.822 -3.700 1.269  29.306 -2.906 -1.364 2.697 2.495  7.272  
29.560 29 BB_G8C9:G14C15_BB   B 8  ? B 15 ? B 9  ? B 14 ? 
1 B C 9  1_555 B G 14 12_555 B U 10 1_555 B G 13 12_555 0.495  -1.651 3.250 2.182  4.697  36.037 -3.275 -0.499 3.041 7.544  -3.505 
36.395 30 BB_C9U10:G13G14_BB  B 9  ? B 14 ? B 10 ? B 13 ? 
1 B U 10 1_555 B G 13 12_555 B U 11 1_555 B C 12 12_555 -3.316 -2.172 3.662 2.736  18.100 17.404 -9.120 8.225  0.634 46.275 -6.996 
25.207 31 BB_U10U11:C12G13_BB B 10 ? B 13 ? B 11 ? B 12 ? 
1 B U 11 1_555 B C 12 12_555 B C 12 1_555 B U 11 12_555 0.000  -1.522 2.984 0.000  2.919  50.363 -1.973 0.000  2.897 3.427  0.000  
50.442 32 BB_U11C12:U11C12_BB B 11 ? B 12 ? B 12 ? B 11 ? 
1 B C 12 1_555 B U 11 12_555 B G 13 1_555 B U 10 12_555 3.316  -2.172 3.662 -2.736 18.100 17.404 -9.120 -8.225 0.634 46.275 6.996  
25.207 33 BB_C12G13:U10U11_BB B 12 ? B 11 ? B 13 ? B 10 ? 
1 B G 13 1_555 B U 10 12_555 B G 14 1_555 B C 9  12_555 -0.495 -1.651 3.250 -2.182 4.697  36.037 -3.275 0.499  3.041 7.544  3.505  
36.395 34 BB_G13G14:C9U10_BB  B 13 ? B 10 ? B 14 ? B 9  ? 
1 B G 14 1_555 B C 9  12_555 B C 15 1_555 B G 8  12_555 -0.357 -1.366 2.822 3.700  1.269  29.306 -2.906 1.364  2.697 2.495  -7.272 
29.560 35 BB_G14C15:G8C9_BB   B 14 ? B 9  ? B 15 ? B 8  ? 
1 B C 15 1_555 B G 8  12_555 B G 16 1_555 B C 7  12_555 0.824  -1.972 3.737 -3.038 13.630 29.907 -5.818 -1.974 2.529 24.782 5.524  
32.939 36 BB_C15G16:C7G8_BB   B 15 ? B 8  ? B 16 ? B 7  ? 
1 B G 16 1_555 B C 7  12_555 B U 17 1_555 B A 6  12_555 0.146  -1.750 3.121 -0.218 -1.705 34.655 -2.682 -0.277 3.200 -2.860 0.365  
34.696 37 BB_G16U17:A6C7_BB   B 16 ? B 7  ? B 17 ? B 6  ? 
1 B U 17 1_555 B A 6  12_555 B U 18 1_555 B G 5  12_555 0.454  -1.381 3.270 3.982  8.275  39.354 -2.900 -0.226 2.962 12.088 -5.817 
40.370 38 BB_U17U18:G5A6_BB   B 17 ? B 6  ? B 18 ? B 5  ? 
1 B U 18 1_555 B G 5  12_555 B U 19 1_555 B A 4  12_555 -0.701 -1.987 2.979 -1.273 12.824 20.954 -7.638 1.352  1.557 31.688 3.146  
24.562 39 BB_U18U19:A4G5_BB   B 18 ? B 5  ? B 19 ? B 4  ? 
1 B U 19 1_555 B A 4  12_555 B G 20 1_555 B U 3  12_555 0.716  -2.027 2.649 -0.735 9.546  16.111 -9.472 -2.449 1.227 30.772 2.369  
18.725 40 BB_U19G20:U3A4_BB   B 19 ? B 4  ? B 20 ? B 3  ? 
1 B G 20 1_555 B U 3  12_555 B C 21 1_555 B G 2  12_555 -0.363 -1.106 3.322 -2.492 10.161 50.955 -1.936 0.249  3.077 11.670 2.862  
51.948 41 BB_G20C21:G2U3_BB   B 20 ? B 3  ? B 21 ? B 2  ? 
1 B C 21 1_555 B G 2  12_555 B C 22 1_555 B G 1  12_555 0.111  -1.841 3.297 -0.803 2.634  29.505 -4.146 -0.384 3.120 5.158  1.572  
29.630 42 BB_C21C22:G1G2_BB   B 21 ? B 2  ? B 22 ? B 1  ? 
# 
_pdbx_audit_support.funding_organization   'Other private' 
_pdbx_audit_support.country                'Korea, Republic Of' 
_pdbx_audit_support.grant_number           KDDF-201706-06 
_pdbx_audit_support.ordinal                1 
# 
_pdbx_initial_refinement_model.id               1 
_pdbx_initial_refinement_model.entity_id_list   ? 
_pdbx_initial_refinement_model.type             'experimental model' 
_pdbx_initial_refinement_model.source_name      PDB 
_pdbx_initial_refinement_model.accession_code   455D 
_pdbx_initial_refinement_model.details          ? 
# 
loop_
_pdbx_struct_assembly_auth_evidence.id 
_pdbx_struct_assembly_auth_evidence.assembly_id 
_pdbx_struct_assembly_auth_evidence.experimental_support 
_pdbx_struct_assembly_auth_evidence.details 
1 1 none ? 
2 2 none ? 
# 
_space_group.name_H-M_alt     'R 3 2 :H' 
_space_group.name_Hall        
;R 3 2"
;
_space_group.IT_number        155 
_space_group.crystal_system   trigonal 
_space_group.id               1 
# 
